data_2FON
#
_entry.id   2FON
#
_cell.length_a   120.200
_cell.length_b   240.330
_cell.length_c   89.300
_cell.angle_alpha   90.00
_cell.angle_beta   90.00
_cell.angle_gamma   90.00
#
_symmetry.space_group_name_H-M   'P 21 21 2'
#
loop_
_entity.id
_entity.type
_entity.pdbx_description
1 polymer 'peroxisomal acyl-CoA oxidase 1A'
2 non-polymer 'FLAVIN-ADENINE DINUCLEOTIDE'
3 water water
#
_entity_poly.entity_id   1
_entity_poly.type   'polypeptide(L)'
_entity_poly.pdbx_seq_one_letter_code
;MRGSHHHHHHGSACELVREMEGVDYLADERKKAGFDVDEMKIVWAGSRHDFELTDRISKLVASDPGFSKEGRTMLPRKEL
FKNTLRKAAYAWKRIIELRLSQEEATMLRRYVDEPAFTDLHWGMFIPAIKGQGTDKQQEKWLPLAYKMQIIGCYAQTELG
HGSNVQGLETTATFDPQTDEFVIHSPTLTSSKWWPGGLGKVSTHAVVYARLITDGKDYGVNGFIVQLRSLEDHKPLPGVT
VGDIGMKFGNGAYNSMDNGVLSFDHVRIPRDQMLMRVSQVTKEGKYVQSDIPRQLLYGTMVYVRQSIVADASLAMSRAVC
IATRYSAVRRQFGSQNGGQETQVIDYKTQQNRLFPLLASAYAFRFVGEWLKWLYTDVTQRLAANDFSTLPEAHACTAGLK
SLTTSATADGIEECRKLCGGHGYLCSSGLPELFAVYVPACTYEGDNVVLQLQVARFLMKTISQLGTGKKPVGTVSYMGRI
EHLMQCRSDVKQAEDWLKPSAVLEAFEARSARMSVACAKNLSKFENQEEGFAELAADLVEAAVAHCQLIVVSKYIEKLQQ
NIPGKGVKQQLEVLCGIYSLFILHKHQGDFLGTGYITSKQGSLANDQLRALYSQLRPNAVSLVDAFNYTDHYLGSILGRY
DGNVYPKLYEAAWKDPLNKSDIADGFHEYIRPLLKQQLRTAKL
;
_entity_poly.pdbx_strand_id   A,B,C
#
loop_
_chem_comp.id
_chem_comp.type
_chem_comp.name
_chem_comp.formula
FAD non-polymer 'FLAVIN-ADENINE DINUCLEOTIDE' 'C27 H33 N9 O15 P2'
#
# COMPACT_ATOMS: atom_id res chain seq x y z
N GLY A 22 -31.93 -18.39 23.43
CA GLY A 22 -32.16 -17.85 22.05
C GLY A 22 -32.32 -16.32 22.09
N VAL A 23 -31.49 -15.68 22.91
CA VAL A 23 -31.57 -14.24 23.13
C VAL A 23 -30.27 -13.52 22.80
N ASP A 24 -30.41 -12.46 22.02
CA ASP A 24 -29.30 -11.67 21.55
C ASP A 24 -29.04 -10.48 22.46
N TYR A 25 -28.08 -10.60 23.35
CA TYR A 25 -27.72 -9.47 24.23
C TYR A 25 -27.18 -8.20 23.52
N LEU A 26 -26.94 -8.31 22.22
CA LEU A 26 -26.43 -7.18 21.48
C LEU A 26 -27.47 -6.51 20.53
N ALA A 27 -28.72 -6.98 20.56
CA ALA A 27 -29.76 -6.35 19.75
C ALA A 27 -29.80 -4.79 19.92
N ASP A 28 -29.86 -4.25 21.14
CA ASP A 28 -29.85 -2.76 21.30
C ASP A 28 -28.73 -2.05 20.55
N GLU A 29 -27.57 -2.70 20.40
CA GLU A 29 -26.45 -2.13 19.62
C GLU A 29 -26.67 -2.31 18.14
N ARG A 30 -27.21 -3.46 17.73
CA ARG A 30 -27.52 -3.70 16.33
C ARG A 30 -28.53 -2.63 15.85
N LYS A 31 -29.71 -2.58 16.44
CA LYS A 31 -30.66 -1.51 16.16
C LYS A 31 -30.13 -0.08 16.09
N LYS A 32 -28.93 0.24 16.58
CA LYS A 32 -28.46 1.63 16.52
C LYS A 32 -27.78 1.96 15.20
N ALA A 33 -27.73 0.98 14.30
CA ALA A 33 -27.00 1.14 13.03
C ALA A 33 -27.64 2.27 12.16
N GLY A 34 -26.79 3.11 11.60
CA GLY A 34 -27.26 4.08 10.66
C GLY A 34 -26.94 3.70 9.24
N PHE A 35 -26.91 2.41 8.89
CA PHE A 35 -26.53 1.99 7.52
C PHE A 35 -27.03 0.60 7.20
N ASP A 36 -26.94 0.20 5.95
CA ASP A 36 -27.39 -1.10 5.49
C ASP A 36 -26.27 -2.17 5.69
N VAL A 37 -26.38 -2.97 6.73
CA VAL A 37 -25.40 -3.98 7.00
C VAL A 37 -25.18 -4.96 5.82
N ASP A 38 -26.26 -5.53 5.26
CA ASP A 38 -26.14 -6.39 4.02
C ASP A 38 -25.28 -5.83 2.88
N GLU A 39 -25.43 -4.54 2.60
CA GLU A 39 -24.62 -3.91 1.60
C GLU A 39 -23.19 -3.61 2.10
N MET A 40 -23.01 -3.43 3.42
CA MET A 40 -21.61 -3.28 3.97
C MET A 40 -20.83 -4.61 3.93
N LYS A 41 -21.55 -5.71 4.16
CA LYS A 41 -21.09 -7.04 3.89
C LYS A 41 -20.54 -7.17 2.49
N ILE A 42 -21.33 -6.78 1.50
CA ILE A 42 -20.92 -6.84 0.13
C ILE A 42 -19.61 -6.07 0.00
N VAL A 43 -19.60 -4.82 0.39
CA VAL A 43 -18.35 -4.03 0.32
C VAL A 43 -17.13 -4.77 0.91
N TRP A 44 -17.25 -5.20 2.15
CA TRP A 44 -16.20 -5.94 2.79
C TRP A 44 -15.70 -7.14 1.95
N ALA A 45 -16.61 -8.03 1.56
CA ALA A 45 -16.22 -9.15 0.75
C ALA A 45 -15.62 -8.73 -0.54
N GLY A 46 -16.10 -7.66 -1.16
CA GLY A 46 -15.50 -7.16 -2.43
C GLY A 46 -16.35 -7.16 -3.71
N SER A 47 -17.54 -7.78 -3.66
CA SER A 47 -18.44 -7.94 -4.82
C SER A 47 -19.49 -8.98 -4.38
N ARG A 48 -20.67 -9.04 -5.03
CA ARG A 48 -21.68 -10.07 -4.67
C ARG A 48 -21.18 -11.49 -4.95
N HIS A 49 -20.24 -11.57 -5.86
CA HIS A 49 -19.80 -12.87 -6.22
C HIS A 49 -18.89 -13.34 -5.08
N ASP A 50 -17.86 -12.54 -4.78
CA ASP A 50 -17.00 -12.72 -3.60
C ASP A 50 -17.83 -13.03 -2.36
N PHE A 51 -18.85 -12.22 -2.09
CA PHE A 51 -19.67 -12.42 -0.92
C PHE A 51 -20.43 -13.73 -0.92
N GLU A 52 -21.23 -14.00 -1.97
CA GLU A 52 -21.97 -15.24 -2.06
C GLU A 52 -21.02 -16.42 -1.89
N LEU A 53 -19.78 -16.25 -2.32
CA LEU A 53 -18.85 -17.33 -2.23
C LEU A 53 -18.27 -17.53 -0.82
N THR A 54 -17.89 -16.45 -0.17
CA THR A 54 -17.39 -16.57 1.21
C THR A 54 -18.50 -17.15 2.10
N ASP A 55 -19.70 -16.58 1.98
CA ASP A 55 -20.79 -16.95 2.85
C ASP A 55 -21.12 -18.43 2.72
N ARG A 56 -21.26 -18.96 1.50
CA ARG A 56 -21.63 -20.34 1.35
C ARG A 56 -20.54 -21.33 1.85
N ILE A 57 -19.26 -21.00 1.67
CA ILE A 57 -18.21 -21.95 2.03
C ILE A 57 -17.98 -21.94 3.55
N SER A 58 -18.07 -20.76 4.14
CA SER A 58 -17.98 -20.65 5.59
C SER A 58 -19.10 -21.33 6.37
N LYS A 59 -20.37 -21.21 5.95
CA LYS A 59 -21.41 -21.95 6.68
C LYS A 59 -21.22 -23.46 6.50
N LEU A 60 -20.67 -23.77 5.37
CA LEU A 60 -20.43 -25.12 5.05
C LEU A 60 -19.48 -25.73 6.11
N VAL A 61 -18.23 -25.27 6.13
CA VAL A 61 -17.24 -25.56 7.18
C VAL A 61 -17.84 -25.49 8.61
N ALA A 62 -18.41 -24.34 8.95
CA ALA A 62 -18.92 -24.11 10.29
C ALA A 62 -19.96 -25.13 10.72
N SER A 63 -20.70 -25.69 9.81
CA SER A 63 -21.78 -26.51 10.31
C SER A 63 -21.55 -28.00 10.05
N ASP A 64 -20.32 -28.46 10.17
CA ASP A 64 -19.90 -29.81 9.83
C ASP A 64 -19.05 -30.37 10.99
N PRO A 65 -19.56 -31.40 11.66
CA PRO A 65 -18.86 -31.77 12.91
C PRO A 65 -17.43 -32.09 12.66
N GLY A 66 -17.08 -32.48 11.44
CA GLY A 66 -15.72 -32.92 11.23
C GLY A 66 -14.74 -31.76 11.17
N PHE A 67 -15.18 -30.52 11.26
CA PHE A 67 -14.28 -29.40 11.24
C PHE A 67 -14.37 -28.72 12.58
N SER A 68 -14.98 -29.35 13.55
CA SER A 68 -15.04 -28.74 14.84
C SER A 68 -13.60 -28.39 15.31
N LYS A 69 -13.50 -27.29 16.07
CA LYS A 69 -12.22 -26.94 16.73
C LYS A 69 -12.30 -27.16 18.26
N GLU A 70 -13.35 -27.86 18.71
CA GLU A 70 -13.48 -28.05 20.16
C GLU A 70 -12.27 -28.82 20.59
N GLY A 71 -11.67 -28.35 21.67
CA GLY A 71 -10.66 -29.07 22.36
C GLY A 71 -9.27 -28.97 21.80
N ARG A 72 -9.10 -28.35 20.64
CA ARG A 72 -7.80 -28.28 19.95
C ARG A 72 -6.67 -27.83 20.86
N THR A 73 -6.58 -26.55 21.01
CA THR A 73 -5.87 -25.91 22.11
C THR A 73 -5.39 -26.72 23.35
N MET A 74 -6.16 -27.70 23.83
CA MET A 74 -5.67 -28.59 24.89
C MET A 74 -5.01 -29.92 24.42
N LEU A 75 -4.95 -30.17 23.12
CA LEU A 75 -4.50 -31.47 22.66
C LEU A 75 -2.98 -31.61 22.92
N PRO A 76 -2.48 -32.78 23.36
CA PRO A 76 -1.00 -32.80 23.25
C PRO A 76 -0.56 -32.80 21.79
N ARG A 77 0.71 -32.55 21.51
CA ARG A 77 1.11 -32.33 20.15
C ARG A 77 0.96 -33.50 19.21
N LYS A 78 1.26 -34.72 19.67
CA LYS A 78 1.05 -35.94 18.87
C LYS A 78 -0.37 -35.97 18.33
N GLU A 79 -1.33 -35.76 19.24
CA GLU A 79 -2.76 -35.82 18.92
C GLU A 79 -3.23 -34.63 18.08
N LEU A 80 -2.73 -33.43 18.38
CA LEU A 80 -3.06 -32.28 17.56
C LEU A 80 -2.65 -32.55 16.08
N PHE A 81 -1.44 -33.09 15.90
CA PHE A 81 -0.95 -33.37 14.58
C PHE A 81 -1.79 -34.40 13.80
N LYS A 82 -2.13 -35.49 14.49
CA LYS A 82 -2.99 -36.54 14.00
C LYS A 82 -4.33 -35.96 13.47
N ASN A 83 -4.90 -35.09 14.31
CA ASN A 83 -6.17 -34.53 14.09
C ASN A 83 -6.01 -33.54 12.93
N THR A 84 -4.87 -32.86 12.84
CA THR A 84 -4.62 -32.04 11.61
C THR A 84 -4.66 -32.87 10.34
N LEU A 85 -3.91 -33.97 10.32
CA LEU A 85 -3.82 -34.81 9.18
C LEU A 85 -5.23 -35.28 8.76
N ARG A 86 -6.06 -35.65 9.74
CA ARG A 86 -7.41 -36.09 9.41
C ARG A 86 -8.26 -34.97 8.84
N LYS A 87 -8.26 -33.77 9.43
CA LYS A 87 -9.00 -32.61 8.87
C LYS A 87 -8.64 -32.30 7.42
N ALA A 88 -7.33 -32.21 7.19
CA ALA A 88 -6.73 -32.07 5.87
C ALA A 88 -7.32 -33.06 4.85
N ALA A 89 -7.23 -34.35 5.18
CA ALA A 89 -7.79 -35.37 4.34
C ALA A 89 -9.30 -35.21 4.19
N TYR A 90 -9.98 -34.84 5.27
CA TYR A 90 -11.43 -34.69 5.17
C TYR A 90 -11.70 -33.45 4.26
N ALA A 91 -10.89 -32.40 4.43
CA ALA A 91 -11.03 -31.26 3.56
C ALA A 91 -10.88 -31.58 2.07
N TRP A 92 -9.92 -32.41 1.75
CA TRP A 92 -9.67 -32.78 0.38
C TRP A 92 -10.84 -33.58 -0.11
N LYS A 93 -11.26 -34.56 0.66
CA LYS A 93 -12.50 -35.25 0.32
C LYS A 93 -13.72 -34.29 0.03
N ARG A 94 -13.96 -33.24 0.78
CA ARG A 94 -15.10 -32.42 0.35
C ARG A 94 -14.82 -31.55 -0.91
N ILE A 95 -13.63 -30.89 -1.00
CA ILE A 95 -13.21 -30.17 -2.23
C ILE A 95 -13.51 -30.99 -3.51
N ILE A 96 -13.26 -32.29 -3.40
CA ILE A 96 -13.45 -33.24 -4.42
C ILE A 96 -14.91 -33.57 -4.48
N GLU A 97 -15.54 -33.93 -3.38
CA GLU A 97 -16.94 -34.40 -3.54
C GLU A 97 -17.87 -33.32 -4.00
N LEU A 98 -17.57 -32.08 -3.67
CA LEU A 98 -18.40 -31.00 -4.02
C LEU A 98 -17.94 -30.32 -5.29
N ARG A 99 -17.02 -30.95 -6.01
CA ARG A 99 -16.50 -30.36 -7.26
C ARG A 99 -16.09 -28.90 -7.02
N LEU A 100 -15.39 -28.62 -5.95
CA LEU A 100 -15.05 -27.25 -5.67
C LEU A 100 -13.94 -26.81 -6.60
N SER A 101 -13.99 -25.57 -7.05
CA SER A 101 -12.86 -25.00 -7.75
C SER A 101 -11.70 -24.59 -6.82
N GLN A 102 -10.62 -24.13 -7.45
CA GLN A 102 -9.40 -23.65 -6.79
C GLN A 102 -9.65 -22.57 -5.78
N GLU A 103 -10.45 -21.61 -6.21
CA GLU A 103 -10.75 -20.42 -5.43
C GLU A 103 -11.63 -20.85 -4.25
N GLU A 104 -12.58 -21.74 -4.51
CA GLU A 104 -13.42 -22.21 -3.41
C GLU A 104 -12.63 -23.11 -2.41
N ALA A 105 -11.73 -23.91 -2.94
CA ALA A 105 -10.86 -24.72 -2.14
C ALA A 105 -9.97 -23.87 -1.27
N THR A 106 -9.48 -22.73 -1.77
CA THR A 106 -8.63 -21.90 -0.92
C THR A 106 -9.53 -21.41 0.21
N MET A 107 -10.73 -21.02 -0.17
CA MET A 107 -11.70 -20.52 0.77
C MET A 107 -11.90 -21.59 1.85
N LEU A 108 -12.19 -22.82 1.43
CA LEU A 108 -12.49 -23.89 2.37
C LEU A 108 -11.37 -24.06 3.38
N ARG A 109 -10.14 -24.15 2.89
CA ARG A 109 -8.99 -24.23 3.77
C ARG A 109 -8.84 -23.08 4.72
N ARG A 110 -9.32 -21.89 4.37
CA ARG A 110 -9.25 -20.69 5.28
C ARG A 110 -10.20 -20.82 6.43
N TYR A 111 -11.39 -21.34 6.16
CA TYR A 111 -12.40 -21.48 7.18
C TYR A 111 -12.24 -22.74 8.06
N VAL A 112 -11.38 -23.66 7.63
CA VAL A 112 -10.97 -24.75 8.53
C VAL A 112 -10.05 -24.22 9.68
N ASP A 113 -9.24 -23.21 9.36
CA ASP A 113 -8.65 -22.32 10.37
C ASP A 113 -7.73 -23.05 11.24
N GLU A 114 -6.62 -23.47 10.65
CA GLU A 114 -5.77 -24.48 11.20
C GLU A 114 -4.57 -24.54 10.28
N PRO A 115 -3.45 -23.97 10.69
CA PRO A 115 -2.25 -24.03 9.85
C PRO A 115 -1.88 -25.50 9.60
N ALA A 116 -1.61 -25.81 8.33
CA ALA A 116 -1.34 -27.18 7.97
C ALA A 116 -0.48 -27.19 6.75
N PHE A 117 0.10 -28.34 6.45
CA PHE A 117 0.92 -28.49 5.26
C PHE A 117 0.14 -28.10 3.99
N THR A 118 -1.15 -28.41 3.92
CA THR A 118 -1.84 -28.16 2.66
C THR A 118 -1.61 -26.69 2.24
N ASP A 119 -1.30 -25.86 3.22
CA ASP A 119 -1.14 -24.45 2.91
C ASP A 119 0.19 -24.12 2.19
N LEU A 120 1.21 -24.96 2.33
CA LEU A 120 2.43 -24.74 1.57
C LEU A 120 2.40 -25.45 0.25
N HIS A 121 1.75 -26.59 0.24
CA HIS A 121 1.60 -27.30 -0.99
C HIS A 121 0.81 -26.45 -1.97
N TRP A 122 -0.33 -25.93 -1.56
CA TRP A 122 -1.09 -25.07 -2.44
C TRP A 122 -0.48 -23.67 -2.54
N GLY A 123 0.18 -23.23 -1.48
CA GLY A 123 0.50 -21.85 -1.44
C GLY A 123 1.85 -21.53 -1.96
N MET A 124 2.71 -22.54 -2.14
CA MET A 124 4.11 -22.21 -2.36
C MET A 124 4.86 -23.20 -3.22
N PHE A 125 4.55 -24.47 -3.05
CA PHE A 125 5.12 -25.54 -3.86
C PHE A 125 4.50 -25.49 -5.29
N ILE A 126 3.18 -25.52 -5.40
CA ILE A 126 2.62 -25.43 -6.71
C ILE A 126 3.03 -24.13 -7.44
N PRO A 127 2.81 -22.96 -6.82
CA PRO A 127 3.19 -21.74 -7.47
C PRO A 127 4.68 -21.66 -7.79
N ALA A 128 5.55 -22.39 -7.11
CA ALA A 128 7.01 -22.26 -7.49
C ALA A 128 7.38 -23.02 -8.78
N ILE A 129 7.02 -24.31 -8.82
CA ILE A 129 7.06 -25.10 -10.06
C ILE A 129 6.42 -24.32 -11.23
N LYS A 130 5.13 -24.07 -11.12
CA LYS A 130 4.40 -23.17 -12.01
C LYS A 130 5.24 -22.01 -12.50
N GLY A 131 5.75 -21.23 -11.54
CA GLY A 131 6.54 -20.07 -11.81
C GLY A 131 7.87 -20.46 -12.38
N GLN A 132 8.68 -21.23 -11.67
CA GLN A 132 10.06 -21.36 -12.10
C GLN A 132 10.38 -22.52 -13.03
N GLY A 133 9.40 -23.35 -13.36
CA GLY A 133 9.64 -24.52 -14.23
C GLY A 133 9.32 -24.30 -15.70
N THR A 134 10.02 -25.04 -16.57
CA THR A 134 9.70 -25.08 -17.97
C THR A 134 8.31 -25.64 -18.12
N ASP A 135 7.68 -25.43 -19.29
CA ASP A 135 6.35 -26.04 -19.57
C ASP A 135 6.42 -27.56 -19.47
N LYS A 136 7.51 -28.15 -19.98
CA LYS A 136 7.70 -29.60 -19.95
C LYS A 136 7.62 -30.12 -18.51
N GLN A 137 8.28 -29.41 -17.59
CA GLN A 137 8.28 -29.73 -16.14
C GLN A 137 6.92 -29.53 -15.44
N GLN A 138 6.30 -28.37 -15.62
CA GLN A 138 4.94 -28.21 -15.07
C GLN A 138 3.96 -29.31 -15.59
N GLU A 139 4.23 -29.87 -16.78
CA GLU A 139 3.40 -30.96 -17.29
C GLU A 139 3.57 -32.31 -16.56
N LYS A 140 4.75 -32.62 -16.04
CA LYS A 140 4.85 -33.84 -15.25
C LYS A 140 4.65 -33.59 -13.74
N TRP A 141 4.91 -32.39 -13.26
CA TRP A 141 4.70 -32.25 -11.83
C TRP A 141 3.29 -31.75 -11.44
N LEU A 142 2.79 -30.72 -12.10
CA LEU A 142 1.59 -30.09 -11.61
C LEU A 142 0.41 -31.07 -11.56
N PRO A 143 0.18 -31.87 -12.64
CA PRO A 143 -0.89 -32.86 -12.48
C PRO A 143 -0.67 -33.72 -11.23
N LEU A 144 0.57 -34.18 -11.01
CA LEU A 144 0.87 -34.99 -9.85
C LEU A 144 0.45 -34.28 -8.55
N ALA A 145 0.78 -32.98 -8.42
CA ALA A 145 0.53 -32.16 -7.21
C ALA A 145 -0.91 -31.70 -7.09
N TYR A 146 -1.56 -31.55 -8.23
CA TYR A 146 -2.95 -31.10 -8.34
C TYR A 146 -3.93 -32.11 -7.81
N LYS A 147 -3.61 -33.38 -7.96
CA LYS A 147 -4.41 -34.47 -7.40
C LYS A 147 -3.79 -34.95 -6.08
N MET A 148 -2.84 -34.17 -5.57
CA MET A 148 -2.12 -34.51 -4.36
C MET A 148 -1.59 -35.93 -4.38
N GLN A 149 -0.98 -36.27 -5.50
CA GLN A 149 -0.27 -37.53 -5.64
C GLN A 149 1.16 -37.38 -5.12
N ILE A 150 1.56 -36.13 -4.87
CA ILE A 150 2.74 -35.81 -4.12
C ILE A 150 2.39 -34.68 -3.17
N ILE A 151 3.26 -34.45 -2.18
CA ILE A 151 2.98 -33.45 -1.18
C ILE A 151 4.25 -32.65 -0.98
N GLY A 152 4.19 -31.41 -1.46
CA GLY A 152 5.37 -30.63 -1.60
C GLY A 152 5.38 -29.52 -0.60
N CYS A 153 6.57 -29.12 -0.22
CA CYS A 153 6.73 -27.94 0.53
C CYS A 153 7.84 -27.11 -0.14
N TYR A 154 8.10 -25.94 0.40
CA TYR A 154 9.05 -25.00 -0.20
C TYR A 154 10.21 -24.71 0.76
N ALA A 155 11.38 -25.26 0.47
CA ALA A 155 12.51 -25.29 1.41
C ALA A 155 13.58 -24.29 1.02
N GLN A 156 13.47 -23.07 1.49
CA GLN A 156 14.44 -22.03 1.18
C GLN A 156 15.31 -21.76 2.39
N THR A 157 14.72 -21.16 3.42
CA THR A 157 15.39 -20.86 4.72
C THR A 157 16.28 -21.94 5.37
N GLU A 158 17.39 -21.50 5.96
CA GLU A 158 18.35 -22.37 6.60
C GLU A 158 18.54 -21.97 8.04
N LEU A 159 19.23 -22.75 8.87
CA LEU A 159 19.50 -22.28 10.23
C LEU A 159 20.09 -20.91 10.23
N GLY A 160 21.00 -20.65 9.30
CA GLY A 160 21.82 -19.47 9.37
C GLY A 160 21.42 -18.40 8.36
N HIS A 161 20.44 -18.70 7.49
CA HIS A 161 20.05 -17.71 6.51
C HIS A 161 18.59 -17.64 6.22
N GLY A 162 17.98 -16.50 6.54
CA GLY A 162 16.55 -16.29 6.36
C GLY A 162 16.39 -15.15 5.38
N SER A 163 16.68 -13.93 5.82
CA SER A 163 16.43 -12.82 4.98
C SER A 163 17.41 -12.91 3.86
N ASN A 164 18.67 -13.20 4.17
CA ASN A 164 19.68 -13.17 3.15
C ASN A 164 19.74 -14.40 2.21
N VAL A 165 18.75 -14.47 1.31
CA VAL A 165 18.73 -15.55 0.34
C VAL A 165 20.03 -15.72 -0.45
N GLN A 166 20.71 -14.67 -0.88
CA GLN A 166 22.00 -14.92 -1.61
C GLN A 166 23.11 -15.69 -0.83
N GLY A 167 22.98 -15.78 0.50
CA GLY A 167 23.94 -16.54 1.34
C GLY A 167 23.53 -17.91 1.92
N LEU A 168 22.49 -18.53 1.38
CA LEU A 168 22.26 -19.93 1.74
C LEU A 168 23.49 -20.76 1.38
N GLU A 169 23.74 -21.77 2.20
CA GLU A 169 24.92 -22.56 2.04
C GLU A 169 24.68 -23.85 1.30
N THR A 170 23.44 -24.34 1.26
CA THR A 170 23.11 -25.60 0.58
C THR A 170 23.57 -25.52 -0.85
N THR A 171 24.31 -26.55 -1.30
CA THR A 171 24.86 -26.49 -2.63
C THR A 171 24.31 -27.57 -3.51
N ALA A 172 24.42 -27.33 -4.82
CA ALA A 172 23.86 -28.18 -5.85
C ALA A 172 24.89 -28.33 -6.95
N THR A 173 25.65 -29.41 -6.89
CA THR A 173 26.74 -29.59 -7.83
C THR A 173 26.33 -30.51 -8.96
N PHE A 174 26.53 -30.06 -10.18
CA PHE A 174 26.28 -30.93 -11.30
C PHE A 174 27.43 -31.93 -11.45
N ASP A 175 27.05 -33.19 -11.69
CA ASP A 175 27.96 -34.25 -11.99
C ASP A 175 27.82 -34.55 -13.50
N PRO A 176 28.75 -34.06 -14.34
CA PRO A 176 28.66 -34.37 -15.76
C PRO A 176 28.78 -35.87 -15.96
N GLN A 177 29.56 -36.53 -15.09
CA GLN A 177 29.81 -37.96 -15.24
C GLN A 177 28.58 -38.80 -14.98
N THR A 178 27.44 -38.16 -14.67
CA THR A 178 26.27 -38.96 -14.34
C THR A 178 24.90 -38.34 -14.61
N ASP A 179 24.90 -37.18 -15.27
CA ASP A 179 23.67 -36.34 -15.48
C ASP A 179 22.78 -36.19 -14.22
N GLU A 180 23.38 -35.68 -13.14
CA GLU A 180 22.67 -35.44 -11.86
C GLU A 180 23.19 -34.19 -11.16
N PHE A 181 22.35 -33.50 -10.41
CA PHE A 181 22.91 -32.59 -9.42
C PHE A 181 22.96 -33.32 -8.11
N VAL A 182 23.98 -32.97 -7.34
CA VAL A 182 24.23 -33.52 -6.04
C VAL A 182 23.94 -32.39 -5.04
N ILE A 183 22.83 -32.52 -4.32
CA ILE A 183 22.42 -31.55 -3.31
C ILE A 183 23.02 -31.94 -1.96
N HIS A 184 23.82 -31.02 -1.42
CA HIS A 184 24.57 -31.30 -0.19
C HIS A 184 24.43 -30.19 0.83
N SER A 185 24.39 -30.59 2.11
CA SER A 185 24.33 -29.65 3.23
C SER A 185 25.70 -29.64 3.90
N PRO A 186 26.50 -28.65 3.55
CA PRO A 186 27.91 -28.74 3.99
C PRO A 186 28.03 -28.63 5.49
N THR A 187 27.17 -27.84 6.12
CA THR A 187 27.44 -27.49 7.51
C THR A 187 26.14 -27.62 8.25
N LEU A 188 26.17 -27.97 9.50
CA LEU A 188 25.03 -27.80 10.39
C LEU A 188 24.06 -26.63 10.10
N THR A 189 24.59 -25.42 9.95
CA THR A 189 23.75 -24.21 9.76
C THR A 189 23.23 -24.10 8.30
N SER A 190 23.70 -24.98 7.42
CA SER A 190 23.09 -25.04 6.10
C SER A 190 21.82 -25.80 6.16
N SER A 191 21.59 -26.57 7.23
CA SER A 191 20.31 -27.30 7.41
C SER A 191 19.09 -26.49 7.05
N LYS A 192 18.19 -27.04 6.24
CA LYS A 192 16.98 -26.31 5.94
C LYS A 192 16.15 -26.27 7.24
N TRP A 193 15.54 -25.14 7.56
CA TRP A 193 14.90 -24.97 8.86
C TRP A 193 13.73 -24.00 8.73
N TRP A 194 12.52 -24.40 9.15
CA TRP A 194 11.24 -23.60 9.05
C TRP A 194 10.18 -24.04 8.03
N PRO A 195 10.59 -24.55 6.85
CA PRO A 195 9.54 -24.79 5.86
C PRO A 195 8.44 -25.67 6.46
N GLY A 196 7.21 -25.21 6.45
CA GLY A 196 6.10 -26.06 6.91
C GLY A 196 5.66 -27.13 5.90
N GLY A 197 5.47 -28.35 6.39
CA GLY A 197 4.98 -29.45 5.59
C GLY A 197 6.19 -30.29 5.39
N LEU A 198 7.32 -29.83 5.92
CA LEU A 198 8.60 -30.45 5.60
C LEU A 198 8.90 -31.57 6.60
N GLY A 199 8.40 -31.37 7.82
CA GLY A 199 8.92 -32.03 8.97
C GLY A 199 8.39 -33.43 9.00
N LYS A 200 7.16 -33.61 8.57
CA LYS A 200 6.61 -34.95 8.60
C LYS A 200 5.83 -35.42 7.39
N VAL A 201 5.30 -34.47 6.63
CA VAL A 201 4.29 -34.82 5.62
C VAL A 201 4.75 -34.79 4.18
N SER A 202 5.51 -33.79 3.82
CA SER A 202 5.90 -33.64 2.46
C SER A 202 6.66 -34.82 1.98
N THR A 203 6.33 -35.28 0.76
CA THR A 203 7.14 -36.25 0.04
C THR A 203 8.19 -35.61 -0.86
N HIS A 204 8.00 -34.32 -1.21
CA HIS A 204 9.01 -33.60 -2.05
C HIS A 204 9.14 -32.17 -1.62
N ALA A 205 10.18 -31.52 -2.12
CA ALA A 205 10.35 -30.09 -1.85
C ALA A 205 10.91 -29.42 -3.08
N VAL A 206 10.66 -28.13 -3.21
CA VAL A 206 11.50 -27.29 -4.00
C VAL A 206 12.56 -26.89 -2.99
N VAL A 207 13.80 -27.31 -3.23
CA VAL A 207 14.92 -26.99 -2.33
C VAL A 207 15.70 -25.92 -3.05
N TYR A 208 15.89 -24.79 -2.37
CA TYR A 208 16.76 -23.76 -2.92
C TYR A 208 18.23 -24.04 -2.56
N ALA A 209 19.13 -23.95 -3.55
CA ALA A 209 20.56 -24.24 -3.31
C ALA A 209 21.47 -23.43 -4.23
N ARG A 210 22.74 -23.30 -3.90
CA ARG A 210 23.69 -22.63 -4.79
C ARG A 210 24.02 -23.63 -5.90
N LEU A 211 23.90 -23.18 -7.14
CA LEU A 211 24.16 -24.03 -8.27
C LEU A 211 25.66 -23.98 -8.48
N ILE A 212 26.34 -25.08 -8.22
CA ILE A 212 27.75 -25.22 -8.62
C ILE A 212 27.90 -26.09 -9.87
N THR A 213 28.26 -25.46 -10.99
CA THR A 213 28.44 -26.19 -12.22
C THR A 213 29.54 -25.56 -13.04
N ASP A 214 30.20 -26.38 -13.88
CA ASP A 214 31.30 -25.92 -14.76
C ASP A 214 32.42 -25.18 -13.98
N GLY A 215 32.56 -25.44 -12.68
CA GLY A 215 33.56 -24.75 -11.84
C GLY A 215 33.15 -23.36 -11.32
N LYS A 216 31.95 -22.92 -11.65
CA LYS A 216 31.51 -21.60 -11.25
C LYS A 216 30.23 -21.70 -10.44
N ASP A 217 30.02 -20.72 -9.58
CA ASP A 217 28.88 -20.64 -8.70
C ASP A 217 27.87 -19.67 -9.28
N TYR A 218 26.65 -20.12 -9.55
CA TYR A 218 25.71 -19.31 -10.32
C TYR A 218 24.54 -18.78 -9.48
N GLY A 219 24.71 -18.80 -8.16
CA GLY A 219 23.68 -18.35 -7.24
C GLY A 219 22.49 -19.28 -7.05
N VAL A 220 21.55 -18.85 -6.24
CA VAL A 220 20.41 -19.67 -5.85
C VAL A 220 19.49 -20.19 -7.00
N ASN A 221 18.96 -21.41 -6.85
CA ASN A 221 18.01 -21.96 -7.80
C ASN A 221 17.23 -23.03 -7.12
N GLY A 222 16.08 -23.36 -7.70
CA GLY A 222 15.22 -24.32 -7.07
C GLY A 222 15.31 -25.67 -7.73
N PHE A 223 15.24 -26.71 -6.92
CA PHE A 223 15.44 -28.06 -7.39
C PHE A 223 14.37 -29.00 -6.89
N ILE A 224 13.63 -29.67 -7.76
CA ILE A 224 12.64 -30.62 -7.24
C ILE A 224 13.29 -31.87 -6.65
N VAL A 225 13.10 -32.10 -5.36
CA VAL A 225 13.75 -33.20 -4.65
C VAL A 225 12.74 -34.04 -3.86
N GLN A 226 12.75 -35.34 -4.09
CA GLN A 226 11.86 -36.28 -3.41
C GLN A 226 12.42 -36.48 -2.04
N LEU A 227 11.61 -36.23 -1.01
CA LEU A 227 12.09 -36.37 0.39
C LEU A 227 11.87 -37.75 0.97
N ARG A 228 10.91 -38.48 0.43
CA ARG A 228 10.47 -39.64 1.11
C ARG A 228 9.91 -40.60 0.14
N SER A 229 10.27 -41.87 0.32
CA SER A 229 9.65 -42.97 -0.39
C SER A 229 8.10 -42.87 -0.50
N LEU A 230 7.60 -42.84 -1.73
CA LEU A 230 6.15 -42.89 -1.97
C LEU A 230 5.46 -44.16 -1.49
N GLU A 231 6.21 -45.23 -1.30
CA GLU A 231 5.56 -46.49 -0.97
C GLU A 231 5.37 -46.61 0.53
N ASP A 232 6.37 -46.15 1.29
CA ASP A 232 6.39 -46.33 2.74
C ASP A 232 6.73 -45.08 3.59
N HIS A 233 7.06 -43.95 2.94
CA HIS A 233 7.22 -42.63 3.61
C HIS A 233 8.52 -42.42 4.39
N LYS A 234 9.27 -43.49 4.56
CA LYS A 234 10.64 -43.43 5.06
C LYS A 234 11.53 -42.49 4.17
N PRO A 235 12.35 -41.64 4.81
CA PRO A 235 13.35 -40.82 4.09
C PRO A 235 14.27 -41.66 3.19
N LEU A 236 14.56 -41.11 2.01
CA LEU A 236 15.47 -41.69 1.03
C LEU A 236 16.91 -41.55 1.49
N PRO A 237 17.80 -42.45 1.04
CA PRO A 237 19.20 -42.48 1.51
C PRO A 237 19.73 -41.10 1.32
N GLY A 238 20.43 -40.59 2.34
CA GLY A 238 21.00 -39.23 2.36
C GLY A 238 20.13 -38.16 3.02
N VAL A 239 18.85 -38.41 3.20
CA VAL A 239 18.04 -37.32 3.57
C VAL A 239 17.84 -37.40 5.05
N THR A 240 17.83 -36.24 5.71
CA THR A 240 17.51 -36.14 7.13
C THR A 240 16.47 -35.05 7.38
N VAL A 241 15.27 -35.45 7.79
CA VAL A 241 14.15 -34.57 8.09
C VAL A 241 13.46 -34.80 9.43
N GLY A 242 12.96 -33.73 10.02
CA GLY A 242 12.03 -33.83 11.13
C GLY A 242 11.35 -32.52 11.39
N ASP A 243 10.71 -32.43 12.54
CA ASP A 243 10.09 -31.20 13.02
C ASP A 243 11.08 -30.44 13.89
N ILE A 244 10.94 -29.12 13.96
CA ILE A 244 11.88 -28.28 14.68
C ILE A 244 11.51 -28.04 16.11
N GLY A 245 10.25 -28.32 16.46
CA GLY A 245 9.87 -28.18 17.83
C GLY A 245 8.70 -27.28 17.94
N MET A 246 8.39 -26.94 19.19
CA MET A 246 7.21 -26.22 19.58
C MET A 246 7.36 -24.73 19.33
N LYS A 247 6.28 -24.10 18.90
CA LYS A 247 6.25 -22.68 18.61
C LYS A 247 5.30 -21.95 19.57
N PHE A 248 5.43 -20.62 19.62
CA PHE A 248 4.64 -19.73 20.45
C PHE A 248 3.19 -20.09 20.49
N GLY A 249 2.62 -20.39 21.62
CA GLY A 249 1.17 -20.39 21.72
C GLY A 249 0.61 -21.79 21.69
N ASN A 250 -0.52 -21.99 22.41
CA ASN A 250 -1.20 -23.27 22.49
C ASN A 250 -1.92 -23.55 21.15
N GLY A 251 -1.60 -24.63 20.47
CA GLY A 251 -2.28 -24.91 19.23
C GLY A 251 -1.61 -24.08 18.17
N ALA A 252 -2.28 -23.00 17.76
CA ALA A 252 -1.68 -22.11 16.77
C ALA A 252 -0.93 -22.89 15.67
N TYR A 253 0.35 -22.62 15.46
CA TYR A 253 1.09 -23.24 14.41
C TYR A 253 1.63 -24.59 14.76
N ASN A 254 1.36 -25.09 15.95
CA ASN A 254 1.91 -26.39 16.30
C ASN A 254 1.22 -27.56 15.62
N SER A 255 0.24 -27.21 14.81
CA SER A 255 -0.42 -28.18 14.00
C SER A 255 0.27 -28.24 12.67
N MET A 256 1.27 -27.41 12.46
CA MET A 256 2.13 -27.39 11.28
C MET A 256 3.51 -27.99 11.60
N ASP A 257 3.94 -28.92 10.77
CA ASP A 257 5.24 -29.49 10.94
C ASP A 257 6.34 -28.65 10.27
N ASN A 258 6.80 -27.58 10.92
CA ASN A 258 7.94 -26.92 10.34
C ASN A 258 9.21 -27.80 10.41
N GLY A 259 9.93 -27.89 9.31
CA GLY A 259 10.98 -28.83 9.29
C GLY A 259 12.43 -28.38 9.39
N VAL A 260 13.25 -29.39 9.63
CA VAL A 260 14.66 -29.33 9.41
C VAL A 260 15.01 -30.43 8.39
N LEU A 261 15.86 -30.10 7.44
CA LEU A 261 16.16 -31.06 6.43
C LEU A 261 17.63 -30.91 6.16
N SER A 262 18.35 -32.02 6.10
CA SER A 262 19.80 -31.98 5.84
C SER A 262 20.12 -33.05 4.82
N PHE A 263 21.14 -32.80 4.02
CA PHE A 263 21.40 -33.65 2.90
C PHE A 263 22.85 -34.15 2.97
N ASP A 264 23.08 -35.49 2.82
CA ASP A 264 24.45 -36.00 2.47
C ASP A 264 24.49 -36.34 0.98
N HIS A 265 24.89 -35.34 0.19
CA HIS A 265 25.05 -35.48 -1.26
C HIS A 265 23.89 -36.22 -1.90
N VAL A 266 22.66 -35.76 -1.76
CA VAL A 266 21.57 -36.56 -2.31
C VAL A 266 21.53 -36.38 -3.80
N ARG A 267 21.20 -37.45 -4.53
CA ARG A 267 21.29 -37.42 -5.97
C ARG A 267 19.93 -37.26 -6.63
N ILE A 268 19.92 -36.57 -7.78
CA ILE A 268 18.70 -35.95 -8.35
C ILE A 268 18.97 -35.74 -9.87
N PRO A 269 18.02 -36.12 -10.74
CA PRO A 269 18.26 -35.98 -12.17
C PRO A 269 18.35 -34.52 -12.61
N ARG A 270 19.04 -34.27 -13.71
CA ARG A 270 19.22 -32.92 -14.27
C ARG A 270 17.91 -32.15 -14.51
N ASP A 271 16.79 -32.86 -14.68
CA ASP A 271 15.52 -32.19 -15.04
C ASP A 271 14.66 -31.89 -13.83
N GLN A 272 15.34 -31.86 -12.69
CA GLN A 272 14.68 -31.58 -11.47
C GLN A 272 15.09 -30.21 -10.98
N MET A 273 16.14 -29.64 -11.58
CA MET A 273 16.35 -28.22 -11.50
C MET A 273 15.27 -27.52 -12.30
N LEU A 274 14.65 -26.51 -11.69
CA LEU A 274 13.60 -25.75 -12.37
C LEU A 274 14.22 -24.84 -13.44
N MET A 275 14.02 -25.23 -14.71
CA MET A 275 14.88 -24.77 -15.79
C MET A 275 14.23 -23.73 -16.66
N ARG A 276 13.37 -22.93 -16.06
CA ARG A 276 12.61 -21.95 -16.79
C ARG A 276 13.51 -20.78 -17.19
N VAL A 277 14.00 -20.07 -16.17
CA VAL A 277 14.90 -18.93 -16.38
C VAL A 277 16.33 -19.38 -16.70
N SER A 278 16.87 -20.31 -15.92
CA SER A 278 18.24 -20.81 -16.16
C SER A 278 18.25 -22.29 -16.55
N GLN A 279 19.16 -22.68 -17.43
CA GLN A 279 19.20 -24.04 -17.89
C GLN A 279 20.57 -24.65 -17.61
N VAL A 280 20.64 -25.98 -17.56
CA VAL A 280 21.93 -26.67 -17.55
C VAL A 280 21.93 -27.78 -18.58
N THR A 281 22.95 -27.82 -19.42
CA THR A 281 23.01 -28.81 -20.47
C THR A 281 23.68 -30.13 -20.02
N LYS A 282 23.45 -31.19 -20.79
CA LYS A 282 24.07 -32.51 -20.55
C LYS A 282 25.53 -32.38 -20.15
N GLU A 283 26.34 -31.77 -21.04
CA GLU A 283 27.77 -31.58 -20.82
C GLU A 283 28.08 -30.58 -19.69
N GLY A 284 27.13 -30.34 -18.79
CA GLY A 284 27.30 -29.29 -17.78
C GLY A 284 27.18 -27.96 -18.49
N LYS A 285 27.52 -26.86 -17.81
CA LYS A 285 27.50 -25.54 -18.45
C LYS A 285 26.11 -24.93 -18.48
N TYR A 286 26.11 -23.60 -18.54
CA TYR A 286 24.99 -22.75 -18.16
C TYR A 286 24.48 -21.96 -19.36
N VAL A 287 23.19 -22.07 -19.65
CA VAL A 287 22.56 -21.26 -20.68
C VAL A 287 21.31 -20.64 -20.06
N GLN A 288 20.96 -19.46 -20.54
CA GLN A 288 19.79 -18.76 -20.05
C GLN A 288 18.72 -18.79 -21.13
N SER A 289 17.47 -18.92 -20.67
CA SER A 289 16.30 -19.12 -21.53
C SER A 289 16.05 -18.07 -22.60
N ASP A 290 16.48 -16.83 -22.30
CA ASP A 290 16.18 -15.62 -23.08
C ASP A 290 14.68 -15.31 -23.00
N ILE A 291 14.14 -15.43 -21.78
CA ILE A 291 12.74 -15.15 -21.44
C ILE A 291 12.60 -14.44 -20.06
N PRO A 292 12.84 -13.10 -20.02
CA PRO A 292 12.99 -12.22 -18.86
C PRO A 292 12.53 -12.71 -17.47
N ARG A 293 13.52 -12.94 -16.59
CA ARG A 293 13.29 -13.31 -15.18
C ARG A 293 12.40 -12.30 -14.48
N GLN A 294 12.02 -11.26 -15.22
CA GLN A 294 11.10 -10.25 -14.75
C GLN A 294 9.66 -10.77 -14.61
N LEU A 295 9.36 -11.93 -15.24
CA LEU A 295 8.02 -12.56 -15.21
C LEU A 295 7.51 -12.87 -13.78
N LEU A 296 8.46 -13.08 -12.87
CA LEU A 296 8.18 -13.25 -11.45
C LEU A 296 7.63 -11.96 -10.80
N TYR A 297 6.39 -11.60 -11.16
CA TYR A 297 5.51 -10.79 -10.32
C TYR A 297 4.62 -11.77 -9.56
N GLY A 298 4.38 -12.93 -10.19
CA GLY A 298 3.78 -14.07 -9.51
C GLY A 298 4.42 -14.10 -8.15
N THR A 299 5.73 -14.40 -8.17
CA THR A 299 6.58 -14.41 -6.96
C THR A 299 6.46 -13.23 -5.96
N MET A 300 6.08 -12.04 -6.44
CA MET A 300 5.93 -10.89 -5.52
C MET A 300 4.47 -10.42 -5.35
N VAL A 301 3.99 -9.60 -6.31
CA VAL A 301 2.73 -8.87 -6.20
C VAL A 301 1.54 -9.73 -5.73
N TYR A 302 1.45 -10.94 -6.27
CA TYR A 302 0.36 -11.84 -5.95
C TYR A 302 0.45 -12.29 -4.49
N VAL A 303 1.64 -12.78 -4.11
CA VAL A 303 1.92 -13.28 -2.76
C VAL A 303 1.77 -12.19 -1.70
N ARG A 304 2.40 -11.05 -1.94
CA ARG A 304 2.31 -9.95 -1.01
C ARG A 304 0.87 -9.43 -0.98
N GLN A 305 0.24 -9.34 -2.14
CA GLN A 305 -1.19 -9.08 -2.18
C GLN A 305 -1.87 -9.97 -1.12
N SER A 306 -1.40 -11.20 -1.00
CA SER A 306 -2.11 -12.21 -0.28
C SER A 306 -1.90 -11.97 1.17
N ILE A 307 -0.66 -11.70 1.57
CA ILE A 307 -0.37 -11.35 2.96
C ILE A 307 -1.11 -10.07 3.40
N VAL A 308 -1.11 -9.06 2.56
CA VAL A 308 -1.93 -7.91 2.86
C VAL A 308 -3.40 -8.25 3.07
N ALA A 309 -4.05 -8.95 2.12
CA ALA A 309 -5.40 -9.51 2.36
C ALA A 309 -5.50 -10.24 3.72
N ASP A 310 -4.56 -11.13 4.01
CA ASP A 310 -4.61 -11.83 5.31
C ASP A 310 -4.48 -10.87 6.51
N ALA A 311 -3.76 -9.75 6.35
CA ALA A 311 -3.67 -8.76 7.43
C ALA A 311 -5.04 -8.20 7.72
N SER A 312 -5.80 -7.82 6.71
CA SER A 312 -7.14 -7.34 6.99
C SER A 312 -7.97 -8.44 7.62
N LEU A 313 -7.76 -9.69 7.20
CA LEU A 313 -8.51 -10.82 7.73
C LEU A 313 -8.20 -10.95 9.21
N ALA A 314 -6.95 -11.00 9.60
CA ALA A 314 -6.65 -11.06 11.04
C ALA A 314 -7.05 -9.80 11.82
N MET A 315 -6.75 -8.61 11.32
CA MET A 315 -7.14 -7.43 12.08
C MET A 315 -8.65 -7.49 12.36
N SER A 316 -9.44 -7.95 11.39
CA SER A 316 -10.88 -7.83 11.47
C SER A 316 -11.42 -8.88 12.49
N ARG A 317 -10.83 -10.05 12.56
CA ARG A 317 -11.20 -11.00 13.58
C ARG A 317 -11.00 -10.41 14.97
N ALA A 318 -9.81 -9.86 15.25
CA ALA A 318 -9.52 -9.31 16.59
C ALA A 318 -10.45 -8.19 16.95
N VAL A 319 -10.74 -7.34 15.96
CA VAL A 319 -11.42 -6.11 16.20
C VAL A 319 -12.90 -6.50 16.40
N CYS A 320 -13.25 -7.64 15.84
CA CYS A 320 -14.60 -8.12 15.94
C CYS A 320 -14.87 -8.65 17.35
N ILE A 321 -13.99 -9.52 17.85
CA ILE A 321 -14.04 -9.96 19.26
C ILE A 321 -14.00 -8.75 20.20
N ALA A 322 -13.01 -7.86 20.05
CA ALA A 322 -12.94 -6.77 21.01
C ALA A 322 -14.10 -5.72 20.96
N THR A 323 -14.77 -5.57 19.82
CA THR A 323 -15.89 -4.62 19.72
C THR A 323 -17.14 -5.18 20.44
N ARG A 324 -17.44 -6.41 20.12
CA ARG A 324 -18.51 -7.12 20.79
C ARG A 324 -18.27 -7.18 22.28
N TYR A 325 -17.09 -7.66 22.73
CA TYR A 325 -16.81 -7.64 24.13
C TYR A 325 -16.90 -6.22 24.72
N SER A 326 -16.39 -5.19 24.03
CA SER A 326 -16.46 -3.86 24.63
C SER A 326 -17.89 -3.33 24.74
N ALA A 327 -18.83 -3.98 24.07
CA ALA A 327 -20.19 -3.46 24.13
C ALA A 327 -20.98 -4.26 25.17
N VAL A 328 -20.47 -5.44 25.52
CA VAL A 328 -21.08 -6.21 26.55
C VAL A 328 -20.53 -5.84 27.92
N ARG A 329 -19.22 -5.70 28.04
CA ARG A 329 -18.60 -5.41 29.34
C ARG A 329 -18.92 -4.01 29.87
N ARG A 330 -19.38 -3.95 31.11
CA ARG A 330 -19.65 -2.70 31.80
C ARG A 330 -18.76 -2.60 33.03
N GLN A 331 -18.36 -1.38 33.43
CA GLN A 331 -17.44 -1.21 34.52
C GLN A 331 -17.35 0.26 34.82
N PHE A 332 -17.83 0.64 36.01
CA PHE A 332 -17.81 2.02 36.52
C PHE A 332 -18.98 2.72 35.92
N GLY A 333 -19.27 3.94 36.40
CA GLY A 333 -20.30 4.75 35.81
C GLY A 333 -21.67 4.54 36.43
N SER A 334 -21.84 3.58 37.33
CA SER A 334 -23.10 3.55 38.01
C SER A 334 -23.33 5.00 38.54
N GLN A 335 -24.47 5.62 38.18
CA GLN A 335 -24.90 6.90 38.82
C GLN A 335 -26.19 6.54 39.47
N ASN A 336 -26.37 6.89 40.75
CA ASN A 336 -27.42 6.25 41.60
C ASN A 336 -27.47 4.77 41.17
N GLY A 337 -27.77 3.84 42.07
CA GLY A 337 -27.49 2.41 41.82
C GLY A 337 -27.86 1.84 40.45
N GLY A 338 -27.41 2.47 39.35
CA GLY A 338 -27.76 2.06 37.99
C GLY A 338 -26.78 1.08 37.36
N GLN A 339 -26.96 0.79 36.07
CA GLN A 339 -26.09 -0.08 35.33
C GLN A 339 -24.76 0.59 35.13
N GLU A 340 -23.70 -0.20 35.06
CA GLU A 340 -22.39 0.39 34.81
C GLU A 340 -22.29 0.69 33.30
N THR A 341 -21.32 1.51 32.92
CA THR A 341 -21.18 1.94 31.55
C THR A 341 -20.51 0.86 30.72
N GLN A 342 -21.01 0.62 29.52
CA GLN A 342 -20.30 -0.26 28.63
C GLN A 342 -18.97 0.40 28.33
N VAL A 343 -17.89 -0.41 28.39
CA VAL A 343 -16.54 0.16 28.27
C VAL A 343 -16.36 0.78 26.91
N ILE A 344 -17.10 0.27 25.95
CA ILE A 344 -17.07 0.85 24.62
C ILE A 344 -17.51 2.32 24.60
N ASP A 345 -18.10 2.86 25.67
CA ASP A 345 -18.45 4.28 25.64
C ASP A 345 -17.28 5.10 26.02
N TYR A 346 -16.23 4.48 26.53
CA TYR A 346 -15.10 5.29 27.02
C TYR A 346 -14.20 5.78 25.88
N LYS A 347 -13.85 7.04 25.97
CA LYS A 347 -12.92 7.64 25.02
C LYS A 347 -11.57 6.93 24.92
N THR A 348 -10.98 6.50 26.02
CA THR A 348 -9.80 5.68 25.88
C THR A 348 -10.08 4.34 25.19
N GLN A 349 -11.21 3.68 25.46
CA GLN A 349 -11.46 2.38 24.79
C GLN A 349 -11.55 2.75 23.33
N GLN A 350 -12.32 3.78 23.05
CA GLN A 350 -12.55 4.14 21.69
C GLN A 350 -11.29 4.39 20.95
N ASN A 351 -10.42 5.19 21.55
CA ASN A 351 -9.16 5.57 20.92
C ASN A 351 -8.17 4.42 20.77
N ARG A 352 -8.33 3.35 21.54
CA ARG A 352 -7.52 2.22 21.31
C ARG A 352 -8.19 1.32 20.29
N LEU A 353 -9.51 1.12 20.35
CA LEU A 353 -10.21 0.21 19.46
C LEU A 353 -10.53 0.71 18.03
N PHE A 354 -11.12 1.91 17.89
CA PHE A 354 -11.57 2.39 16.55
C PHE A 354 -10.49 2.60 15.51
N PRO A 355 -9.31 3.15 15.86
CA PRO A 355 -8.39 3.15 14.75
C PRO A 355 -8.12 1.73 14.28
N LEU A 356 -8.12 0.76 15.19
CA LEU A 356 -7.95 -0.63 14.70
C LEU A 356 -9.05 -1.03 13.73
N LEU A 357 -10.28 -0.64 14.01
CA LEU A 357 -11.40 -0.92 13.13
C LEU A 357 -11.26 -0.15 11.78
N ALA A 358 -10.99 1.14 11.83
CA ALA A 358 -10.59 1.83 10.59
C ALA A 358 -9.49 1.12 9.84
N SER A 359 -8.50 0.55 10.52
CA SER A 359 -7.40 -0.09 9.81
C SER A 359 -7.87 -1.29 9.04
N ALA A 360 -8.84 -2.02 9.58
CA ALA A 360 -9.24 -3.25 8.88
C ALA A 360 -9.86 -2.82 7.59
N TYR A 361 -10.68 -1.77 7.63
CA TYR A 361 -11.29 -1.30 6.42
C TYR A 361 -10.24 -0.70 5.50
N ALA A 362 -9.38 0.14 6.05
CA ALA A 362 -8.28 0.64 5.23
C ALA A 362 -7.45 -0.46 4.57
N PHE A 363 -6.93 -1.40 5.36
CA PHE A 363 -6.11 -2.51 4.80
C PHE A 363 -6.92 -3.40 3.89
N ARG A 364 -8.22 -3.53 4.13
CA ARG A 364 -9.11 -4.18 3.15
C ARG A 364 -9.13 -3.49 1.79
N PHE A 365 -9.16 -2.14 1.81
CA PHE A 365 -9.23 -1.42 0.57
C PHE A 365 -7.94 -1.35 -0.20
N VAL A 366 -6.81 -1.15 0.46
CA VAL A 366 -5.51 -1.30 -0.23
C VAL A 366 -5.42 -2.69 -0.87
N GLY A 367 -5.74 -3.73 -0.10
CA GLY A 367 -5.73 -5.07 -0.65
C GLY A 367 -6.47 -5.20 -1.98
N GLU A 368 -7.61 -4.50 -2.08
CA GLU A 368 -8.33 -4.44 -3.36
C GLU A 368 -7.42 -3.75 -4.32
N TRP A 369 -6.94 -2.57 -3.96
CA TRP A 369 -6.14 -1.83 -4.88
C TRP A 369 -4.97 -2.71 -5.33
N LEU A 370 -4.52 -3.65 -4.48
CA LEU A 370 -3.39 -4.48 -4.89
C LEU A 370 -3.75 -5.44 -5.95
N LYS A 371 -4.94 -6.02 -5.92
CA LYS A 371 -5.41 -6.83 -7.07
C LYS A 371 -5.27 -6.05 -8.36
N TRP A 372 -5.66 -4.79 -8.30
CA TRP A 372 -5.62 -3.97 -9.49
C TRP A 372 -4.19 -3.94 -9.99
N LEU A 373 -3.26 -3.67 -9.06
CA LEU A 373 -1.85 -3.55 -9.38
C LEU A 373 -1.32 -4.84 -9.99
N TYR A 374 -1.72 -6.00 -9.45
CA TYR A 374 -1.27 -7.30 -9.97
C TYR A 374 -1.70 -7.44 -11.43
N THR A 375 -2.99 -7.26 -11.67
CA THR A 375 -3.56 -7.28 -13.01
C THR A 375 -2.88 -6.23 -13.87
N ASP A 376 -2.53 -5.07 -13.30
CA ASP A 376 -1.85 -4.07 -14.13
C ASP A 376 -0.43 -4.46 -14.46
N VAL A 377 0.24 -5.12 -13.52
CA VAL A 377 1.62 -5.54 -13.73
C VAL A 377 1.70 -6.76 -14.65
N THR A 378 0.87 -7.78 -14.42
CA THR A 378 0.90 -8.97 -15.31
C THR A 378 0.44 -8.67 -16.76
N GLN A 379 -0.35 -7.62 -16.94
CA GLN A 379 -0.67 -7.10 -18.25
C GLN A 379 0.61 -6.58 -18.85
N ARG A 380 1.37 -5.82 -18.07
CA ARG A 380 2.54 -5.12 -18.60
C ARG A 380 3.70 -6.06 -18.85
N LEU A 381 3.97 -6.92 -17.86
CA LEU A 381 5.02 -7.94 -17.99
C LEU A 381 4.78 -8.90 -19.19
N ALA A 382 3.63 -9.56 -19.23
CA ALA A 382 3.28 -10.34 -20.43
C ALA A 382 3.56 -9.53 -21.68
N ALA A 383 3.30 -8.22 -21.63
CA ALA A 383 3.59 -7.33 -22.76
C ALA A 383 5.10 -7.00 -22.86
N ASN A 384 5.41 -5.81 -23.36
CA ASN A 384 6.78 -5.31 -23.29
C ASN A 384 6.85 -3.98 -22.52
N ASP A 385 6.90 -4.06 -21.19
CA ASP A 385 7.14 -2.91 -20.30
C ASP A 385 7.60 -3.35 -18.91
N PHE A 386 8.85 -3.08 -18.57
CA PHE A 386 9.41 -3.43 -17.26
C PHE A 386 9.54 -2.18 -16.37
N SER A 387 9.19 -1.03 -16.94
CA SER A 387 9.44 0.30 -16.32
C SER A 387 8.72 0.53 -15.00
N THR A 388 7.50 0.01 -14.89
CA THR A 388 6.59 0.16 -13.74
C THR A 388 7.04 -0.74 -12.58
N LEU A 389 8.07 -1.54 -12.83
CA LEU A 389 8.38 -2.70 -11.99
C LEU A 389 9.07 -2.42 -10.65
N PRO A 390 10.10 -1.56 -10.65
CA PRO A 390 10.68 -1.29 -9.32
C PRO A 390 9.65 -0.63 -8.38
N GLU A 391 8.75 0.18 -8.93
CA GLU A 391 7.67 0.73 -8.10
C GLU A 391 6.75 -0.36 -7.57
N ALA A 392 6.26 -1.24 -8.45
CA ALA A 392 5.44 -2.32 -7.98
C ALA A 392 6.14 -3.09 -6.87
N HIS A 393 7.46 -3.27 -6.96
CA HIS A 393 8.21 -4.05 -5.95
C HIS A 393 8.24 -3.42 -4.55
N ALA A 394 8.69 -2.17 -4.47
CA ALA A 394 8.69 -1.43 -3.19
C ALA A 394 7.29 -1.21 -2.55
N CYS A 395 6.39 -0.61 -3.32
CA CYS A 395 4.99 -0.50 -3.00
C CYS A 395 4.44 -1.74 -2.32
N THR A 396 4.60 -2.91 -2.93
CA THR A 396 4.12 -4.10 -2.26
C THR A 396 5.00 -4.47 -1.07
N ALA A 397 6.31 -4.35 -1.16
CA ALA A 397 7.14 -4.62 0.02
C ALA A 397 6.67 -3.79 1.20
N GLY A 398 6.49 -2.48 0.97
CA GLY A 398 6.18 -1.53 2.03
C GLY A 398 4.81 -1.79 2.61
N LEU A 399 3.86 -2.16 1.79
CA LEU A 399 2.58 -2.55 2.33
C LEU A 399 2.58 -3.85 3.16
N LYS A 400 3.24 -4.91 2.72
CA LYS A 400 3.38 -6.12 3.54
C LYS A 400 3.87 -5.69 4.89
N SER A 401 4.84 -4.79 4.91
CA SER A 401 5.50 -4.47 6.15
C SER A 401 4.55 -3.72 7.01
N LEU A 402 3.78 -2.83 6.39
CA LEU A 402 3.04 -1.88 7.17
C LEU A 402 1.87 -2.62 7.76
N THR A 403 1.11 -3.29 6.89
CA THR A 403 -0.12 -3.86 7.33
C THR A 403 0.15 -4.99 8.33
N THR A 404 1.21 -5.79 8.13
CA THR A 404 1.49 -6.86 9.10
C THR A 404 1.94 -6.33 10.47
N SER A 405 2.75 -5.28 10.49
CA SER A 405 3.12 -4.67 11.75
C SER A 405 1.95 -4.08 12.47
N ALA A 406 1.08 -3.42 11.74
CA ALA A 406 -0.02 -2.79 12.41
C ALA A 406 -0.95 -3.87 12.92
N THR A 407 -1.12 -4.92 12.13
CA THR A 407 -2.04 -5.95 12.48
C THR A 407 -1.51 -6.72 13.70
N ALA A 408 -0.24 -7.11 13.71
CA ALA A 408 0.24 -7.81 14.88
C ALA A 408 0.11 -6.95 16.11
N ASP A 409 0.31 -5.65 16.00
CA ASP A 409 0.08 -4.77 17.12
C ASP A 409 -1.36 -4.63 17.58
N GLY A 410 -2.25 -4.46 16.63
CA GLY A 410 -3.66 -4.33 16.98
C GLY A 410 -4.20 -5.60 17.61
N ILE A 411 -3.58 -6.74 17.30
CA ILE A 411 -4.16 -7.92 17.84
C ILE A 411 -3.77 -7.95 19.31
N GLU A 412 -2.53 -7.63 19.65
CA GLU A 412 -2.17 -7.59 21.06
C GLU A 412 -2.95 -6.52 21.69
N GLU A 413 -3.17 -5.41 21.02
CA GLU A 413 -3.93 -4.35 21.66
C GLU A 413 -5.38 -4.80 21.94
N CYS A 414 -5.91 -5.63 21.04
CA CYS A 414 -7.26 -6.13 21.22
C CYS A 414 -7.41 -7.06 22.41
N ARG A 415 -6.37 -7.83 22.65
CA ARG A 415 -6.38 -8.64 23.81
C ARG A 415 -6.37 -7.72 25.04
N LYS A 416 -5.55 -6.67 25.04
CA LYS A 416 -5.57 -5.78 26.22
C LYS A 416 -6.91 -5.10 26.45
N LEU A 417 -7.59 -4.73 25.39
CA LEU A 417 -8.94 -4.21 25.44
C LEU A 417 -9.96 -5.11 26.14
N CYS A 418 -9.70 -6.40 26.21
CA CYS A 418 -10.65 -7.33 26.85
C CYS A 418 -10.31 -7.57 28.34
N GLY A 419 -9.31 -6.86 28.84
CA GLY A 419 -9.08 -6.90 30.26
C GLY A 419 -8.59 -8.26 30.65
N GLY A 420 -8.68 -8.63 31.91
CA GLY A 420 -8.30 -9.98 32.36
C GLY A 420 -8.87 -11.05 31.46
N HIS A 421 -10.15 -10.95 31.07
CA HIS A 421 -10.77 -12.08 30.33
C HIS A 421 -10.07 -12.40 29.04
N GLY A 422 -9.40 -11.41 28.47
CA GLY A 422 -8.63 -11.65 27.28
C GLY A 422 -7.47 -12.58 27.46
N TYR A 423 -7.01 -12.82 28.69
CA TYR A 423 -5.87 -13.67 28.86
C TYR A 423 -6.24 -15.16 28.65
N LEU A 424 -7.53 -15.49 28.63
CA LEU A 424 -7.90 -16.88 28.54
C LEU A 424 -7.85 -17.29 27.07
N CYS A 425 -7.28 -18.48 26.80
CA CYS A 425 -7.26 -19.03 25.47
C CYS A 425 -8.61 -18.96 24.82
N SER A 426 -9.65 -19.13 25.61
CA SER A 426 -10.93 -19.29 25.03
C SER A 426 -11.56 -17.92 24.71
N SER A 427 -10.80 -16.83 24.83
CA SER A 427 -11.26 -15.58 24.30
C SER A 427 -11.01 -15.51 22.81
N GLY A 428 -10.16 -16.42 22.32
CA GLY A 428 -9.83 -16.49 20.88
C GLY A 428 -8.62 -15.67 20.46
N LEU A 429 -8.29 -14.71 21.32
CA LEU A 429 -7.28 -13.71 21.02
C LEU A 429 -5.83 -14.21 21.20
N PRO A 430 -5.52 -14.88 22.32
CA PRO A 430 -4.14 -15.44 22.38
C PRO A 430 -3.75 -16.28 21.16
N GLU A 431 -4.63 -17.15 20.70
CA GLU A 431 -4.26 -17.94 19.54
C GLU A 431 -4.08 -17.05 18.32
N LEU A 432 -5.12 -16.26 18.04
CA LEU A 432 -5.09 -15.37 16.93
C LEU A 432 -3.76 -14.60 16.87
N PHE A 433 -3.23 -14.17 18.03
CA PHE A 433 -1.98 -13.46 18.03
C PHE A 433 -0.84 -14.40 17.68
N ALA A 434 -0.72 -15.51 18.40
CA ALA A 434 0.36 -16.45 18.16
C ALA A 434 0.42 -16.97 16.70
N VAL A 435 -0.72 -17.19 16.08
CA VAL A 435 -0.69 -17.71 14.75
C VAL A 435 -0.52 -16.58 13.71
N TYR A 436 -0.89 -15.37 14.02
CA TYR A 436 -0.71 -14.33 13.05
C TYR A 436 0.70 -13.78 12.97
N VAL A 437 1.34 -13.68 14.14
CA VAL A 437 2.55 -12.87 14.28
C VAL A 437 3.74 -13.37 13.41
N PRO A 438 3.78 -14.66 13.06
CA PRO A 438 4.92 -14.89 12.17
C PRO A 438 4.89 -14.00 10.92
N ALA A 439 3.72 -13.50 10.53
CA ALA A 439 3.59 -12.69 9.32
C ALA A 439 4.63 -11.59 9.25
N CYS A 440 5.11 -11.12 10.38
CA CYS A 440 6.04 -10.02 10.46
C CYS A 440 7.43 -10.44 10.02
N THR A 441 7.61 -11.72 9.81
CA THR A 441 8.93 -12.24 9.51
C THR A 441 8.99 -13.06 8.25
N TYR A 442 7.91 -13.70 7.84
CA TYR A 442 8.10 -14.44 6.62
C TYR A 442 7.72 -13.65 5.37
N GLU A 443 8.18 -14.18 4.24
CA GLU A 443 8.43 -13.46 2.99
C GLU A 443 8.78 -12.03 3.28
N GLY A 444 10.04 -11.85 3.70
CA GLY A 444 10.58 -10.53 4.08
C GLY A 444 10.26 -10.09 5.50
N ASP A 445 11.33 -9.92 6.29
CA ASP A 445 11.34 -9.25 7.57
C ASP A 445 10.84 -7.81 7.38
N ASN A 446 9.95 -7.36 8.25
CA ASN A 446 9.38 -6.03 8.11
C ASN A 446 10.38 -4.87 8.00
N VAL A 447 11.40 -4.83 8.84
CA VAL A 447 12.36 -3.74 8.74
C VAL A 447 13.23 -3.93 7.48
N VAL A 448 13.74 -5.14 7.23
CA VAL A 448 14.44 -5.34 5.95
C VAL A 448 13.59 -4.83 4.77
N LEU A 449 12.28 -5.10 4.77
CA LEU A 449 11.43 -4.71 3.66
C LEU A 449 11.33 -3.22 3.57
N GLN A 450 11.35 -2.57 4.72
CA GLN A 450 11.20 -1.13 4.72
C GLN A 450 12.53 -0.49 4.44
N LEU A 451 13.63 -1.23 4.56
CA LEU A 451 14.89 -0.67 4.07
C LEU A 451 14.91 -0.65 2.57
N GLN A 452 14.20 -1.56 1.94
CA GLN A 452 14.04 -1.51 0.49
C GLN A 452 13.14 -0.41 -0.03
N VAL A 453 12.06 -0.09 0.66
CA VAL A 453 11.32 1.05 0.17
C VAL A 453 12.28 2.25 0.16
N ALA A 454 13.00 2.41 1.25
CA ALA A 454 13.91 3.51 1.38
C ALA A 454 14.90 3.65 0.19
N ARG A 455 15.51 2.55 -0.24
CA ARG A 455 16.36 2.63 -1.42
C ARG A 455 15.61 3.18 -2.61
N PHE A 456 14.37 2.76 -2.77
CA PHE A 456 13.65 3.06 -3.96
C PHE A 456 13.24 4.51 -3.98
N LEU A 457 12.86 5.00 -2.80
CA LEU A 457 12.58 6.39 -2.60
C LEU A 457 13.85 7.23 -2.86
N MET A 458 14.94 6.93 -2.16
CA MET A 458 16.23 7.58 -2.44
C MET A 458 16.61 7.54 -3.90
N LYS A 459 16.21 6.48 -4.58
CA LYS A 459 16.53 6.39 -5.98
C LYS A 459 15.66 7.39 -6.72
N THR A 460 14.40 7.48 -6.30
CA THR A 460 13.38 8.26 -7.00
C THR A 460 13.64 9.77 -6.95
N ILE A 461 14.07 10.25 -5.78
CA ILE A 461 14.68 11.55 -5.64
C ILE A 461 15.88 11.59 -6.58
N SER A 462 17.01 11.03 -6.17
CA SER A 462 18.28 11.30 -6.85
C SER A 462 18.20 11.21 -8.38
N GLN A 463 17.04 10.83 -8.91
CA GLN A 463 16.83 10.74 -10.35
C GLN A 463 16.06 11.90 -10.94
N LEU A 464 15.37 12.67 -10.10
CA LEU A 464 14.51 13.79 -10.51
C LEU A 464 15.18 14.87 -11.39
N GLY A 465 16.43 15.20 -11.09
CA GLY A 465 17.20 16.15 -11.90
C GLY A 465 17.34 15.81 -13.38
N THR A 466 16.81 14.65 -13.79
CA THR A 466 16.97 14.21 -15.18
C THR A 466 15.98 14.91 -16.12
N GLY A 467 14.71 14.55 -15.98
CA GLY A 467 13.63 15.01 -16.85
C GLY A 467 12.45 14.06 -16.69
N LYS A 468 12.76 12.77 -16.66
CA LYS A 468 11.78 11.69 -16.78
C LYS A 468 10.87 11.48 -15.51
N LYS A 469 9.97 12.45 -15.27
CA LYS A 469 9.02 12.49 -14.13
C LYS A 469 8.45 11.12 -13.67
N PRO A 470 8.26 10.92 -12.36
CA PRO A 470 7.85 9.59 -11.84
C PRO A 470 6.33 9.29 -11.75
N VAL A 471 6.03 8.02 -11.50
CA VAL A 471 4.68 7.49 -11.73
C VAL A 471 4.18 6.63 -10.57
N GLY A 472 2.92 6.23 -10.65
CA GLY A 472 2.31 5.45 -9.62
C GLY A 472 2.38 6.13 -8.27
N THR A 473 2.71 5.34 -7.25
CA THR A 473 2.76 5.80 -5.88
C THR A 473 3.94 6.74 -5.57
N VAL A 474 4.64 7.23 -6.60
CA VAL A 474 5.69 8.25 -6.38
C VAL A 474 5.56 9.44 -7.32
N SER A 475 4.43 9.57 -7.99
CA SER A 475 4.17 10.75 -8.80
C SER A 475 4.06 12.03 -7.94
N TYR A 476 3.74 11.84 -6.67
CA TYR A 476 3.80 12.97 -5.77
C TYR A 476 5.19 13.55 -5.67
N MET A 477 6.17 12.87 -6.20
CA MET A 477 7.48 13.48 -6.18
C MET A 477 7.83 14.20 -7.46
N GLY A 478 6.94 14.09 -8.46
CA GLY A 478 6.96 14.99 -9.61
C GLY A 478 6.64 16.42 -9.17
N ARG A 479 6.08 16.57 -7.97
CA ARG A 479 5.80 17.90 -7.42
C ARG A 479 6.48 18.22 -6.10
N ILE A 480 7.76 17.85 -5.93
CA ILE A 480 8.44 18.18 -4.66
C ILE A 480 8.45 19.72 -4.44
N GLU A 481 9.03 20.48 -5.35
CA GLU A 481 9.03 21.94 -5.22
C GLU A 481 7.76 22.47 -4.53
N HIS A 482 6.56 22.12 -5.01
CA HIS A 482 5.34 22.60 -4.39
C HIS A 482 5.23 22.06 -2.95
N LEU A 483 5.37 20.74 -2.79
CA LEU A 483 5.21 20.12 -1.48
C LEU A 483 6.36 20.39 -0.50
N MET A 484 7.44 20.97 -0.99
CA MET A 484 8.56 21.38 -0.18
C MET A 484 8.21 22.71 0.51
N GLN A 485 7.27 23.48 -0.07
CA GLN A 485 6.90 24.81 0.45
C GLN A 485 5.45 24.99 0.91
N CYS A 486 4.55 24.09 0.52
CA CYS A 486 3.15 24.36 0.83
C CYS A 486 2.89 24.27 2.33
N ARG A 487 1.84 24.93 2.81
CA ARG A 487 1.48 24.70 4.18
C ARG A 487 -0.03 24.65 4.44
N SER A 488 -0.45 23.77 5.37
CA SER A 488 -1.86 23.60 5.66
C SER A 488 -2.65 24.91 5.86
N ASP A 489 -3.91 24.87 5.44
CA ASP A 489 -4.88 25.95 5.62
C ASP A 489 -6.16 25.42 6.30
N VAL A 490 -6.01 24.45 7.16
CA VAL A 490 -7.13 24.03 7.97
C VAL A 490 -7.41 25.21 8.89
N LYS A 491 -8.65 25.69 8.91
CA LYS A 491 -9.03 26.76 9.84
C LYS A 491 -9.97 26.27 10.91
N GLN A 492 -10.44 25.04 10.78
CA GLN A 492 -11.21 24.41 11.83
C GLN A 492 -11.23 22.93 11.65
N ALA A 493 -11.68 22.24 12.71
CA ALA A 493 -11.71 20.77 12.77
C ALA A 493 -12.26 20.13 11.52
N GLU A 494 -13.45 20.53 11.09
CA GLU A 494 -14.15 19.82 10.00
C GLU A 494 -13.36 19.89 8.70
N ASP A 495 -12.54 20.93 8.57
CA ASP A 495 -11.67 21.05 7.42
C ASP A 495 -10.86 19.75 7.20
N TRP A 496 -10.35 19.15 8.26
CA TRP A 496 -9.66 17.89 8.13
C TRP A 496 -10.51 16.78 7.53
N LEU A 497 -11.81 16.96 7.40
CA LEU A 497 -12.59 15.97 6.64
C LEU A 497 -12.28 16.04 5.13
N LYS A 498 -12.01 17.22 4.59
CA LYS A 498 -11.88 17.35 3.14
C LYS A 498 -10.68 16.52 2.63
N PRO A 499 -10.93 15.54 1.73
CA PRO A 499 -9.87 14.72 1.11
C PRO A 499 -8.60 15.47 0.69
N SER A 500 -8.74 16.62 0.05
CA SER A 500 -7.54 17.36 -0.40
C SER A 500 -6.61 17.75 0.77
N ALA A 501 -7.16 18.14 1.91
CA ALA A 501 -6.30 18.52 3.02
C ALA A 501 -5.49 17.32 3.56
N VAL A 502 -6.08 16.14 3.63
CA VAL A 502 -5.38 15.00 4.22
C VAL A 502 -4.29 14.45 3.30
N LEU A 503 -4.64 14.16 2.06
CA LEU A 503 -3.68 13.83 1.01
C LEU A 503 -2.47 14.79 0.99
N GLU A 504 -2.73 16.08 0.89
CA GLU A 504 -1.65 17.05 0.86
C GLU A 504 -0.86 16.97 2.17
N ALA A 505 -1.55 16.80 3.27
CA ALA A 505 -0.87 16.55 4.50
C ALA A 505 0.11 15.38 4.43
N PHE A 506 -0.26 14.29 3.77
CA PHE A 506 0.63 13.13 3.75
C PHE A 506 1.70 13.18 2.66
N GLU A 507 1.39 13.82 1.55
CA GLU A 507 2.38 13.98 0.53
C GLU A 507 3.44 14.96 0.99
N ALA A 508 3.03 16.06 1.59
CA ALA A 508 3.99 17.00 2.14
C ALA A 508 4.93 16.26 3.11
N ARG A 509 4.37 15.36 3.90
CA ARG A 509 5.12 14.71 4.96
C ARG A 509 6.15 13.76 4.37
N SER A 510 5.69 12.93 3.44
CA SER A 510 6.59 11.97 2.89
C SER A 510 7.69 12.75 2.13
N ALA A 511 7.29 13.57 1.16
CA ALA A 511 8.27 14.35 0.43
C ALA A 511 9.32 14.98 1.37
N ARG A 512 8.91 15.50 2.50
CA ARG A 512 9.89 16.21 3.31
C ARG A 512 10.92 15.29 3.95
N MET A 513 10.44 14.15 4.43
CA MET A 513 11.25 13.22 5.16
C MET A 513 12.29 12.64 4.22
N SER A 514 11.84 12.22 3.03
CA SER A 514 12.74 11.70 2.03
C SER A 514 13.80 12.75 1.58
N VAL A 515 13.34 14.00 1.45
CA VAL A 515 14.26 14.97 0.95
C VAL A 515 15.29 15.12 2.05
N ALA A 516 14.84 14.97 3.29
CA ALA A 516 15.74 15.30 4.39
C ALA A 516 16.78 14.17 4.49
N CYS A 517 16.28 12.93 4.39
CA CYS A 517 17.15 11.76 4.35
C CYS A 517 18.15 11.94 3.24
N ALA A 518 17.65 12.20 2.03
CA ALA A 518 18.53 12.33 0.87
C ALA A 518 19.55 13.44 1.07
N LYS A 519 19.10 14.62 1.53
CA LYS A 519 20.06 15.71 1.80
C LYS A 519 21.08 15.22 2.79
N ASN A 520 20.61 14.52 3.82
CA ASN A 520 21.50 14.12 4.89
C ASN A 520 22.56 13.14 4.45
N LEU A 521 22.24 12.41 3.38
CA LEU A 521 23.02 11.28 2.90
C LEU A 521 24.12 11.75 1.95
N SER A 522 23.76 12.65 1.04
CA SER A 522 24.74 13.25 0.13
C SER A 522 25.93 13.85 0.88
N LYS A 523 25.81 13.99 2.19
CA LYS A 523 26.95 14.45 3.00
C LYS A 523 28.02 13.37 3.23
N PHE A 524 27.83 12.17 2.70
CA PHE A 524 28.79 11.09 2.98
C PHE A 524 29.76 10.84 1.83
N GLU A 525 31.05 10.62 2.14
CA GLU A 525 31.96 10.17 1.08
C GLU A 525 31.37 8.92 0.40
N ASN A 526 31.17 7.82 1.14
CA ASN A 526 30.50 6.68 0.49
C ASN A 526 29.06 6.43 0.90
N GLN A 527 28.21 6.25 -0.11
CA GLN A 527 26.77 6.06 0.13
C GLN A 527 26.37 4.89 1.00
N GLU A 528 27.15 3.82 0.97
CA GLU A 528 26.89 2.68 1.81
C GLU A 528 27.04 2.95 3.31
N GLU A 529 28.16 3.54 3.68
CA GLU A 529 28.35 3.97 5.06
C GLU A 529 27.20 4.88 5.48
N GLY A 530 26.80 5.79 4.60
CA GLY A 530 25.75 6.75 4.90
C GLY A 530 24.40 6.10 5.10
N PHE A 531 24.08 5.16 4.23
CA PHE A 531 22.91 4.30 4.34
C PHE A 531 22.93 3.49 5.61
N ALA A 532 24.06 2.89 5.96
CA ALA A 532 24.12 2.13 7.20
C ALA A 532 23.73 3.07 8.32
N GLU A 533 24.34 4.26 8.32
CA GLU A 533 24.24 5.20 9.41
C GLU A 533 22.87 5.81 9.55
N LEU A 534 22.21 6.17 8.45
CA LEU A 534 20.90 6.83 8.60
C LEU A 534 19.72 5.85 8.59
N ALA A 535 19.98 4.57 8.77
CA ALA A 535 18.97 3.55 8.56
C ALA A 535 17.67 3.81 9.27
N ALA A 536 17.70 4.29 10.51
CA ALA A 536 16.44 4.47 11.23
C ALA A 536 15.59 5.57 10.60
N ASP A 537 16.24 6.70 10.26
CA ASP A 537 15.57 7.82 9.56
C ASP A 537 14.94 7.38 8.22
N LEU A 538 15.64 6.54 7.48
CA LEU A 538 15.13 5.93 6.27
C LEU A 538 13.87 5.09 6.52
N VAL A 539 13.92 4.19 7.51
CA VAL A 539 12.76 3.36 7.76
C VAL A 539 11.60 4.30 8.16
N GLU A 540 11.92 5.27 8.98
CA GLU A 540 10.94 6.18 9.41
C GLU A 540 10.32 6.84 8.16
N ALA A 541 11.14 7.14 7.15
CA ALA A 541 10.64 7.78 5.94
C ALA A 541 9.82 6.81 5.14
N ALA A 542 10.29 5.59 5.06
CA ALA A 542 9.56 4.48 4.40
C ALA A 542 8.14 4.26 4.91
N VAL A 543 7.99 4.25 6.23
CA VAL A 543 6.70 4.06 6.85
C VAL A 543 5.82 5.23 6.43
N ALA A 544 6.38 6.43 6.38
CA ALA A 544 5.60 7.59 5.96
C ALA A 544 5.07 7.47 4.48
N HIS A 545 5.98 7.06 3.57
CA HIS A 545 5.55 6.80 2.22
C HIS A 545 4.42 5.78 2.27
N CYS A 546 4.59 4.67 2.97
CA CYS A 546 3.50 3.68 3.05
C CYS A 546 2.13 4.13 3.62
N GLN A 547 2.13 4.85 4.73
CA GLN A 547 0.92 5.47 5.20
C GLN A 547 0.23 6.28 4.12
N LEU A 548 1.01 7.04 3.32
CA LEU A 548 0.44 7.84 2.28
C LEU A 548 -0.31 6.98 1.31
N ILE A 549 0.32 5.90 0.86
CA ILE A 549 -0.32 4.96 -0.05
C ILE A 549 -1.67 4.53 0.49
N VAL A 550 -1.68 3.97 1.71
CA VAL A 550 -2.94 3.55 2.35
C VAL A 550 -4.00 4.63 2.29
N VAL A 551 -3.68 5.81 2.84
CA VAL A 551 -4.58 6.94 2.94
C VAL A 551 -5.10 7.31 1.54
N SER A 552 -4.24 7.29 0.54
CA SER A 552 -4.66 7.78 -0.76
C SER A 552 -5.46 6.76 -1.52
N LYS A 553 -5.26 5.47 -1.22
CA LYS A 553 -6.10 4.43 -1.85
C LYS A 553 -7.46 4.42 -1.19
N TYR A 554 -7.48 4.72 0.08
CA TYR A 554 -8.71 4.94 0.71
C TYR A 554 -9.53 6.06 -0.02
N ILE A 555 -8.90 7.22 -0.26
CA ILE A 555 -9.57 8.34 -0.87
C ILE A 555 -10.12 7.90 -2.22
N GLU A 556 -9.32 7.13 -2.93
CA GLU A 556 -9.72 6.81 -4.28
C GLU A 556 -10.90 5.87 -4.23
N LYS A 557 -10.82 4.88 -3.33
CA LYS A 557 -11.96 4.01 -3.01
C LYS A 557 -13.27 4.83 -2.89
N LEU A 558 -13.21 6.00 -2.30
CA LEU A 558 -14.40 6.83 -2.08
C LEU A 558 -14.86 7.63 -3.32
N GLN A 559 -14.10 7.55 -4.41
CA GLN A 559 -14.57 8.07 -5.66
C GLN A 559 -15.54 7.09 -6.34
N GLN A 560 -15.55 5.84 -5.88
CA GLN A 560 -16.38 4.80 -6.50
C GLN A 560 -17.86 4.87 -6.15
N ASN A 561 -18.68 4.27 -7.02
CA ASN A 561 -20.06 3.96 -6.69
C ASN A 561 -20.10 2.97 -5.53
N ILE A 562 -20.69 3.38 -4.42
CA ILE A 562 -20.88 2.42 -3.34
C ILE A 562 -22.37 2.37 -2.92
N PRO A 563 -23.05 1.27 -3.29
CA PRO A 563 -24.49 1.25 -3.08
C PRO A 563 -24.82 0.97 -1.60
N GLY A 564 -26.07 1.28 -1.22
CA GLY A 564 -26.60 1.00 0.11
C GLY A 564 -26.69 2.24 0.97
N LYS A 565 -27.80 2.41 1.70
CA LYS A 565 -28.01 3.57 2.57
C LYS A 565 -26.92 3.66 3.63
N GLY A 566 -26.25 4.82 3.69
CA GLY A 566 -25.23 5.13 4.71
C GLY A 566 -23.88 4.39 4.60
N VAL A 567 -23.75 3.49 3.62
CA VAL A 567 -22.49 2.79 3.45
C VAL A 567 -21.33 3.76 3.22
N LYS A 568 -21.41 4.57 2.19
CA LYS A 568 -20.33 5.49 1.93
C LYS A 568 -20.03 6.44 3.12
N GLN A 569 -21.05 7.00 3.78
CA GLN A 569 -20.68 7.84 4.92
C GLN A 569 -19.94 7.03 5.96
N GLN A 570 -20.38 5.83 6.28
CA GLN A 570 -19.67 5.07 7.31
C GLN A 570 -18.21 4.90 6.92
N LEU A 571 -17.99 4.50 5.67
CA LEU A 571 -16.66 4.42 5.13
C LEU A 571 -15.86 5.73 5.17
N GLU A 572 -16.50 6.89 4.97
CA GLU A 572 -15.81 8.20 5.04
C GLU A 572 -15.33 8.38 6.45
N VAL A 573 -16.18 8.10 7.41
CA VAL A 573 -15.81 8.22 8.81
C VAL A 573 -14.57 7.37 9.19
N LEU A 574 -14.59 6.10 8.80
CA LEU A 574 -13.46 5.22 9.05
C LEU A 574 -12.23 5.75 8.31
N CYS A 575 -12.43 6.30 7.14
CA CYS A 575 -11.28 6.82 6.45
C CYS A 575 -10.62 7.99 7.20
N GLY A 576 -11.42 8.98 7.62
CA GLY A 576 -10.93 10.00 8.48
C GLY A 576 -10.22 9.43 9.70
N ILE A 577 -10.89 8.49 10.41
CA ILE A 577 -10.31 7.92 11.61
C ILE A 577 -8.91 7.48 11.30
N TYR A 578 -8.78 6.71 10.25
CA TYR A 578 -7.48 6.11 10.04
C TYR A 578 -6.43 7.25 9.85
N SER A 579 -6.78 8.25 9.03
CA SER A 579 -5.78 9.22 8.61
C SER A 579 -5.35 10.14 9.72
N LEU A 580 -6.31 10.49 10.58
CA LEU A 580 -6.08 11.39 11.66
C LEU A 580 -5.49 10.72 12.88
N PHE A 581 -5.89 9.46 13.16
CA PHE A 581 -5.15 8.69 14.16
C PHE A 581 -3.64 8.65 13.85
N ILE A 582 -3.27 8.22 12.63
CA ILE A 582 -1.90 8.27 12.19
C ILE A 582 -1.36 9.72 12.28
N LEU A 583 -2.21 10.69 11.93
CA LEU A 583 -1.76 12.06 11.96
C LEU A 583 -1.33 12.42 13.36
N HIS A 584 -2.16 12.14 14.36
CA HIS A 584 -1.79 12.46 15.75
C HIS A 584 -0.58 11.67 16.24
N LYS A 585 -0.42 10.45 15.78
CA LYS A 585 0.57 9.63 16.37
C LYS A 585 1.96 10.07 15.86
N HIS A 586 2.00 10.61 14.64
CA HIS A 586 3.25 10.90 14.04
C HIS A 586 3.27 12.44 13.90
N GLN A 587 2.56 13.11 14.79
CA GLN A 587 2.37 14.56 14.65
C GLN A 587 3.72 15.32 14.54
N GLY A 588 4.77 14.81 15.18
CA GLY A 588 6.10 15.37 14.99
C GLY A 588 6.49 15.61 13.53
N ASP A 589 6.23 14.60 12.69
CA ASP A 589 6.51 14.68 11.27
C ASP A 589 5.69 15.74 10.50
N PHE A 590 4.48 16.06 10.94
CA PHE A 590 3.74 17.10 10.28
C PHE A 590 4.15 18.44 10.83
N LEU A 591 4.37 18.50 12.15
CA LEU A 591 4.81 19.73 12.82
C LEU A 591 6.25 20.15 12.46
N GLY A 592 7.19 19.21 12.46
CA GLY A 592 8.63 19.55 12.36
C GLY A 592 9.05 20.08 11.01
N THR A 593 8.47 19.54 9.95
CA THR A 593 8.76 19.96 8.60
C THR A 593 8.11 21.28 8.32
N GLY A 594 7.27 21.74 9.23
CA GLY A 594 6.66 23.09 9.11
C GLY A 594 5.25 22.99 8.53
N TYR A 595 4.79 21.79 8.15
CA TYR A 595 3.53 21.73 7.35
C TYR A 595 2.27 22.35 8.02
N ILE A 596 2.15 22.14 9.33
CA ILE A 596 1.00 22.57 10.12
C ILE A 596 1.51 23.27 11.37
N THR A 597 0.58 23.93 12.07
CA THR A 597 0.86 24.68 13.31
C THR A 597 0.22 23.88 14.40
N SER A 598 0.65 24.07 15.64
CA SER A 598 -0.06 23.56 16.80
C SER A 598 -1.57 23.59 16.70
N LYS A 599 -2.18 24.74 16.33
CA LYS A 599 -3.63 24.89 16.33
C LYS A 599 -4.23 23.84 15.36
N GLN A 600 -3.74 23.86 14.13
CA GLN A 600 -4.13 22.84 13.15
C GLN A 600 -3.94 21.43 13.68
N GLY A 601 -2.85 21.22 14.41
CA GLY A 601 -2.60 19.91 15.06
C GLY A 601 -3.72 19.51 15.98
N SER A 602 -4.06 20.38 16.93
CA SER A 602 -5.21 20.21 17.80
C SER A 602 -6.51 20.06 17.07
N LEU A 603 -6.69 20.85 16.02
CA LEU A 603 -7.90 20.71 15.23
C LEU A 603 -8.00 19.26 14.70
N ALA A 604 -6.86 18.67 14.39
CA ALA A 604 -6.88 17.32 13.93
C ALA A 604 -7.28 16.43 15.11
N ASN A 605 -6.84 16.81 16.29
CA ASN A 605 -7.16 15.99 17.40
C ASN A 605 -8.66 16.10 17.77
N ASP A 606 -9.26 17.28 17.65
CA ASP A 606 -10.67 17.44 17.96
C ASP A 606 -11.57 16.70 16.99
N GLN A 607 -11.10 16.56 15.76
CA GLN A 607 -11.95 16.00 14.76
C GLN A 607 -11.98 14.51 14.98
N LEU A 608 -10.85 13.98 15.40
CA LEU A 608 -10.74 12.56 15.65
C LEU A 608 -11.75 12.20 16.76
N ARG A 609 -11.79 12.99 17.84
CA ARG A 609 -12.82 12.84 18.88
C ARG A 609 -14.18 12.79 18.24
N ALA A 610 -14.53 13.85 17.54
CA ALA A 610 -15.84 13.87 16.94
C ALA A 610 -16.08 12.57 16.17
N LEU A 611 -15.05 12.06 15.51
CA LEU A 611 -15.24 10.88 14.68
C LEU A 611 -15.52 9.65 15.52
N TYR A 612 -14.76 9.47 16.60
CA TYR A 612 -15.07 8.43 17.51
C TYR A 612 -16.56 8.51 17.88
N SER A 613 -17.05 9.69 18.29
CA SER A 613 -18.42 9.77 18.74
C SER A 613 -19.47 9.37 17.71
N GLN A 614 -19.19 9.60 16.42
CA GLN A 614 -20.06 9.19 15.33
C GLN A 614 -19.92 7.70 15.13
N LEU A 615 -18.70 7.20 15.17
CA LEU A 615 -18.55 5.81 14.87
C LEU A 615 -19.30 4.97 15.94
N ARG A 616 -19.41 5.54 17.14
CA ARG A 616 -19.86 4.82 18.36
C ARG A 616 -21.09 3.99 18.03
N PRO A 617 -22.20 4.62 17.62
CA PRO A 617 -23.38 3.76 17.49
C PRO A 617 -23.28 2.67 16.41
N ASN A 618 -22.24 2.68 15.58
CA ASN A 618 -22.18 1.75 14.46
C ASN A 618 -21.14 0.68 14.66
N ALA A 619 -20.33 0.90 15.68
CA ALA A 619 -19.22 0.03 15.92
C ALA A 619 -19.66 -1.44 15.82
N VAL A 620 -20.78 -1.86 16.45
CA VAL A 620 -21.02 -3.27 16.37
C VAL A 620 -21.56 -3.75 15.06
N SER A 621 -22.29 -2.90 14.36
CA SER A 621 -22.78 -3.32 13.03
C SER A 621 -21.65 -3.41 12.05
N LEU A 622 -20.70 -2.48 12.10
CA LEU A 622 -19.47 -2.53 11.29
C LEU A 622 -18.61 -3.78 11.32
N VAL A 623 -18.68 -4.52 12.41
CA VAL A 623 -17.90 -5.75 12.54
C VAL A 623 -18.87 -6.90 12.22
N ASP A 624 -20.17 -6.65 12.33
CA ASP A 624 -21.12 -7.67 11.85
C ASP A 624 -20.91 -7.86 10.36
N ALA A 625 -20.49 -6.78 9.68
CA ALA A 625 -20.36 -6.80 8.21
C ALA A 625 -19.24 -7.74 7.76
N PHE A 626 -18.34 -8.14 8.67
CA PHE A 626 -17.35 -9.17 8.30
C PHE A 626 -18.01 -10.50 8.14
N ASN A 627 -19.22 -10.63 8.63
CA ASN A 627 -20.03 -11.84 8.45
C ASN A 627 -19.39 -13.14 8.93
N TYR A 628 -18.61 -13.13 10.02
CA TYR A 628 -17.98 -14.32 10.58
C TYR A 628 -18.92 -15.19 11.41
N THR A 629 -18.84 -16.51 11.26
CA THR A 629 -19.54 -17.42 12.19
C THR A 629 -18.82 -17.52 13.53
N ASP A 630 -19.51 -17.93 14.58
CA ASP A 630 -18.87 -18.17 15.82
C ASP A 630 -17.79 -19.26 15.63
N HIS A 631 -18.05 -20.28 14.81
CA HIS A 631 -17.08 -21.32 14.62
C HIS A 631 -15.81 -20.67 14.13
N TYR A 632 -15.87 -19.82 13.13
CA TYR A 632 -14.60 -19.28 12.66
C TYR A 632 -13.97 -18.47 13.77
N LEU A 633 -14.78 -17.73 14.46
CA LEU A 633 -14.23 -16.71 15.33
C LEU A 633 -13.73 -17.32 16.66
N GLY A 634 -14.19 -18.53 17.05
CA GLY A 634 -13.72 -19.27 18.26
C GLY A 634 -13.39 -18.43 19.48
N SER A 635 -14.27 -17.51 19.81
CA SER A 635 -14.09 -16.64 20.92
C SER A 635 -15.40 -16.57 21.76
N ILE A 636 -15.32 -16.92 23.02
CA ILE A 636 -16.46 -16.70 23.85
C ILE A 636 -16.67 -15.19 24.00
N LEU A 637 -15.61 -14.40 24.18
CA LEU A 637 -15.81 -12.96 24.40
C LEU A 637 -16.51 -12.31 23.25
N GLY A 638 -16.36 -12.92 22.07
CA GLY A 638 -16.84 -12.36 20.87
C GLY A 638 -18.07 -13.02 20.27
N ARG A 639 -18.80 -13.78 21.07
CA ARG A 639 -19.97 -14.44 20.57
C ARG A 639 -20.94 -13.49 19.89
N TYR A 640 -21.51 -13.87 18.76
CA TYR A 640 -22.50 -13.00 18.10
C TYR A 640 -23.56 -12.51 19.05
N ASP A 641 -24.01 -13.37 19.95
CA ASP A 641 -25.25 -13.13 20.74
C ASP A 641 -24.97 -12.43 22.02
N GLY A 642 -23.69 -12.17 22.33
CA GLY A 642 -23.28 -11.41 23.50
C GLY A 642 -23.43 -12.09 24.84
N ASN A 643 -23.74 -13.37 24.85
CA ASN A 643 -23.93 -14.13 26.04
C ASN A 643 -22.59 -14.64 26.61
N VAL A 644 -21.75 -13.70 27.02
CA VAL A 644 -20.39 -13.99 27.40
C VAL A 644 -20.22 -14.78 28.68
N TYR A 645 -20.50 -14.19 29.85
CA TYR A 645 -20.20 -14.80 31.14
C TYR A 645 -20.78 -16.21 31.33
N PRO A 646 -22.07 -16.47 30.98
CA PRO A 646 -22.45 -17.88 31.28
C PRO A 646 -21.61 -18.85 30.47
N LYS A 647 -21.31 -18.45 29.23
CA LYS A 647 -20.41 -19.28 28.43
C LYS A 647 -18.96 -19.45 28.95
N LEU A 648 -18.30 -18.37 29.39
CA LEU A 648 -17.01 -18.56 30.15
C LEU A 648 -17.19 -19.56 31.29
N TYR A 649 -18.20 -19.34 32.10
CA TYR A 649 -18.41 -20.18 33.24
C TYR A 649 -18.57 -21.66 32.79
N GLU A 650 -19.22 -21.92 31.66
CA GLU A 650 -19.40 -23.33 31.29
C GLU A 650 -18.11 -23.93 30.73
N ALA A 651 -17.36 -23.10 30.03
CA ALA A 651 -15.99 -23.42 29.57
C ALA A 651 -15.05 -23.88 30.68
N ALA A 652 -15.04 -23.19 31.80
CA ALA A 652 -14.17 -23.59 32.88
C ALA A 652 -14.33 -25.07 33.22
N TRP A 653 -15.54 -25.57 33.25
CA TRP A 653 -15.72 -26.95 33.72
C TRP A 653 -15.13 -28.00 32.75
N LYS A 654 -14.85 -27.57 31.52
CA LYS A 654 -14.29 -28.46 30.55
C LYS A 654 -12.80 -28.60 30.69
N ASP A 655 -12.13 -27.82 31.54
CA ASP A 655 -10.71 -27.98 31.69
C ASP A 655 -10.37 -29.26 32.47
N PRO A 656 -9.32 -29.98 32.02
CA PRO A 656 -8.89 -31.29 32.58
C PRO A 656 -8.58 -31.28 34.10
N LEU A 657 -8.08 -30.14 34.62
CA LEU A 657 -7.96 -29.91 36.07
C LEU A 657 -9.30 -29.96 36.81
N ASN A 658 -10.41 -29.77 36.12
CA ASN A 658 -11.70 -29.81 36.77
C ASN A 658 -12.33 -31.20 36.67
N LYS A 659 -11.56 -32.12 36.07
CA LYS A 659 -12.01 -33.51 35.93
C LYS A 659 -12.20 -34.25 37.28
N SER A 660 -11.49 -33.83 38.34
CA SER A 660 -11.96 -34.12 39.72
C SER A 660 -11.79 -32.90 40.67
N ASP A 661 -12.10 -33.07 41.96
CA ASP A 661 -11.89 -32.03 42.98
C ASP A 661 -10.47 -32.01 43.60
N ILE A 662 -9.79 -33.16 43.59
CA ILE A 662 -8.39 -33.28 44.01
C ILE A 662 -7.45 -33.30 42.79
N ALA A 663 -6.51 -32.36 42.73
CA ALA A 663 -5.55 -32.34 41.67
C ALA A 663 -4.57 -33.46 41.85
N ASP A 664 -4.16 -34.11 40.76
CA ASP A 664 -2.98 -34.97 40.85
C ASP A 664 -1.84 -34.10 41.28
N GLY A 665 -1.09 -34.59 42.26
CA GLY A 665 -0.07 -33.83 42.93
C GLY A 665 -0.45 -33.76 44.39
N PHE A 666 -1.67 -33.35 44.67
CA PHE A 666 -2.04 -32.98 46.04
C PHE A 666 -1.61 -33.85 47.22
N HIS A 667 -2.08 -35.10 47.28
CA HIS A 667 -1.85 -35.89 48.49
C HIS A 667 -0.38 -36.28 48.59
N GLU A 668 0.25 -36.40 47.44
CA GLU A 668 1.62 -36.78 47.36
C GLU A 668 2.51 -35.62 47.86
N TYR A 669 2.24 -34.39 47.43
CA TYR A 669 3.08 -33.25 47.78
C TYR A 669 2.46 -32.23 48.68
N ILE A 670 1.21 -31.88 48.50
CA ILE A 670 0.73 -30.79 49.33
C ILE A 670 0.13 -31.25 50.68
N ARG A 671 -0.40 -32.48 50.74
CA ARG A 671 -1.02 -32.86 51.99
C ARG A 671 -0.03 -32.93 53.17
N PRO A 672 1.14 -33.55 52.96
CA PRO A 672 2.16 -33.57 53.96
C PRO A 672 2.69 -32.20 54.30
N LEU A 673 2.74 -31.27 53.34
CA LEU A 673 3.20 -29.91 53.68
C LEU A 673 2.20 -29.30 54.64
N LEU A 674 0.91 -29.56 54.45
CA LEU A 674 -0.11 -28.91 55.27
C LEU A 674 -0.04 -29.48 56.68
N LYS A 675 -0.04 -30.81 56.78
CA LYS A 675 0.05 -31.56 58.05
C LYS A 675 1.51 -31.93 58.40
N GLY B 22 34.17 -26.57 25.47
CA GLY B 22 33.17 -25.54 25.09
C GLY B 22 33.79 -24.15 25.00
N VAL B 23 33.93 -23.63 23.78
CA VAL B 23 34.38 -22.26 23.61
C VAL B 23 33.29 -21.25 24.05
N ASP B 24 33.69 -20.01 24.34
CA ASP B 24 32.76 -18.91 24.48
C ASP B 24 32.76 -18.15 23.17
N TYR B 25 31.81 -18.42 22.31
CA TYR B 25 31.64 -17.63 21.09
C TYR B 25 31.31 -16.16 21.28
N LEU B 26 31.34 -15.66 22.50
CA LEU B 26 31.11 -14.23 22.74
C LEU B 26 32.26 -13.60 23.53
N ALA B 27 33.35 -14.37 23.65
CA ALA B 27 34.54 -13.91 24.34
C ALA B 27 35.10 -12.60 23.70
N ASP B 28 35.01 -12.51 22.37
CA ASP B 28 35.46 -11.34 21.61
C ASP B 28 34.62 -10.08 21.88
N GLU B 29 33.28 -10.26 21.93
CA GLU B 29 32.34 -9.18 22.31
C GLU B 29 32.52 -8.75 23.75
N ARG B 30 32.76 -9.71 24.64
CA ARG B 30 33.09 -9.41 26.05
C ARG B 30 34.39 -8.58 26.22
N LYS B 31 35.48 -8.98 25.52
CA LYS B 31 36.74 -8.24 25.57
C LYS B 31 36.54 -6.75 25.32
N LYS B 32 35.74 -6.43 24.30
CA LYS B 32 35.49 -5.04 23.86
C LYS B 32 34.92 -4.10 24.92
N ALA B 33 34.68 -4.64 26.13
CA ALA B 33 33.97 -3.88 27.18
C ALA B 33 34.92 -2.82 27.67
N GLY B 34 34.36 -1.65 28.00
CA GLY B 34 35.10 -0.49 28.44
C GLY B 34 34.58 -0.07 29.80
N PHE B 35 34.40 -1.07 30.68
CA PHE B 35 33.98 -0.88 32.06
C PHE B 35 34.12 -2.19 32.83
N ASP B 36 33.95 -2.08 34.15
CA ASP B 36 34.13 -3.18 35.12
C ASP B 36 32.76 -3.88 35.31
N VAL B 37 32.65 -5.12 34.84
CA VAL B 37 31.36 -5.82 34.88
C VAL B 37 31.02 -6.20 36.32
N ASP B 38 32.04 -6.53 37.11
CA ASP B 38 31.84 -6.96 38.50
C ASP B 38 31.15 -5.85 39.28
N GLU B 39 31.55 -4.61 39.03
CA GLU B 39 30.84 -3.51 39.67
C GLU B 39 29.45 -3.27 39.05
N MET B 40 29.32 -3.40 37.73
CA MET B 40 28.00 -3.26 37.14
C MET B 40 27.00 -4.25 37.73
N LYS B 41 27.45 -5.48 37.90
CA LYS B 41 26.70 -6.45 38.58
C LYS B 41 26.16 -5.83 39.86
N ILE B 42 27.05 -5.23 40.67
CA ILE B 42 26.61 -4.67 41.95
C ILE B 42 25.60 -3.55 41.70
N VAL B 43 25.81 -2.72 40.71
CA VAL B 43 24.80 -1.67 40.51
C VAL B 43 23.41 -2.23 40.20
N TRP B 44 23.36 -3.21 39.30
CA TRP B 44 22.11 -3.84 38.96
C TRP B 44 21.50 -4.46 40.18
N ALA B 45 22.27 -5.24 40.92
CA ALA B 45 21.70 -5.87 42.09
C ALA B 45 21.16 -4.86 43.11
N GLY B 46 21.73 -3.63 43.15
CA GLY B 46 21.32 -2.59 44.13
C GLY B 46 22.27 -2.29 45.33
N SER B 47 23.01 -3.30 45.81
CA SER B 47 23.94 -3.26 46.95
C SER B 47 24.76 -4.56 46.91
N ARG B 48 25.78 -4.65 47.78
CA ARG B 48 26.69 -5.82 47.85
C ARG B 48 26.00 -6.94 48.56
N HIS B 49 25.21 -6.55 49.56
CA HIS B 49 24.37 -7.46 50.22
C HIS B 49 23.44 -8.10 49.18
N ASP B 50 22.76 -7.28 48.37
CA ASP B 50 21.76 -7.81 47.43
C ASP B 50 22.39 -8.79 46.47
N PHE B 51 23.52 -8.38 45.93
CA PHE B 51 24.21 -9.17 44.94
C PHE B 51 24.69 -10.52 45.51
N GLU B 52 25.33 -10.49 46.68
CA GLU B 52 25.72 -11.68 47.38
C GLU B 52 24.56 -12.67 47.51
N LEU B 53 23.38 -12.15 47.79
CA LEU B 53 22.19 -12.95 48.06
C LEU B 53 21.57 -13.42 46.76
N THR B 54 21.45 -12.53 45.78
CA THR B 54 21.01 -12.98 44.50
C THR B 54 21.96 -14.06 43.99
N ASP B 55 23.26 -13.80 44.04
CA ASP B 55 24.18 -14.72 43.41
C ASP B 55 24.17 -16.14 43.99
N ARG B 56 24.03 -16.23 45.31
CA ARG B 56 24.15 -17.52 45.97
C ARG B 56 22.82 -18.30 45.86
N ILE B 57 21.69 -17.61 45.76
CA ILE B 57 20.43 -18.31 45.74
C ILE B 57 20.12 -18.75 44.30
N SER B 58 20.34 -17.83 43.38
CA SER B 58 20.53 -18.08 41.96
C SER B 58 21.16 -19.42 41.67
N LYS B 59 22.42 -19.57 42.06
CA LYS B 59 23.22 -20.67 41.60
C LYS B 59 22.81 -21.93 42.31
N LEU B 60 22.22 -21.71 43.46
CA LEU B 60 21.75 -22.80 44.23
C LEU B 60 20.42 -23.34 43.68
N VAL B 61 19.62 -22.49 43.09
CA VAL B 61 18.43 -22.96 42.39
C VAL B 61 18.86 -23.70 41.12
N ALA B 62 19.77 -23.05 40.39
CA ALA B 62 20.27 -23.46 39.08
C ALA B 62 20.96 -24.79 39.07
N SER B 63 21.65 -25.15 40.13
CA SER B 63 22.45 -26.35 39.98
C SER B 63 21.83 -27.48 40.76
N ASP B 64 20.50 -27.52 40.80
CA ASP B 64 19.79 -28.54 41.51
C ASP B 64 18.78 -29.22 40.65
N PRO B 65 19.08 -30.50 40.35
CA PRO B 65 18.24 -31.37 39.50
C PRO B 65 16.77 -31.08 39.67
N GLY B 66 16.32 -31.05 40.93
CA GLY B 66 14.91 -30.91 41.28
C GLY B 66 14.26 -29.59 40.91
N PHE B 67 15.02 -28.60 40.45
CA PHE B 67 14.43 -27.38 39.90
C PHE B 67 14.57 -27.24 38.39
N SER B 68 14.93 -28.31 37.70
CA SER B 68 15.04 -28.29 36.25
C SER B 68 13.73 -27.87 35.56
N LYS B 69 13.84 -27.09 34.50
CA LYS B 69 12.67 -26.72 33.72
C LYS B 69 12.64 -27.55 32.48
N GLU B 70 13.49 -28.56 32.42
CA GLU B 70 13.59 -29.36 31.19
C GLU B 70 12.21 -29.94 30.96
N GLY B 71 11.76 -29.93 29.71
CA GLY B 71 10.48 -30.54 29.37
C GLY B 71 9.21 -29.78 29.66
N ARG B 72 9.29 -28.67 30.43
CA ARG B 72 8.08 -28.06 31.01
C ARG B 72 7.02 -27.65 30.01
N THR B 73 7.46 -27.03 28.94
CA THR B 73 6.62 -26.53 27.87
C THR B 73 5.76 -27.56 27.13
N MET B 74 6.15 -28.84 27.14
CA MET B 74 5.37 -29.92 26.49
C MET B 74 4.49 -30.80 27.40
N LEU B 75 4.32 -30.43 28.67
CA LEU B 75 3.50 -31.24 29.58
C LEU B 75 2.00 -30.95 29.40
N PRO B 76 1.15 -31.98 29.39
CA PRO B 76 -0.27 -31.63 29.43
C PRO B 76 -0.56 -30.99 30.76
N ARG B 77 -1.57 -30.14 30.82
CA ARG B 77 -1.92 -29.40 32.02
C ARG B 77 -1.85 -30.22 33.32
N LYS B 78 -2.55 -31.36 33.37
CA LYS B 78 -2.45 -32.26 34.56
C LYS B 78 -1.00 -32.57 35.02
N GLU B 79 -0.09 -33.07 34.15
CA GLU B 79 1.30 -33.32 34.62
C GLU B 79 2.08 -32.05 34.90
N LEU B 80 1.82 -31.01 34.12
CA LEU B 80 2.39 -29.72 34.37
C LEU B 80 2.07 -29.39 35.80
N PHE B 81 0.79 -29.47 36.16
CA PHE B 81 0.37 -29.09 37.51
C PHE B 81 0.91 -29.96 38.65
N LYS B 82 1.01 -31.27 38.39
CA LYS B 82 1.48 -32.18 39.40
C LYS B 82 2.92 -31.77 39.57
N ASN B 83 3.60 -31.62 38.44
CA ASN B 83 4.93 -31.13 38.46
C ASN B 83 5.10 -29.79 39.19
N THR B 84 4.21 -28.84 39.04
CA THR B 84 4.33 -27.64 39.84
C THR B 84 4.26 -27.99 41.31
N LEU B 85 3.33 -28.86 41.68
CA LEU B 85 3.14 -29.12 43.11
C LEU B 85 4.43 -29.64 43.68
N ARG B 86 5.03 -30.58 42.95
CA ARG B 86 6.28 -31.20 43.33
C ARG B 86 7.39 -30.23 43.63
N LYS B 87 7.63 -29.32 42.68
CA LYS B 87 8.59 -28.26 42.83
C LYS B 87 8.17 -27.35 43.97
N ALA B 88 6.89 -27.03 44.09
CA ALA B 88 6.46 -26.18 45.19
C ALA B 88 6.83 -26.78 46.62
N ALA B 89 6.53 -28.06 46.81
CA ALA B 89 6.94 -28.80 47.97
C ALA B 89 8.45 -28.82 48.11
N TYR B 90 9.15 -29.12 47.01
CA TYR B 90 10.59 -29.33 47.15
C TYR B 90 11.24 -28.02 47.60
N ALA B 91 10.83 -26.91 47.00
CA ALA B 91 11.28 -25.61 47.38
C ALA B 91 10.98 -25.30 48.85
N TRP B 92 9.76 -25.58 49.31
CA TRP B 92 9.48 -25.34 50.73
C TRP B 92 10.52 -26.09 51.55
N LYS B 93 10.67 -27.37 51.28
CA LYS B 93 11.69 -28.18 51.90
C LYS B 93 13.11 -27.58 51.77
N ARG B 94 13.48 -26.88 50.71
CA ARG B 94 14.84 -26.32 50.78
C ARG B 94 14.85 -25.08 51.66
N ILE B 95 13.73 -24.33 51.66
CA ILE B 95 13.66 -23.16 52.51
C ILE B 95 13.88 -23.56 53.97
N ILE B 96 13.32 -24.69 54.37
CA ILE B 96 13.46 -25.12 55.73
C ILE B 96 14.86 -25.62 55.95
N GLU B 97 15.24 -26.66 55.20
CA GLU B 97 16.51 -27.34 55.42
C GLU B 97 17.74 -26.45 55.37
N LEU B 98 17.62 -25.29 54.71
CA LEU B 98 18.73 -24.34 54.63
C LEU B 98 18.47 -23.11 55.50
N ARG B 99 17.38 -23.14 56.27
CA ARG B 99 17.07 -22.08 57.26
C ARG B 99 17.07 -20.67 56.64
N LEU B 100 16.74 -20.58 55.36
CA LEU B 100 16.63 -19.32 54.66
C LEU B 100 15.69 -18.40 55.39
N SER B 101 16.00 -17.11 55.46
CA SER B 101 15.05 -16.08 55.87
C SER B 101 13.93 -15.90 54.84
N GLN B 102 12.86 -15.20 55.22
CA GLN B 102 11.78 -14.89 54.27
C GLN B 102 12.24 -14.08 53.04
N GLU B 103 13.17 -13.16 53.26
CA GLU B 103 13.79 -12.46 52.14
C GLU B 103 14.43 -13.51 51.21
N GLU B 104 15.26 -14.36 51.78
CA GLU B 104 15.93 -15.39 50.99
C GLU B 104 14.97 -16.34 50.25
N ALA B 105 13.90 -16.76 50.93
CA ALA B 105 12.84 -17.56 50.37
C ALA B 105 12.14 -16.85 49.23
N THR B 106 12.01 -15.53 49.31
CA THR B 106 11.42 -14.83 48.14
C THR B 106 12.30 -15.05 46.87
N MET B 107 13.58 -14.74 47.02
CA MET B 107 14.60 -15.00 46.06
C MET B 107 14.47 -16.45 45.58
N LEU B 108 14.48 -17.42 46.49
CA LEU B 108 14.49 -18.80 46.08
C LEU B 108 13.33 -19.08 45.15
N ARG B 109 12.15 -18.65 45.54
CA ARG B 109 11.03 -18.87 44.63
C ARG B 109 11.21 -18.11 43.32
N ARG B 110 11.82 -16.92 43.35
CA ARG B 110 11.98 -16.19 42.09
C ARG B 110 12.70 -17.09 41.09
N TYR B 111 13.79 -17.68 41.52
CA TYR B 111 14.65 -18.40 40.61
C TYR B 111 14.16 -19.80 40.16
N VAL B 112 13.29 -20.41 40.96
CA VAL B 112 12.52 -21.55 40.53
C VAL B 112 11.71 -21.17 39.25
N ASP B 113 11.26 -19.93 39.19
CA ASP B 113 10.75 -19.30 37.97
C ASP B 113 9.53 -19.96 37.38
N GLU B 114 8.50 -20.22 38.17
CA GLU B 114 7.30 -20.87 37.69
C GLU B 114 6.09 -20.31 38.40
N PRO B 115 5.13 -19.72 37.68
CA PRO B 115 3.98 -19.25 38.47
C PRO B 115 3.34 -20.41 39.24
N ALA B 116 2.97 -20.19 40.49
CA ALA B 116 2.29 -21.21 41.30
C ALA B 116 1.65 -20.53 42.47
N PHE B 117 0.75 -21.22 43.15
CA PHE B 117 0.03 -20.72 44.34
C PHE B 117 0.93 -20.05 45.38
N THR B 118 2.10 -20.61 45.66
CA THR B 118 2.99 -20.01 46.64
C THR B 118 3.17 -18.48 46.43
N ASP B 119 3.20 -18.06 45.19
CA ASP B 119 3.18 -16.64 44.86
C ASP B 119 2.04 -15.85 45.52
N LEU B 120 0.81 -16.37 45.53
CA LEU B 120 -0.28 -15.63 46.16
C LEU B 120 -0.36 -15.73 47.71
N HIS B 121 -0.04 -16.93 48.22
CA HIS B 121 -0.06 -17.17 49.64
C HIS B 121 0.90 -16.17 50.31
N TRP B 122 2.20 -16.21 49.99
CA TRP B 122 3.17 -15.23 50.46
C TRP B 122 2.96 -13.82 49.95
N GLY B 123 2.48 -13.73 48.71
CA GLY B 123 2.46 -12.48 47.99
C GLY B 123 1.25 -11.66 48.26
N MET B 124 0.09 -12.27 48.55
CA MET B 124 -1.14 -11.51 48.76
C MET B 124 -1.93 -11.92 50.02
N PHE B 125 -2.04 -13.23 50.29
CA PHE B 125 -2.82 -13.76 51.41
C PHE B 125 -2.22 -13.33 52.72
N ILE B 126 -0.93 -13.54 52.93
CA ILE B 126 -0.32 -13.04 54.12
C ILE B 126 -0.36 -11.50 54.19
N PRO B 127 0.13 -10.79 53.15
CA PRO B 127 0.01 -9.32 53.28
C PRO B 127 -1.38 -8.77 53.59
N ALA B 128 -2.43 -9.45 53.16
CA ALA B 128 -3.77 -8.97 53.48
C ALA B 128 -4.11 -9.13 54.95
N ILE B 129 -3.72 -10.25 55.54
CA ILE B 129 -3.97 -10.43 56.95
C ILE B 129 -3.16 -9.42 57.79
N LYS B 130 -1.85 -9.34 57.51
CA LYS B 130 -0.95 -8.36 58.11
C LYS B 130 -1.50 -6.93 58.09
N GLY B 131 -1.84 -6.46 56.91
CA GLY B 131 -2.40 -5.13 56.75
C GLY B 131 -3.79 -4.94 57.30
N GLN B 132 -4.60 -5.99 57.35
CA GLN B 132 -6.01 -5.71 57.68
C GLN B 132 -6.58 -6.49 58.85
N GLY B 133 -5.80 -7.37 59.46
CA GLY B 133 -6.32 -8.08 60.63
C GLY B 133 -5.95 -7.30 61.88
N THR B 134 -6.70 -7.49 62.96
CA THR B 134 -6.38 -6.87 64.25
C THR B 134 -5.10 -7.51 64.81
N ASP B 135 -4.57 -6.96 65.91
CA ASP B 135 -3.46 -7.59 66.62
C ASP B 135 -3.78 -9.07 66.87
N LYS B 136 -4.91 -9.34 67.54
CA LYS B 136 -5.37 -10.72 67.80
C LYS B 136 -5.41 -11.58 66.51
N GLN B 137 -6.08 -11.10 65.45
CA GLN B 137 -6.28 -11.88 64.20
C GLN B 137 -4.99 -12.37 63.57
N GLN B 138 -4.02 -11.48 63.48
CA GLN B 138 -2.65 -11.82 63.04
C GLN B 138 -1.95 -12.84 63.97
N GLU B 139 -2.08 -12.68 65.28
CA GLU B 139 -1.51 -13.69 66.18
C GLU B 139 -2.12 -15.07 65.82
N LYS B 140 -3.43 -15.16 65.63
CA LYS B 140 -3.98 -16.44 65.26
C LYS B 140 -3.65 -16.92 63.85
N TRP B 141 -3.88 -16.13 62.81
CA TRP B 141 -3.74 -16.69 61.47
C TRP B 141 -2.30 -16.77 60.90
N LEU B 142 -1.40 -15.90 61.33
CA LEU B 142 -0.12 -15.80 60.67
C LEU B 142 0.79 -16.95 61.00
N PRO B 143 0.83 -17.40 62.28
CA PRO B 143 1.71 -18.55 62.51
C PRO B 143 1.28 -19.73 61.58
N LEU B 144 -0.02 -19.94 61.41
CA LEU B 144 -0.49 -21.01 60.53
C LEU B 144 0.03 -20.86 59.10
N ALA B 145 -0.21 -19.70 58.49
CA ALA B 145 0.28 -19.39 57.15
C ALA B 145 1.81 -19.43 57.01
N TYR B 146 2.56 -19.00 58.05
CA TYR B 146 4.03 -19.02 58.01
C TYR B 146 4.62 -20.40 57.90
N LYS B 147 3.96 -21.36 58.55
CA LYS B 147 4.37 -22.78 58.42
C LYS B 147 3.56 -23.53 57.40
N MET B 148 2.67 -22.83 56.71
CA MET B 148 1.89 -23.50 55.69
C MET B 148 1.13 -24.64 56.24
N GLN B 149 0.62 -24.53 57.47
CA GLN B 149 -0.43 -25.43 57.91
C GLN B 149 -1.75 -25.04 57.26
N ILE B 150 -1.77 -23.93 56.52
CA ILE B 150 -2.91 -23.55 55.71
C ILE B 150 -2.39 -22.89 54.47
N ILE B 151 -3.15 -22.96 53.37
CA ILE B 151 -2.71 -22.36 52.16
C ILE B 151 -3.79 -21.46 51.62
N GLY B 152 -3.45 -20.19 51.52
CA GLY B 152 -4.40 -19.16 51.32
C GLY B 152 -4.16 -18.46 50.01
N CYS B 153 -5.25 -17.98 49.40
CA CYS B 153 -5.18 -17.15 48.25
C CYS B 153 -6.00 -15.84 48.52
N TYR B 154 -6.15 -14.97 47.50
CA TYR B 154 -6.79 -13.65 47.64
C TYR B 154 -7.90 -13.44 46.61
N ALA B 155 -9.14 -13.59 47.03
CA ALA B 155 -10.25 -13.70 46.12
C ALA B 155 -11.02 -12.38 46.02
N GLN B 156 -10.63 -11.51 45.10
CA GLN B 156 -11.34 -10.25 44.99
C GLN B 156 -12.11 -10.14 43.68
N THR B 157 -11.42 -10.28 42.55
CA THR B 157 -12.05 -10.20 41.21
C THR B 157 -13.22 -11.13 41.10
N GLU B 158 -14.26 -10.73 40.37
CA GLU B 158 -15.40 -11.59 40.13
C GLU B 158 -15.57 -11.62 38.62
N LEU B 159 -16.42 -12.52 38.07
CA LEU B 159 -16.65 -12.57 36.63
C LEU B 159 -16.91 -11.21 36.11
N GLY B 160 -17.79 -10.48 36.81
CA GLY B 160 -18.31 -9.23 36.32
C GLY B 160 -17.63 -7.95 36.80
N HIS B 161 -16.70 -8.09 37.78
CA HIS B 161 -15.87 -6.99 38.27
C HIS B 161 -14.42 -7.28 38.57
N GLY B 162 -13.55 -6.47 37.99
CA GLY B 162 -12.12 -6.61 38.05
C GLY B 162 -11.58 -5.26 38.52
N SER B 163 -11.53 -4.28 37.64
CA SER B 163 -11.09 -2.96 37.99
C SER B 163 -12.00 -2.28 38.97
N ASN B 164 -13.33 -2.37 38.78
CA ASN B 164 -14.22 -1.64 39.65
C ASN B 164 -14.58 -2.44 40.90
N VAL B 165 -13.62 -2.43 41.85
CA VAL B 165 -13.70 -3.20 43.13
C VAL B 165 -14.90 -2.77 43.89
N GLN B 166 -15.26 -1.49 43.84
CA GLN B 166 -16.36 -0.99 44.66
C GLN B 166 -17.69 -1.57 44.24
N GLY B 167 -17.71 -2.27 43.11
CA GLY B 167 -18.95 -2.76 42.57
C GLY B 167 -19.07 -4.25 42.64
N LEU B 168 -18.24 -4.93 43.45
CA LEU B 168 -18.35 -6.39 43.60
C LEU B 168 -19.74 -6.79 44.08
N GLU B 169 -20.16 -7.99 43.71
CA GLU B 169 -21.51 -8.42 44.05
C GLU B 169 -21.56 -9.44 45.17
N THR B 170 -20.45 -10.09 45.48
CA THR B 170 -20.44 -11.07 46.59
C THR B 170 -20.85 -10.35 47.88
N THR B 171 -21.78 -10.95 48.66
CA THR B 171 -22.18 -10.35 49.94
C THR B 171 -21.83 -11.12 51.20
N ALA B 172 -21.60 -10.37 52.27
CA ALA B 172 -21.30 -10.91 53.60
C ALA B 172 -22.26 -10.31 54.59
N THR B 173 -23.20 -11.12 55.08
CA THR B 173 -24.36 -10.59 55.77
C THR B 173 -24.34 -11.03 57.21
N PHE B 174 -24.28 -10.07 58.12
CA PHE B 174 -24.06 -10.47 59.45
C PHE B 174 -25.33 -11.10 59.98
N ASP B 175 -25.15 -12.14 60.78
CA ASP B 175 -26.26 -12.81 61.45
C ASP B 175 -26.24 -12.68 63.01
N PRO B 176 -26.87 -11.61 63.54
CA PRO B 176 -26.95 -11.39 65.00
C PRO B 176 -27.42 -12.61 65.80
N GLN B 177 -28.43 -13.36 65.30
CA GLN B 177 -28.91 -14.59 65.96
C GLN B 177 -27.79 -15.64 66.17
N THR B 178 -26.75 -15.61 65.34
CA THR B 178 -25.75 -16.69 65.37
C THR B 178 -24.25 -16.33 65.43
N ASP B 179 -23.95 -15.01 65.47
CA ASP B 179 -22.59 -14.40 65.40
C ASP B 179 -21.72 -14.98 64.29
N GLU B 180 -22.25 -14.92 63.08
CA GLU B 180 -21.56 -15.40 61.89
C GLU B 180 -21.81 -14.38 60.79
N PHE B 181 -20.92 -14.29 59.81
CA PHE B 181 -21.35 -13.77 58.55
C PHE B 181 -21.74 -14.90 57.63
N VAL B 182 -22.76 -14.64 56.81
CA VAL B 182 -23.11 -15.49 55.65
C VAL B 182 -22.48 -14.91 54.36
N ILE B 183 -21.54 -15.62 53.74
CA ILE B 183 -21.01 -15.19 52.47
C ILE B 183 -21.88 -15.82 51.36
N HIS B 184 -22.42 -15.00 50.48
CA HIS B 184 -23.24 -15.50 49.42
C HIS B 184 -22.91 -14.86 48.06
N SER B 185 -22.98 -15.68 46.99
CA SER B 185 -22.78 -15.23 45.62
C SER B 185 -24.18 -15.07 45.04
N PRO B 186 -24.70 -13.86 45.02
CA PRO B 186 -26.08 -13.85 44.57
C PRO B 186 -26.23 -14.24 43.09
N THR B 187 -25.23 -14.03 42.24
CA THR B 187 -25.45 -14.24 40.80
C THR B 187 -24.28 -14.98 40.18
N LEU B 188 -24.51 -15.56 39.01
CA LEU B 188 -23.43 -16.10 38.20
C LEU B 188 -22.21 -15.16 38.13
N THR B 189 -22.40 -13.89 37.80
CA THR B 189 -21.29 -13.02 37.54
C THR B 189 -20.57 -12.57 38.81
N SER B 190 -21.17 -12.87 39.97
CA SER B 190 -20.54 -12.46 41.20
C SER B 190 -19.58 -13.53 41.54
N SER B 191 -19.66 -14.64 40.84
CA SER B 191 -18.65 -15.68 41.02
C SER B 191 -17.22 -15.10 41.09
N LYS B 192 -16.40 -15.51 42.04
CA LYS B 192 -14.95 -15.12 41.97
C LYS B 192 -14.26 -15.81 40.78
N TRP B 193 -13.29 -15.14 40.14
CA TRP B 193 -12.73 -15.63 38.90
C TRP B 193 -11.39 -14.99 38.81
N TRP B 194 -10.32 -15.77 38.57
CA TRP B 194 -8.91 -15.28 38.44
C TRP B 194 -7.95 -15.54 39.58
N PRO B 195 -8.42 -15.55 40.84
CA PRO B 195 -7.50 -15.53 41.97
C PRO B 195 -6.58 -16.75 41.96
N GLY B 196 -5.28 -16.51 41.91
CA GLY B 196 -4.40 -17.64 41.75
C GLY B 196 -4.29 -18.47 43.03
N GLY B 197 -4.25 -19.80 42.90
CA GLY B 197 -3.99 -20.69 44.01
C GLY B 197 -5.30 -21.20 44.51
N LEU B 198 -6.37 -20.72 43.91
CA LEU B 198 -7.70 -21.00 44.43
C LEU B 198 -8.29 -22.19 43.73
N GLY B 199 -8.00 -22.32 42.44
CA GLY B 199 -8.49 -23.43 41.65
C GLY B 199 -8.52 -24.73 42.40
N LYS B 200 -7.36 -25.19 42.87
CA LYS B 200 -7.14 -26.56 43.37
C LYS B 200 -6.37 -26.63 44.68
N VAL B 201 -5.38 -25.76 44.84
CA VAL B 201 -4.49 -25.83 45.98
C VAL B 201 -5.00 -25.23 47.28
N SER B 202 -5.43 -23.99 47.27
CA SER B 202 -5.79 -23.31 48.48
C SER B 202 -6.80 -23.98 49.42
N THR B 203 -6.49 -23.95 50.73
CA THR B 203 -7.44 -24.27 51.80
C THR B 203 -8.25 -23.07 52.29
N HIS B 204 -7.74 -21.86 52.15
CA HIS B 204 -8.50 -20.70 52.64
C HIS B 204 -8.31 -19.57 51.67
N ALA B 205 -9.22 -18.59 51.78
CA ALA B 205 -9.07 -17.33 51.08
C ALA B 205 -9.46 -16.16 51.97
N VAL B 206 -8.85 -15.00 51.72
CA VAL B 206 -9.46 -13.72 52.05
C VAL B 206 -10.38 -13.48 50.89
N VAL B 207 -11.68 -13.36 51.18
CA VAL B 207 -12.76 -13.10 50.22
C VAL B 207 -13.22 -11.69 50.46
N TYR B 208 -13.02 -10.82 49.48
CA TYR B 208 -13.68 -9.50 49.45
C TYR B 208 -15.20 -9.56 49.12
N ALA B 209 -16.02 -8.90 49.91
CA ALA B 209 -17.47 -8.90 49.75
C ALA B 209 -18.08 -7.66 50.38
N ARG B 210 -19.31 -7.37 50.02
CA ARG B 210 -19.92 -6.17 50.55
C ARG B 210 -20.46 -6.55 51.91
N LEU B 211 -20.04 -5.84 52.94
CA LEU B 211 -20.58 -6.06 54.27
C LEU B 211 -22.02 -5.50 54.43
N ILE B 212 -22.97 -6.39 54.72
CA ILE B 212 -24.34 -6.05 55.02
C ILE B 212 -24.63 -6.39 56.51
N THR B 213 -24.86 -5.37 57.30
CA THR B 213 -25.16 -5.56 58.70
C THR B 213 -26.00 -4.35 59.10
N ASP B 214 -26.92 -4.59 60.05
CA ASP B 214 -27.91 -3.57 60.45
C ASP B 214 -28.76 -3.10 59.25
N GLY B 215 -29.10 -3.99 58.32
CA GLY B 215 -29.82 -3.56 57.12
C GLY B 215 -29.27 -2.29 56.48
N LYS B 216 -27.94 -2.26 56.28
CA LYS B 216 -27.23 -1.19 55.55
C LYS B 216 -25.94 -1.75 54.93
N ASP B 217 -25.49 -1.12 53.83
CA ASP B 217 -24.33 -1.59 53.05
C ASP B 217 -23.12 -0.74 53.41
N TYR B 218 -22.17 -1.34 54.11
CA TYR B 218 -21.00 -0.58 54.59
C TYR B 218 -19.81 -0.77 53.64
N GLY B 219 -20.05 -1.32 52.47
CA GLY B 219 -18.99 -1.47 51.47
C GLY B 219 -18.04 -2.67 51.60
N VAL B 220 -17.06 -2.75 50.70
CA VAL B 220 -16.27 -3.95 50.58
C VAL B 220 -15.29 -4.26 51.76
N ASN B 221 -15.32 -5.50 52.26
CA ASN B 221 -14.32 -5.93 53.23
C ASN B 221 -13.76 -7.31 53.01
N GLY B 222 -12.74 -7.64 53.79
CA GLY B 222 -12.01 -8.89 53.60
C GLY B 222 -12.48 -9.89 54.62
N PHE B 223 -12.78 -11.11 54.19
CA PHE B 223 -13.16 -12.15 55.11
C PHE B 223 -12.29 -13.38 54.92
N ILE B 224 -11.83 -13.93 56.03
CA ILE B 224 -11.09 -15.18 56.00
C ILE B 224 -12.07 -16.35 56.00
N VAL B 225 -12.30 -16.92 54.82
CA VAL B 225 -13.17 -18.06 54.64
C VAL B 225 -12.38 -19.32 54.29
N GLN B 226 -12.50 -20.37 55.10
CA GLN B 226 -12.00 -21.70 54.81
C GLN B 226 -12.77 -22.33 53.65
N LEU B 227 -12.04 -22.80 52.63
CA LEU B 227 -12.66 -23.30 51.39
C LEU B 227 -12.76 -24.81 51.36
N ARG B 228 -11.76 -25.47 51.92
CA ARG B 228 -11.76 -26.94 51.94
C ARG B 228 -11.41 -27.51 53.30
N SER B 229 -12.00 -28.67 53.58
CA SER B 229 -11.64 -29.47 54.73
C SER B 229 -10.11 -29.67 54.86
N LEU B 230 -9.61 -29.59 56.09
CA LEU B 230 -8.19 -29.77 56.27
C LEU B 230 -7.81 -31.24 56.27
N GLU B 231 -8.80 -32.12 56.36
CA GLU B 231 -8.51 -33.58 56.41
C GLU B 231 -8.38 -34.15 55.01
N ASP B 232 -9.28 -33.76 54.12
CA ASP B 232 -9.33 -34.42 52.84
C ASP B 232 -9.42 -33.47 51.67
N HIS B 233 -9.42 -32.17 51.93
CA HIS B 233 -9.25 -31.18 50.86
C HIS B 233 -10.49 -31.10 50.01
N LYS B 234 -11.52 -31.88 50.32
CA LYS B 234 -12.85 -31.66 49.72
C LYS B 234 -13.43 -30.26 50.06
N PRO B 235 -14.08 -29.58 49.10
CA PRO B 235 -14.71 -28.29 49.38
C PRO B 235 -15.78 -28.33 50.48
N LEU B 236 -15.74 -27.40 51.42
CA LEU B 236 -16.79 -27.35 52.48
C LEU B 236 -18.22 -27.21 51.91
N PRO B 237 -19.23 -27.61 52.68
CA PRO B 237 -20.63 -27.37 52.20
C PRO B 237 -20.86 -25.97 51.72
N GLY B 238 -21.60 -25.90 50.63
CA GLY B 238 -22.00 -24.62 50.01
C GLY B 238 -20.96 -23.95 49.16
N VAL B 239 -19.75 -24.48 49.10
CA VAL B 239 -18.67 -23.86 48.33
C VAL B 239 -18.52 -24.63 47.04
N THR B 240 -18.36 -23.92 45.91
CA THR B 240 -18.09 -24.47 44.58
C THR B 240 -16.75 -23.88 44.10
N VAL B 241 -15.75 -24.70 43.80
CA VAL B 241 -14.44 -24.17 43.40
C VAL B 241 -13.85 -24.96 42.26
N GLY B 242 -13.22 -24.27 41.32
CA GLY B 242 -12.38 -24.95 40.38
C GLY B 242 -11.48 -24.00 39.65
N ASP B 243 -10.86 -24.53 38.61
CA ASP B 243 -9.93 -23.82 37.75
C ASP B 243 -10.74 -23.26 36.58
N ILE B 244 -10.23 -22.19 36.00
CA ILE B 244 -10.95 -21.42 34.97
C ILE B 244 -10.62 -21.81 33.55
N GLY B 245 -9.44 -22.43 33.30
CA GLY B 245 -9.06 -22.75 31.94
C GLY B 245 -7.65 -22.43 31.49
N MET B 246 -7.30 -22.81 30.29
CA MET B 246 -5.99 -22.53 29.86
C MET B 246 -5.89 -21.05 29.62
N LYS B 247 -4.69 -20.56 29.89
CA LYS B 247 -4.30 -19.26 29.51
C LYS B 247 -3.22 -19.29 28.43
N PHE B 248 -2.98 -18.10 27.94
CA PHE B 248 -2.06 -17.75 26.91
C PHE B 248 -0.74 -18.39 27.13
N GLY B 249 -0.21 -19.02 26.08
CA GLY B 249 1.13 -19.59 26.10
C GLY B 249 1.24 -21.02 26.60
N ASN B 250 2.24 -21.74 26.09
CA ASN B 250 2.64 -23.05 26.60
C ASN B 250 3.33 -22.91 28.01
N GLY B 251 2.91 -23.71 28.99
CA GLY B 251 3.41 -23.47 30.32
C GLY B 251 2.87 -22.11 30.73
N ALA B 252 3.75 -21.13 30.92
CA ALA B 252 3.38 -19.80 31.41
C ALA B 252 2.58 -19.88 32.68
N TYR B 253 1.36 -19.36 32.67
CA TYR B 253 0.53 -19.33 33.90
C TYR B 253 -0.30 -20.58 34.04
N ASN B 254 -0.21 -21.47 33.07
CA ASN B 254 -0.96 -22.74 33.12
C ASN B 254 -0.57 -23.64 34.26
N SER B 255 0.54 -23.35 34.89
CA SER B 255 0.96 -24.04 36.08
C SER B 255 0.33 -23.38 37.27
N MET B 256 -0.37 -22.27 37.08
CA MET B 256 -1.06 -21.57 38.18
C MET B 256 -2.56 -21.96 38.13
N ASP B 257 -3.09 -22.34 39.28
CA ASP B 257 -4.50 -22.72 39.32
C ASP B 257 -5.45 -21.55 39.61
N ASN B 258 -5.68 -20.69 38.62
CA ASN B 258 -6.55 -19.54 38.78
C ASN B 258 -8.02 -20.02 38.91
N GLY B 259 -8.73 -19.49 39.89
CA GLY B 259 -9.97 -20.11 40.29
C GLY B 259 -11.27 -19.37 40.02
N VAL B 260 -12.33 -20.16 39.94
CA VAL B 260 -13.66 -19.65 39.96
C VAL B 260 -14.15 -20.15 41.29
N LEU B 261 -14.90 -19.32 41.99
CA LEU B 261 -15.43 -19.67 43.31
C LEU B 261 -16.78 -18.98 43.51
N SER B 262 -17.75 -19.75 43.93
CA SER B 262 -19.12 -19.29 44.16
C SER B 262 -19.49 -19.87 45.50
N PHE B 263 -20.34 -19.13 46.20
CA PHE B 263 -20.77 -19.51 47.55
C PHE B 263 -22.28 -19.58 47.61
N ASP B 264 -22.79 -20.57 48.39
CA ASP B 264 -24.22 -20.70 48.68
C ASP B 264 -24.43 -20.56 50.18
N HIS B 265 -24.58 -19.33 50.65
CA HIS B 265 -24.81 -19.06 52.07
C HIS B 265 -23.78 -19.75 52.93
N VAL B 266 -22.52 -19.43 52.74
CA VAL B 266 -21.51 -20.07 53.51
C VAL B 266 -21.35 -19.29 54.77
N ARG B 267 -21.26 -20.03 55.87
CA ARG B 267 -21.30 -19.45 57.17
C ARG B 267 -19.96 -19.43 57.80
N ILE B 268 -19.62 -18.26 58.34
CA ILE B 268 -18.28 -17.98 58.83
C ILE B 268 -18.38 -17.34 60.27
N PRO B 269 -17.41 -17.55 61.19
CA PRO B 269 -17.57 -16.76 62.44
C PRO B 269 -17.24 -15.27 62.24
N ARG B 270 -17.77 -14.41 63.08
CA ARG B 270 -17.54 -12.98 63.01
C ARG B 270 -16.06 -12.56 63.12
N ASP B 271 -15.30 -13.16 64.04
CA ASP B 271 -13.88 -12.76 64.16
C ASP B 271 -12.95 -13.20 62.96
N GLN B 272 -13.59 -13.71 61.92
CA GLN B 272 -12.99 -14.04 60.65
C GLN B 272 -13.13 -12.89 59.65
N MET B 273 -13.96 -11.89 59.96
CA MET B 273 -13.82 -10.62 59.26
C MET B 273 -12.55 -9.89 59.71
N LEU B 274 -11.82 -9.33 58.74
CA LEU B 274 -10.63 -8.54 59.07
C LEU B 274 -11.06 -7.19 59.66
N MET B 275 -10.77 -7.01 60.94
CA MET B 275 -11.39 -5.95 61.68
C MET B 275 -10.44 -4.83 62.07
N ARG B 276 -9.27 -4.76 61.44
CA ARG B 276 -8.30 -3.76 61.87
C ARG B 276 -8.90 -2.35 61.90
N VAL B 277 -9.42 -1.95 60.74
CA VAL B 277 -10.00 -0.63 60.52
C VAL B 277 -11.44 -0.62 60.94
N SER B 278 -12.19 -1.57 60.43
CA SER B 278 -13.60 -1.59 60.69
C SER B 278 -13.96 -2.89 61.37
N GLN B 279 -14.85 -2.81 62.34
CA GLN B 279 -15.36 -4.00 63.00
C GLN B 279 -16.90 -4.08 63.17
N VAL B 280 -17.34 -5.23 63.64
CA VAL B 280 -18.75 -5.43 63.82
C VAL B 280 -18.90 -6.05 65.18
N THR B 281 -19.75 -5.45 65.97
CA THR B 281 -20.01 -5.91 67.32
C THR B 281 -20.87 -7.17 67.33
N LYS B 282 -20.98 -7.77 68.51
CA LYS B 282 -21.79 -8.96 68.76
C LYS B 282 -23.19 -8.81 68.19
N GLU B 283 -23.67 -7.58 68.12
CA GLU B 283 -25.09 -7.29 67.93
C GLU B 283 -25.36 -6.75 66.50
N GLY B 284 -24.30 -6.74 65.68
CA GLY B 284 -24.30 -6.06 64.38
C GLY B 284 -23.70 -4.69 64.61
N LYS B 285 -24.00 -3.71 63.75
CA LYS B 285 -23.57 -2.30 64.01
C LYS B 285 -22.08 -2.06 63.73
N TYR B 286 -21.84 -1.21 62.74
CA TYR B 286 -20.50 -0.87 62.30
C TYR B 286 -19.83 0.06 63.31
N VAL B 287 -18.55 -0.20 63.55
CA VAL B 287 -17.74 0.57 64.50
C VAL B 287 -16.40 0.80 63.81
N GLN B 288 -15.70 1.86 64.23
CA GLN B 288 -14.42 2.21 63.63
C GLN B 288 -13.33 2.44 64.69
N SER B 289 -12.16 1.87 64.47
CA SER B 289 -11.07 2.04 65.43
C SER B 289 -10.34 3.37 65.19
N ASP B 290 -9.36 3.68 66.05
CA ASP B 290 -8.37 4.72 65.78
C ASP B 290 -7.61 4.33 64.49
N ILE B 291 -6.35 3.86 64.64
CA ILE B 291 -5.56 3.23 63.56
C ILE B 291 -6.05 3.48 62.10
N PRO B 292 -5.86 4.73 61.59
CA PRO B 292 -6.28 5.23 60.27
C PRO B 292 -6.26 4.27 59.06
N ARG B 293 -7.41 4.23 58.36
CA ARG B 293 -7.56 3.60 57.03
C ARG B 293 -6.51 4.04 56.01
N GLN B 294 -5.82 5.15 56.28
CA GLN B 294 -4.68 5.59 55.49
C GLN B 294 -3.46 4.71 55.67
N LEU B 295 -3.35 4.01 56.81
CA LEU B 295 -2.23 3.08 57.07
C LEU B 295 -1.99 2.10 55.90
N LEU B 296 -3.09 1.75 55.23
CA LEU B 296 -3.14 0.85 54.06
C LEU B 296 -2.44 1.41 52.83
N TYR B 297 -2.46 2.74 52.64
CA TYR B 297 -1.73 3.37 51.52
C TYR B 297 -0.21 3.06 51.55
N GLY B 298 0.32 2.80 52.74
CA GLY B 298 1.64 2.18 52.92
C GLY B 298 1.87 0.88 52.14
N THR B 299 0.83 0.03 52.05
CA THR B 299 0.93 -1.22 51.26
C THR B 299 0.73 -1.03 49.72
N MET B 300 0.03 0.03 49.31
CA MET B 300 -0.02 0.38 47.88
C MET B 300 1.42 0.51 47.42
N VAL B 301 2.15 1.42 48.06
CA VAL B 301 3.50 1.75 47.63
C VAL B 301 4.39 0.52 47.53
N TYR B 302 4.28 -0.37 48.51
CA TYR B 302 5.09 -1.58 48.58
C TYR B 302 4.78 -2.45 47.38
N VAL B 303 3.50 -2.74 47.17
CA VAL B 303 3.15 -3.61 46.08
C VAL B 303 3.55 -3.00 44.74
N ARG B 304 3.10 -1.78 44.46
CA ARG B 304 3.48 -1.17 43.21
C ARG B 304 5.00 -1.23 43.01
N GLN B 305 5.77 -0.89 44.05
CA GLN B 305 7.23 -0.92 43.96
C GLN B 305 7.66 -2.28 43.45
N SER B 306 7.15 -3.30 44.11
CA SER B 306 7.47 -4.67 43.81
C SER B 306 7.17 -4.99 42.35
N ILE B 307 6.04 -4.51 41.85
CA ILE B 307 5.70 -4.72 40.45
C ILE B 307 6.64 -3.95 39.48
N VAL B 308 7.03 -2.73 39.83
CA VAL B 308 8.01 -2.03 39.01
C VAL B 308 9.31 -2.80 38.99
N ALA B 309 9.73 -3.28 40.15
CA ALA B 309 10.89 -4.16 40.25
C ALA B 309 10.78 -5.36 39.27
N ASP B 310 9.71 -6.13 39.34
CA ASP B 310 9.54 -7.17 38.37
C ASP B 310 9.54 -6.67 36.89
N ALA B 311 9.18 -5.42 36.62
CA ALA B 311 9.24 -4.94 35.23
C ALA B 311 10.67 -4.87 34.78
N SER B 312 11.53 -4.30 35.59
CA SER B 312 12.90 -4.33 35.27
C SER B 312 13.38 -5.77 35.18
N LEU B 313 12.80 -6.68 35.93
CA LEU B 313 13.30 -8.03 35.83
C LEU B 313 12.96 -8.63 34.46
N ALA B 314 11.69 -8.80 34.11
CA ALA B 314 11.32 -9.20 32.73
C ALA B 314 12.03 -8.36 31.58
N MET B 315 12.06 -7.03 31.63
CA MET B 315 12.69 -6.35 30.55
C MET B 315 14.16 -6.81 30.44
N SER B 316 14.86 -6.90 31.56
CA SER B 316 16.24 -7.33 31.56
C SER B 316 16.32 -8.76 31.00
N ARG B 317 15.49 -9.71 31.42
CA ARG B 317 15.59 -11.04 30.79
C ARG B 317 15.44 -11.00 29.23
N ALA B 318 14.50 -10.22 28.71
CA ALA B 318 14.23 -10.25 27.28
C ALA B 318 15.39 -9.58 26.53
N VAL B 319 15.86 -8.45 27.08
CA VAL B 319 16.94 -7.69 26.53
C VAL B 319 18.20 -8.53 26.52
N CYS B 320 18.40 -9.30 27.57
CA CYS B 320 19.55 -10.13 27.60
C CYS B 320 19.49 -11.19 26.48
N ILE B 321 18.38 -11.85 26.26
CA ILE B 321 18.31 -12.75 25.11
C ILE B 321 18.47 -12.07 23.72
N ALA B 322 17.69 -11.05 23.37
CA ALA B 322 17.86 -10.41 22.07
C ALA B 322 19.28 -9.84 21.82
N THR B 323 19.94 -9.39 22.89
CA THR B 323 21.23 -8.79 22.76
C THR B 323 22.26 -9.85 22.41
N ARG B 324 22.36 -10.89 23.24
CA ARG B 324 23.28 -11.97 22.93
C ARG B 324 22.95 -12.55 21.58
N TYR B 325 21.67 -12.86 21.32
CA TYR B 325 21.36 -13.33 19.97
C TYR B 325 21.81 -12.34 18.88
N SER B 326 21.59 -11.02 19.04
CA SER B 326 22.05 -10.07 18.01
C SER B 326 23.59 -10.01 17.78
N ALA B 327 24.39 -10.19 18.82
CA ALA B 327 25.80 -10.28 18.63
C ALA B 327 26.19 -11.58 17.87
N VAL B 328 25.41 -12.63 17.97
CA VAL B 328 25.82 -13.88 17.36
C VAL B 328 25.30 -14.03 15.88
N ARG B 329 23.98 -13.81 15.69
CA ARG B 329 23.35 -13.62 14.38
C ARG B 329 24.03 -12.61 13.45
N ARG B 330 24.59 -13.15 12.35
CA ARG B 330 25.07 -12.32 11.26
C ARG B 330 24.08 -12.45 10.09
N GLN B 331 23.86 -11.37 9.34
CA GLN B 331 22.98 -11.45 8.16
C GLN B 331 23.25 -10.28 7.26
N PHE B 332 23.49 -10.55 5.97
CA PHE B 332 23.97 -9.56 5.01
C PHE B 332 25.41 -9.03 5.21
N GLY B 333 25.85 -8.19 4.27
CA GLY B 333 27.01 -7.35 4.45
C GLY B 333 28.32 -8.07 4.27
N SER B 334 28.27 -9.26 3.70
CA SER B 334 29.49 -9.88 3.23
C SER B 334 30.14 -8.86 2.29
N GLN B 335 31.49 -8.79 2.30
CA GLN B 335 32.28 -7.88 1.43
C GLN B 335 33.43 -8.72 0.93
N ASN B 336 33.48 -8.98 -0.38
CA ASN B 336 34.24 -10.10 -0.91
C ASN B 336 33.97 -11.33 0.01
N GLY B 337 34.92 -12.27 0.08
CA GLY B 337 34.79 -13.47 0.94
C GLY B 337 34.41 -13.32 2.43
N GLY B 338 34.16 -12.10 2.90
CA GLY B 338 33.98 -11.84 4.34
C GLY B 338 32.87 -12.53 5.14
N GLN B 339 33.01 -12.51 6.45
CA GLN B 339 31.98 -12.94 7.39
C GLN B 339 30.82 -11.97 7.23
N GLU B 340 29.58 -12.41 7.33
CA GLU B 340 28.49 -11.43 7.27
C GLU B 340 28.43 -10.60 8.57
N THR B 341 27.72 -9.47 8.52
CA THR B 341 27.65 -8.53 9.62
C THR B 341 26.72 -9.01 10.74
N GLN B 342 27.22 -8.99 11.97
CA GLN B 342 26.34 -9.28 13.09
C GLN B 342 25.20 -8.27 13.08
N VAL B 343 23.97 -8.73 13.32
CA VAL B 343 22.84 -7.80 13.16
C VAL B 343 22.82 -6.68 14.18
N ILE B 344 23.38 -6.92 15.35
CA ILE B 344 23.63 -5.87 16.31
C ILE B 344 24.47 -4.73 15.77
N ASP B 345 25.23 -4.92 14.68
CA ASP B 345 25.95 -3.77 14.15
C ASP B 345 25.03 -2.81 13.40
N TYR B 346 23.82 -3.22 13.07
CA TYR B 346 22.90 -2.37 12.28
C TYR B 346 22.19 -1.32 13.11
N LYS B 347 21.94 -0.17 12.53
CA LYS B 347 21.43 0.96 13.29
C LYS B 347 19.89 0.79 13.54
N THR B 348 19.25 -0.06 12.76
CA THR B 348 17.84 -0.33 12.99
C THR B 348 17.63 -1.33 14.08
N GLN B 349 18.49 -2.35 14.12
CA GLN B 349 18.55 -3.24 15.25
C GLN B 349 18.88 -2.44 16.49
N GLN B 350 19.93 -1.64 16.44
CA GLN B 350 20.16 -0.69 17.55
C GLN B 350 18.96 0.16 18.00
N ASN B 351 18.29 0.81 17.05
CA ASN B 351 17.06 1.59 17.37
C ASN B 351 15.89 0.86 17.98
N ARG B 352 15.74 -0.42 17.73
CA ARG B 352 14.71 -1.13 18.46
C ARG B 352 15.24 -1.76 19.73
N LEU B 353 16.53 -2.12 19.80
CA LEU B 353 17.05 -2.87 20.96
C LEU B 353 17.61 -2.05 22.12
N PHE B 354 18.56 -1.15 21.84
CA PHE B 354 19.17 -0.31 22.87
C PHE B 354 18.20 0.56 23.69
N PRO B 355 17.08 1.04 23.12
CA PRO B 355 16.19 1.70 24.08
C PRO B 355 15.64 0.73 25.12
N LEU B 356 15.57 -0.56 24.79
CA LEU B 356 14.97 -1.53 25.72
C LEU B 356 15.97 -1.85 26.81
N LEU B 357 17.23 -1.96 26.41
CA LEU B 357 18.34 -2.02 27.36
C LEU B 357 18.33 -0.79 28.29
N ALA B 358 18.44 0.40 27.69
CA ALA B 358 18.28 1.65 28.42
C ALA B 358 17.10 1.60 29.36
N SER B 359 15.94 1.13 28.89
CA SER B 359 14.75 1.07 29.77
C SER B 359 14.93 0.14 31.00
N ALA B 360 15.66 -0.96 30.84
CA ALA B 360 15.84 -1.89 31.94
C ALA B 360 16.65 -1.23 33.05
N TYR B 361 17.70 -0.48 32.67
CA TYR B 361 18.44 0.28 33.67
C TYR B 361 17.56 1.43 34.23
N ALA B 362 16.82 2.13 33.38
CA ALA B 362 15.96 3.22 33.90
C ALA B 362 14.97 2.69 34.91
N PHE B 363 14.16 1.68 34.53
CA PHE B 363 13.18 1.06 35.43
C PHE B 363 13.90 0.40 36.61
N ARG B 364 15.11 -0.09 36.44
CA ARG B 364 15.84 -0.53 37.65
C ARG B 364 15.98 0.55 38.70
N PHE B 365 16.21 1.79 38.25
CA PHE B 365 16.55 2.87 39.13
C PHE B 365 15.33 3.55 39.66
N VAL B 366 14.31 3.66 38.83
CA VAL B 366 13.05 4.12 39.36
C VAL B 366 12.56 3.08 40.36
N GLY B 367 12.86 1.83 40.11
CA GLY B 367 12.68 0.84 41.17
C GLY B 367 13.32 1.13 42.53
N GLU B 368 14.60 1.57 42.55
CA GLU B 368 15.25 1.84 43.83
C GLU B 368 14.66 3.05 44.43
N TRP B 369 14.22 3.98 43.60
CA TRP B 369 13.76 5.23 44.15
C TRP B 369 12.43 4.99 44.85
N LEU B 370 11.71 3.95 44.42
CA LEU B 370 10.43 3.65 45.11
C LEU B 370 10.64 2.99 46.44
N LYS B 371 11.73 2.24 46.55
CA LYS B 371 12.19 1.66 47.81
C LYS B 371 12.30 2.78 48.78
N TRP B 372 12.92 3.88 48.35
CA TRP B 372 13.08 5.04 49.24
C TRP B 372 11.74 5.66 49.51
N LEU B 373 10.95 5.85 48.45
CA LEU B 373 9.65 6.47 48.60
C LEU B 373 8.78 5.71 49.57
N TYR B 374 8.94 4.39 49.60
CA TYR B 374 8.21 3.57 50.59
C TYR B 374 8.63 3.88 52.02
N THR B 375 9.93 4.03 52.27
CA THR B 375 10.41 4.37 53.61
C THR B 375 9.90 5.76 54.01
N ASP B 376 9.95 6.71 53.06
CA ASP B 376 9.47 8.06 53.33
C ASP B 376 7.97 8.13 53.72
N VAL B 377 7.12 7.46 52.94
CA VAL B 377 5.68 7.50 53.15
C VAL B 377 5.32 6.89 54.49
N THR B 378 5.93 5.76 54.82
CA THR B 378 5.67 5.13 56.11
C THR B 378 6.42 5.78 57.28
N GLN B 379 7.28 6.76 57.00
CA GLN B 379 7.87 7.58 58.06
C GLN B 379 6.82 8.61 58.39
N ARG B 380 6.17 9.13 57.36
CA ARG B 380 5.17 10.16 57.49
C ARG B 380 3.88 9.61 58.07
N LEU B 381 3.56 8.36 57.68
CA LEU B 381 2.37 7.67 58.19
C LEU B 381 2.40 7.52 59.71
N ALA B 382 3.62 7.46 60.26
CA ALA B 382 3.81 7.36 61.71
C ALA B 382 3.74 8.71 62.44
N ALA B 383 3.63 9.81 61.70
CA ALA B 383 3.43 11.14 62.32
C ALA B 383 2.02 11.64 62.01
N ASN B 384 1.20 10.73 61.48
CA ASN B 384 -0.14 11.03 61.00
C ASN B 384 -0.07 12.17 59.99
N ASP B 385 0.97 12.10 59.17
CA ASP B 385 1.25 13.06 58.11
C ASP B 385 0.62 12.52 56.83
N PHE B 386 -0.32 13.29 56.26
CA PHE B 386 -1.05 12.81 55.10
C PHE B 386 -0.92 13.74 53.90
N SER B 387 -0.17 14.82 54.07
CA SER B 387 0.09 15.80 53.02
C SER B 387 0.77 15.26 51.75
N THR B 388 1.28 14.03 51.80
CA THR B 388 2.21 13.52 50.78
C THR B 388 1.62 12.30 50.01
N LEU B 389 0.45 11.87 50.47
CA LEU B 389 -0.18 10.62 50.07
C LEU B 389 -0.75 10.67 48.65
N PRO B 390 -1.57 11.68 48.31
CA PRO B 390 -2.02 11.76 46.91
C PRO B 390 -0.88 11.61 45.93
N GLU B 391 0.12 12.48 46.07
CA GLU B 391 1.31 12.43 45.24
C GLU B 391 1.94 11.06 45.27
N ALA B 392 2.06 10.41 46.43
CA ALA B 392 2.65 9.08 46.48
C ALA B 392 1.81 8.10 45.68
N HIS B 393 0.48 8.15 45.88
CA HIS B 393 -0.45 7.29 45.13
C HIS B 393 -0.32 7.50 43.62
N ALA B 394 -0.51 8.72 43.15
CA ALA B 394 -0.38 8.99 41.72
C ALA B 394 0.99 8.57 41.11
N CYS B 395 2.05 8.90 41.81
CA CYS B 395 3.38 8.56 41.40
C CYS B 395 3.52 7.03 41.23
N THR B 396 3.01 6.26 42.20
CA THR B 396 3.11 4.82 42.02
C THR B 396 2.14 4.30 40.97
N ALA B 397 0.94 4.86 40.85
CA ALA B 397 0.02 4.30 39.83
C ALA B 397 0.63 4.48 38.43
N GLY B 398 1.14 5.68 38.20
CA GLY B 398 1.69 6.10 36.94
C GLY B 398 2.90 5.31 36.57
N LEU B 399 3.77 5.09 37.55
CA LEU B 399 4.94 4.29 37.31
C LEU B 399 4.67 2.80 37.02
N LYS B 400 3.71 2.22 37.74
CA LYS B 400 3.34 0.82 37.47
C LYS B 400 2.86 0.71 36.05
N SER B 401 1.94 1.61 35.67
CA SER B 401 1.39 1.62 34.30
C SER B 401 2.46 1.80 33.24
N LEU B 402 3.28 2.83 33.42
CA LEU B 402 4.26 3.16 32.44
C LEU B 402 5.13 1.96 32.20
N THR B 403 5.67 1.41 33.31
CA THR B 403 6.71 0.40 33.16
C THR B 403 6.15 -0.92 32.71
N THR B 404 4.95 -1.27 33.15
CA THR B 404 4.42 -2.52 32.64
C THR B 404 4.01 -2.47 31.16
N SER B 405 3.64 -1.31 30.57
CA SER B 405 3.46 -1.29 29.11
C SER B 405 4.75 -1.33 28.36
N ALA B 406 5.73 -0.58 28.85
CA ALA B 406 6.92 -0.47 28.14
C ALA B 406 7.46 -1.89 28.06
N THR B 407 7.37 -2.59 29.21
CA THR B 407 7.97 -3.91 29.32
C THR B 407 7.22 -4.92 28.44
N ALA B 408 5.91 -5.03 28.59
CA ALA B 408 5.15 -5.90 27.66
C ALA B 408 5.46 -5.61 26.19
N ASP B 409 5.44 -4.36 25.80
CA ASP B 409 5.82 -4.04 24.45
C ASP B 409 7.25 -4.39 24.12
N GLY B 410 8.18 -4.17 25.05
CA GLY B 410 9.57 -4.50 24.87
C GLY B 410 9.96 -5.96 24.69
N ILE B 411 9.19 -6.86 25.33
CA ILE B 411 9.50 -8.27 25.22
C ILE B 411 9.01 -8.74 23.81
N GLU B 412 7.83 -8.34 23.36
CA GLU B 412 7.45 -8.66 21.96
C GLU B 412 8.40 -8.13 20.91
N GLU B 413 8.96 -6.94 21.18
CA GLU B 413 9.94 -6.38 20.31
C GLU B 413 11.22 -7.22 20.33
N CYS B 414 11.61 -7.71 21.49
CA CYS B 414 12.83 -8.48 21.54
C CYS B 414 12.63 -9.81 20.76
N ARG B 415 11.44 -10.40 20.89
CA ARG B 415 11.15 -11.60 20.14
C ARG B 415 11.30 -11.28 18.63
N LYS B 416 10.65 -10.23 18.16
CA LYS B 416 10.72 -9.85 16.76
C LYS B 416 12.15 -9.60 16.28
N LEU B 417 12.97 -9.09 17.17
CA LEU B 417 14.32 -8.74 16.86
C LEU B 417 15.11 -10.00 16.66
N CYS B 418 14.66 -11.12 17.22
CA CYS B 418 15.35 -12.39 17.04
C CYS B 418 14.95 -13.06 15.77
N GLY B 419 14.22 -12.35 14.93
CA GLY B 419 13.74 -12.94 13.66
C GLY B 419 13.03 -14.28 13.81
N GLY B 420 12.85 -15.02 12.73
CA GLY B 420 12.15 -16.28 12.85
C GLY B 420 12.49 -17.17 14.04
N HIS B 421 13.77 -17.25 14.49
CA HIS B 421 14.10 -18.19 15.56
C HIS B 421 13.41 -17.83 16.87
N GLY B 422 13.02 -16.56 16.96
CA GLY B 422 12.43 -16.05 18.20
C GLY B 422 11.07 -16.65 18.40
N TYR B 423 10.46 -17.13 17.33
CA TYR B 423 9.11 -17.73 17.42
C TYR B 423 9.11 -19.11 18.08
N LEU B 424 10.29 -19.68 18.28
CA LEU B 424 10.37 -21.04 18.78
C LEU B 424 10.29 -20.98 20.31
N CYS B 425 9.43 -21.80 20.93
CA CYS B 425 9.41 -21.89 22.38
C CYS B 425 10.80 -21.92 23.00
N SER B 426 11.72 -22.74 22.50
CA SER B 426 13.03 -22.89 23.11
C SER B 426 13.91 -21.62 23.09
N SER B 427 13.41 -20.55 22.49
CA SER B 427 14.11 -19.27 22.51
C SER B 427 13.93 -18.56 23.82
N GLY B 428 12.85 -18.87 24.53
CA GLY B 428 12.59 -18.26 25.81
C GLY B 428 11.66 -17.08 25.75
N LEU B 429 11.59 -16.41 24.60
CA LEU B 429 10.76 -15.22 24.57
C LEU B 429 9.27 -15.44 24.56
N PRO B 430 8.81 -16.45 23.85
CA PRO B 430 7.35 -16.66 23.91
C PRO B 430 6.79 -16.82 25.36
N GLU B 431 7.33 -17.74 26.14
CA GLU B 431 6.90 -17.82 27.53
C GLU B 431 7.03 -16.55 28.33
N LEU B 432 8.17 -15.90 28.16
CA LEU B 432 8.45 -14.75 28.92
C LEU B 432 7.40 -13.65 28.67
N PHE B 433 6.85 -13.59 27.44
CA PHE B 433 5.80 -12.64 27.11
C PHE B 433 4.44 -13.09 27.65
N ALA B 434 4.09 -14.34 27.42
CA ALA B 434 2.88 -14.89 27.99
C ALA B 434 2.80 -14.73 29.51
N VAL B 435 3.85 -15.17 30.21
CA VAL B 435 3.90 -14.94 31.67
C VAL B 435 3.88 -13.44 32.04
N TYR B 436 4.48 -12.58 31.25
CA TYR B 436 4.62 -11.23 31.72
C TYR B 436 3.35 -10.41 31.62
N VAL B 437 2.68 -10.62 30.51
CA VAL B 437 1.64 -9.71 30.08
C VAL B 437 0.48 -9.41 31.09
N PRO B 438 0.07 -10.42 31.92
CA PRO B 438 -0.98 -10.07 32.89
C PRO B 438 -0.63 -8.84 33.77
N ALA B 439 0.64 -8.60 34.01
CA ALA B 439 1.12 -7.32 34.62
C ALA B 439 0.35 -6.08 34.17
N CYS B 440 -0.04 -6.04 32.88
CA CYS B 440 -0.81 -4.92 32.38
C CYS B 440 -2.26 -4.80 32.89
N THR B 441 -2.77 -5.83 33.58
CA THR B 441 -4.14 -5.83 34.06
C THR B 441 -4.23 -6.06 35.57
N TYR B 442 -3.23 -6.70 36.20
CA TYR B 442 -3.44 -6.81 37.62
C TYR B 442 -2.86 -5.73 38.52
N GLU B 443 -3.41 -5.69 39.73
CA GLU B 443 -3.18 -4.62 40.63
C GLU B 443 -3.37 -3.30 39.85
N GLY B 444 -4.51 -3.19 39.15
CA GLY B 444 -4.81 -2.01 38.32
C GLY B 444 -4.56 -2.12 36.82
N ASP B 445 -5.62 -2.06 36.02
CA ASP B 445 -5.54 -1.87 34.59
C ASP B 445 -4.66 -0.65 34.23
N ASN B 446 -3.70 -0.80 33.32
CA ASN B 446 -2.76 0.25 33.01
C ASN B 446 -3.41 1.54 32.61
N VAL B 447 -4.36 1.46 31.69
CA VAL B 447 -5.06 2.70 31.31
C VAL B 447 -5.90 3.26 32.45
N VAL B 448 -6.54 2.43 33.26
CA VAL B 448 -7.31 2.97 34.38
C VAL B 448 -6.44 3.67 35.44
N LEU B 449 -5.24 3.14 35.63
CA LEU B 449 -4.35 3.81 36.50
C LEU B 449 -3.91 5.15 35.92
N GLN B 450 -3.77 5.24 34.60
CA GLN B 450 -3.30 6.55 34.13
C GLN B 450 -4.39 7.59 34.11
N LEU B 451 -5.67 7.21 34.19
CA LEU B 451 -6.66 8.25 34.35
C LEU B 451 -6.58 8.75 35.77
N GLN B 452 -6.29 7.87 36.74
CA GLN B 452 -6.02 8.35 38.12
C GLN B 452 -4.89 9.35 38.15
N VAL B 453 -3.78 9.04 37.46
CA VAL B 453 -2.68 10.00 37.43
C VAL B 453 -3.16 11.36 36.92
N ALA B 454 -3.85 11.37 35.79
CA ALA B 454 -4.46 12.56 35.18
C ALA B 454 -5.25 13.43 36.13
N ARG B 455 -6.26 12.83 36.77
CA ARG B 455 -7.12 13.51 37.77
C ARG B 455 -6.31 14.23 38.82
N PHE B 456 -5.18 13.66 39.19
CA PHE B 456 -4.36 14.19 40.27
C PHE B 456 -3.55 15.38 39.80
N LEU B 457 -3.08 15.29 38.54
CA LEU B 457 -2.40 16.42 37.89
C LEU B 457 -3.41 17.54 37.70
N MET B 458 -4.60 17.20 37.20
CA MET B 458 -5.62 18.21 37.03
C MET B 458 -5.92 18.80 38.36
N LYS B 459 -6.10 17.97 39.38
CA LYS B 459 -6.29 18.51 40.74
C LYS B 459 -5.12 19.42 41.12
N THR B 460 -3.90 18.96 40.87
CA THR B 460 -2.75 19.74 41.33
C THR B 460 -2.73 21.09 40.65
N ILE B 461 -3.16 21.14 39.39
CA ILE B 461 -3.19 22.43 38.74
C ILE B 461 -4.25 23.33 39.37
N SER B 462 -5.48 22.86 39.53
CA SER B 462 -6.53 23.75 40.14
C SER B 462 -6.30 24.21 41.58
N GLN B 463 -5.44 23.55 42.35
CA GLN B 463 -5.14 24.04 43.72
C GLN B 463 -4.13 25.17 43.72
N LEU B 464 -3.51 25.43 42.57
CA LEU B 464 -2.56 26.55 42.49
C LEU B 464 -3.23 27.90 42.83
N GLY B 465 -4.45 28.10 42.33
CA GLY B 465 -5.22 29.30 42.59
C GLY B 465 -5.34 29.56 44.09
N THR B 466 -5.48 28.49 44.84
CA THR B 466 -5.61 28.52 46.29
C THR B 466 -4.30 28.87 47.01
N GLY B 467 -3.22 29.01 46.24
CA GLY B 467 -1.91 29.19 46.81
C GLY B 467 -1.29 27.89 47.34
N LYS B 468 -1.89 26.73 47.06
CA LYS B 468 -1.29 25.50 47.56
C LYS B 468 -0.12 25.05 46.64
N LYS B 469 1.11 25.20 47.14
CA LYS B 469 2.35 24.83 46.41
C LYS B 469 2.64 23.30 46.40
N PRO B 470 2.69 22.70 45.20
CA PRO B 470 2.92 21.24 45.00
C PRO B 470 4.29 20.71 45.43
N VAL B 471 4.36 19.41 45.77
CA VAL B 471 5.63 18.78 46.20
C VAL B 471 5.93 17.42 45.56
N GLY B 472 6.96 16.76 46.12
CA GLY B 472 7.60 15.60 45.51
C GLY B 472 7.71 15.75 44.00
N THR B 473 7.30 14.68 43.32
CA THR B 473 7.30 14.54 41.86
C THR B 473 6.42 15.54 41.07
N VAL B 474 5.57 16.33 41.73
CA VAL B 474 4.93 17.42 41.01
C VAL B 474 5.39 18.76 41.49
N SER B 475 6.58 18.81 42.06
CA SER B 475 7.08 20.10 42.48
C SER B 475 7.38 20.99 41.23
N TYR B 476 7.69 20.39 40.10
CA TYR B 476 7.82 21.16 38.88
C TYR B 476 6.60 22.01 38.53
N MET B 477 5.40 21.53 38.81
CA MET B 477 4.20 22.30 38.47
C MET B 477 4.07 23.61 39.23
N GLY B 478 4.91 23.81 40.25
CA GLY B 478 4.99 25.07 40.92
C GLY B 478 5.74 26.09 40.07
N ARG B 479 6.30 25.66 38.94
CA ARG B 479 7.08 26.59 38.11
C ARG B 479 6.53 26.71 36.70
N ILE B 480 5.19 26.69 36.56
CA ILE B 480 4.55 26.80 35.24
C ILE B 480 4.78 28.13 34.50
N GLU B 481 4.61 29.29 35.17
CA GLU B 481 4.75 30.57 34.45
C GLU B 481 5.97 30.48 33.54
N HIS B 482 7.07 29.99 34.10
CA HIS B 482 8.31 29.79 33.40
C HIS B 482 8.23 28.69 32.34
N LEU B 483 7.90 27.48 32.76
CA LEU B 483 7.81 26.34 31.87
C LEU B 483 6.87 26.57 30.64
N MET B 484 5.86 27.42 30.80
CA MET B 484 4.97 27.78 29.69
C MET B 484 5.66 28.59 28.61
N GLN B 485 6.74 29.27 28.96
CA GLN B 485 7.30 30.24 28.02
C GLN B 485 8.80 30.05 27.67
N CYS B 486 9.45 29.03 28.21
CA CYS B 486 10.84 28.80 27.85
C CYS B 486 11.02 28.14 26.46
N ARG B 487 12.26 28.07 26.04
CA ARG B 487 12.61 27.50 24.77
C ARG B 487 13.84 26.72 25.18
N SER B 488 14.00 25.51 24.66
CA SER B 488 15.29 24.88 24.80
C SER B 488 16.36 25.87 24.28
N ASP B 489 17.58 25.71 24.77
CA ASP B 489 18.68 26.49 24.23
C ASP B 489 19.80 25.61 23.65
N VAL B 490 19.45 24.42 23.15
CA VAL B 490 20.40 23.48 22.56
C VAL B 490 21.03 24.05 21.28
N LYS B 491 22.35 24.02 21.23
CA LYS B 491 23.08 24.55 20.08
C LYS B 491 23.86 23.44 19.38
N GLN B 492 24.29 22.43 20.14
CA GLN B 492 24.99 21.24 19.59
C GLN B 492 24.33 20.00 20.14
N ALA B 493 24.42 18.91 19.39
CA ALA B 493 23.91 17.63 19.82
C ALA B 493 24.34 17.31 21.25
N GLU B 494 25.61 17.55 21.58
CA GLU B 494 26.19 17.20 22.90
C GLU B 494 25.50 17.88 24.07
N ASP B 495 25.03 19.12 23.89
CA ASP B 495 24.19 19.79 24.90
C ASP B 495 23.02 18.92 25.36
N TRP B 496 22.42 18.16 24.45
CA TRP B 496 21.38 17.22 24.85
C TRP B 496 21.91 16.20 25.87
N LEU B 497 23.22 16.20 26.07
CA LEU B 497 23.82 15.40 27.13
C LEU B 497 23.74 16.02 28.52
N LYS B 498 23.70 17.34 28.62
CA LYS B 498 23.79 18.01 29.91
C LYS B 498 22.45 17.85 30.54
N PRO B 499 22.42 17.34 31.79
CA PRO B 499 21.14 17.03 32.46
C PRO B 499 20.12 18.17 32.56
N SER B 500 20.53 19.38 32.88
CA SER B 500 19.54 20.45 33.01
C SER B 500 18.73 20.67 31.71
N ALA B 501 19.35 20.43 30.56
CA ALA B 501 18.68 20.56 29.25
C ALA B 501 17.56 19.53 29.07
N VAL B 502 17.85 18.29 29.43
CA VAL B 502 16.90 17.20 29.18
C VAL B 502 15.78 17.27 30.17
N LEU B 503 16.16 17.52 31.42
CA LEU B 503 15.19 17.57 32.50
C LEU B 503 14.20 18.69 32.21
N GLU B 504 14.71 19.87 31.90
CA GLU B 504 13.81 20.97 31.61
C GLU B 504 12.91 20.60 30.45
N ALA B 505 13.48 19.93 29.44
CA ALA B 505 12.71 19.59 28.26
C ALA B 505 11.54 18.67 28.62
N PHE B 506 11.73 17.76 29.57
CA PHE B 506 10.65 16.89 29.99
C PHE B 506 9.62 17.57 30.89
N GLU B 507 10.12 18.49 31.71
CA GLU B 507 9.30 19.30 32.60
C GLU B 507 8.39 20.18 31.78
N ALA B 508 8.96 20.85 30.78
CA ALA B 508 8.19 21.78 29.94
C ALA B 508 7.06 21.02 29.27
N ARG B 509 7.45 20.00 28.52
CA ARG B 509 6.51 19.14 27.85
C ARG B 509 5.31 18.75 28.74
N SER B 510 5.61 18.29 29.95
CA SER B 510 4.57 17.79 30.82
C SER B 510 3.70 18.94 31.32
N ALA B 511 4.33 19.98 31.84
CA ALA B 511 3.61 21.18 32.25
C ALA B 511 2.72 21.62 31.11
N ARG B 512 3.32 21.83 29.95
CA ARG B 512 2.52 22.31 28.84
C ARG B 512 1.37 21.35 28.56
N MET B 513 1.62 20.05 28.49
CA MET B 513 0.54 19.13 28.17
C MET B 513 -0.58 19.12 29.20
N SER B 514 -0.20 19.09 30.47
CA SER B 514 -1.18 19.17 31.55
C SER B 514 -1.94 20.49 31.56
N VAL B 515 -1.26 21.60 31.33
CA VAL B 515 -1.93 22.88 31.25
C VAL B 515 -2.97 22.86 30.14
N ALA B 516 -2.57 22.37 28.99
CA ALA B 516 -3.46 22.28 27.83
C ALA B 516 -4.68 21.42 28.19
N CYS B 517 -4.49 20.36 28.98
CA CYS B 517 -5.63 19.60 29.42
C CYS B 517 -6.56 20.38 30.36
N ALA B 518 -5.98 21.08 31.34
CA ALA B 518 -6.78 21.74 32.33
C ALA B 518 -7.54 22.84 31.66
N LYS B 519 -6.92 23.49 30.67
CA LYS B 519 -7.64 24.55 29.96
C LYS B 519 -8.73 23.89 29.17
N ASN B 520 -8.43 22.81 28.49
CA ASN B 520 -9.47 22.22 27.69
C ASN B 520 -10.62 21.71 28.52
N LEU B 521 -10.26 21.24 29.71
CA LEU B 521 -11.16 20.54 30.60
C LEU B 521 -12.08 21.53 31.24
N SER B 522 -11.54 22.69 31.58
CA SER B 522 -12.35 23.67 32.30
C SER B 522 -13.49 24.32 31.46
N LYS B 523 -13.67 23.93 30.20
CA LYS B 523 -14.76 24.52 29.37
C LYS B 523 -16.03 23.73 29.59
N PHE B 524 -15.91 22.56 30.19
CA PHE B 524 -17.08 21.78 30.53
C PHE B 524 -17.72 22.24 31.85
N GLU B 525 -19.01 22.58 31.81
CA GLU B 525 -19.73 22.93 33.02
C GLU B 525 -19.62 21.79 34.04
N ASN B 526 -19.92 20.55 33.59
CA ASN B 526 -19.83 19.36 34.43
C ASN B 526 -18.45 18.74 34.24
N GLN B 527 -17.68 18.63 35.32
CA GLN B 527 -16.27 18.18 35.26
C GLN B 527 -16.18 16.70 34.95
N GLU B 528 -17.18 15.95 35.39
CA GLU B 528 -17.23 14.54 35.09
C GLU B 528 -17.43 14.37 33.57
N GLU B 529 -18.29 15.20 32.98
CA GLU B 529 -18.45 15.16 31.51
C GLU B 529 -17.10 15.35 30.77
N GLY B 530 -16.35 16.36 31.22
CA GLY B 530 -15.08 16.74 30.65
C GLY B 530 -14.03 15.67 30.82
N PHE B 531 -13.96 15.01 31.99
CA PHE B 531 -13.00 13.88 32.12
C PHE B 531 -13.32 12.80 31.14
N ALA B 532 -14.59 12.61 30.83
CA ALA B 532 -14.97 11.54 29.96
C ALA B 532 -14.45 11.90 28.57
N GLU B 533 -14.87 13.05 28.06
CA GLU B 533 -14.56 13.47 26.71
C GLU B 533 -13.05 13.62 26.45
N LEU B 534 -12.30 14.04 27.44
CA LEU B 534 -10.91 14.37 27.21
C LEU B 534 -9.98 13.27 27.64
N ALA B 535 -10.54 12.09 27.91
CA ALA B 535 -9.75 10.97 28.40
C ALA B 535 -8.45 10.62 27.64
N ALA B 536 -8.44 10.67 26.31
CA ALA B 536 -7.30 10.12 25.59
C ALA B 536 -6.12 11.03 25.80
N ASP B 537 -6.41 12.33 25.85
CA ASP B 537 -5.39 13.34 26.03
C ASP B 537 -4.92 13.41 27.49
N LEU B 538 -5.84 13.18 28.41
CA LEU B 538 -5.46 13.13 29.79
C LEU B 538 -4.38 12.06 30.00
N VAL B 539 -4.61 10.87 29.43
CA VAL B 539 -3.68 9.76 29.45
C VAL B 539 -2.36 10.15 28.79
N GLU B 540 -2.43 10.77 27.62
CA GLU B 540 -1.22 11.23 26.99
C GLU B 540 -0.45 12.16 27.95
N ALA B 541 -1.14 13.06 28.65
CA ALA B 541 -0.50 13.89 29.66
C ALA B 541 0.08 13.06 30.81
N ALA B 542 -0.75 12.27 31.49
CA ALA B 542 -0.26 11.31 32.50
C ALA B 542 1.00 10.52 32.07
N VAL B 543 1.04 10.04 30.81
CA VAL B 543 2.23 9.35 30.32
C VAL B 543 3.41 10.28 30.39
N ALA B 544 3.27 11.46 29.82
CA ALA B 544 4.39 12.43 29.78
C ALA B 544 5.00 12.69 31.20
N HIS B 545 4.12 12.87 32.18
CA HIS B 545 4.49 13.01 33.58
C HIS B 545 5.26 11.82 34.13
N CYS B 546 4.76 10.61 33.87
CA CYS B 546 5.47 9.42 34.30
C CYS B 546 6.87 9.29 33.67
N GLN B 547 6.95 9.59 32.39
CA GLN B 547 8.19 9.58 31.66
C GLN B 547 9.15 10.53 32.31
N LEU B 548 8.62 11.64 32.82
CA LEU B 548 9.42 12.64 33.45
C LEU B 548 9.92 12.10 34.79
N ILE B 549 9.08 11.38 35.50
CA ILE B 549 9.54 10.84 36.76
C ILE B 549 10.72 9.90 36.45
N VAL B 550 10.59 9.04 35.44
CA VAL B 550 11.64 8.10 35.17
C VAL B 550 12.90 8.90 34.86
N VAL B 551 12.85 9.77 33.87
CA VAL B 551 14.07 10.49 33.50
C VAL B 551 14.66 11.22 34.70
N SER B 552 13.85 11.93 35.46
CA SER B 552 14.42 12.74 36.52
C SER B 552 15.05 11.92 37.65
N LYS B 553 14.65 10.65 37.76
CA LYS B 553 15.18 9.79 38.82
C LYS B 553 16.47 9.13 38.35
N TYR B 554 16.55 8.92 37.05
CA TYR B 554 17.75 8.43 36.44
C TYR B 554 18.84 9.51 36.62
N ILE B 555 18.46 10.77 36.45
CA ILE B 555 19.43 11.83 36.57
C ILE B 555 19.85 11.92 38.02
N GLU B 556 18.90 11.70 38.94
CA GLU B 556 19.19 11.83 40.36
C GLU B 556 20.18 10.78 40.82
N LYS B 557 19.98 9.57 40.26
CA LYS B 557 20.85 8.41 40.44
C LYS B 557 22.30 8.71 39.99
N LEU B 558 22.45 9.42 38.88
CA LEU B 558 23.77 9.74 38.36
C LEU B 558 24.60 10.67 39.24
N GLN B 559 23.96 11.38 40.18
CA GLN B 559 24.68 12.24 41.17
C GLN B 559 25.19 11.48 42.40
N GLN B 560 24.74 10.24 42.60
CA GLN B 560 25.32 9.38 43.63
C GLN B 560 26.77 9.11 43.26
N ASN B 561 27.53 8.47 44.17
CA ASN B 561 28.91 8.12 43.81
C ASN B 561 28.94 7.01 42.73
N ILE B 562 28.87 5.74 43.11
CA ILE B 562 28.89 4.60 42.15
C ILE B 562 30.32 4.17 41.72
N PRO B 563 30.90 3.16 42.40
CA PRO B 563 32.26 2.74 42.11
C PRO B 563 32.41 1.89 40.84
N GLY B 564 33.67 1.57 40.53
CA GLY B 564 34.05 0.75 39.38
C GLY B 564 34.35 1.61 38.18
N LYS B 565 35.52 1.37 37.58
CA LYS B 565 35.97 2.01 36.32
C LYS B 565 34.86 1.97 35.23
N GLY B 566 34.63 3.11 34.57
CA GLY B 566 33.74 3.31 33.43
C GLY B 566 32.30 2.96 33.62
N VAL B 567 31.90 2.76 34.87
CA VAL B 567 30.57 2.26 35.19
C VAL B 567 29.54 3.37 35.05
N LYS B 568 29.73 4.45 35.81
CA LYS B 568 28.92 5.65 35.73
C LYS B 568 28.79 6.13 34.29
N GLN B 569 29.93 6.16 33.60
CA GLN B 569 30.03 6.64 32.24
C GLN B 569 29.09 5.89 31.33
N GLN B 570 29.04 4.56 31.48
CA GLN B 570 28.13 3.76 30.68
C GLN B 570 26.70 4.02 31.07
N LEU B 571 26.49 4.32 32.35
CA LEU B 571 25.12 4.53 32.85
C LEU B 571 24.60 5.84 32.37
N GLU B 572 25.49 6.82 32.21
CA GLU B 572 25.14 8.06 31.52
C GLU B 572 24.71 7.83 30.08
N VAL B 573 25.49 7.06 29.36
CA VAL B 573 25.11 6.69 28.03
C VAL B 573 23.66 6.12 28.05
N LEU B 574 23.36 5.26 29.04
CA LEU B 574 22.03 4.66 29.11
C LEU B 574 20.96 5.70 29.40
N CYS B 575 21.33 6.67 30.21
CA CYS B 575 20.41 7.74 30.52
C CYS B 575 19.95 8.50 29.30
N GLY B 576 20.94 8.86 28.48
CA GLY B 576 20.75 9.70 27.33
C GLY B 576 19.86 8.99 26.38
N ILE B 577 20.10 7.68 26.25
CA ILE B 577 19.42 6.90 25.26
C ILE B 577 17.99 6.84 25.66
N TYR B 578 17.74 6.61 26.93
CA TYR B 578 16.33 6.44 27.28
C TYR B 578 15.57 7.74 27.03
N SER B 579 16.16 8.85 27.38
CA SER B 579 15.40 10.05 27.37
C SER B 579 15.36 10.63 25.98
N LEU B 580 16.39 10.38 25.19
CA LEU B 580 16.33 10.85 23.81
C LEU B 580 15.56 9.93 22.93
N PHE B 581 15.45 8.66 23.30
CA PHE B 581 14.60 7.77 22.49
C PHE B 581 13.19 8.24 22.66
N ILE B 582 12.86 8.56 23.90
CA ILE B 582 11.54 8.93 24.24
C ILE B 582 11.25 10.27 23.54
N LEU B 583 12.23 11.19 23.60
CA LEU B 583 12.01 12.50 23.04
C LEU B 583 11.69 12.40 21.56
N HIS B 584 12.35 11.49 20.83
CA HIS B 584 12.08 11.32 19.39
C HIS B 584 10.71 10.65 19.15
N LYS B 585 10.36 9.66 19.96
CA LYS B 585 9.17 8.94 19.76
C LYS B 585 7.98 9.88 19.90
N HIS B 586 8.02 10.74 20.90
CA HIS B 586 6.93 11.63 21.19
C HIS B 586 7.37 13.02 20.74
N GLN B 587 8.15 13.08 19.66
CA GLN B 587 8.68 14.38 19.25
C GLN B 587 7.66 15.50 19.09
N GLY B 588 6.44 15.17 18.71
CA GLY B 588 5.48 16.23 18.55
C GLY B 588 5.24 16.91 19.87
N ASP B 589 5.20 16.13 20.95
CA ASP B 589 4.95 16.76 22.23
C ASP B 589 5.86 17.97 22.42
N PHE B 590 7.14 17.87 22.13
CA PHE B 590 8.00 18.99 22.43
C PHE B 590 8.01 20.07 21.38
N LEU B 591 7.69 19.73 20.12
CA LEU B 591 7.64 20.73 19.03
C LEU B 591 6.36 21.54 19.03
N GLY B 592 5.27 20.88 19.46
CA GLY B 592 3.93 21.50 19.62
C GLY B 592 4.07 22.82 20.37
N THR B 593 3.71 22.78 21.65
CA THR B 593 4.06 23.79 22.63
C THR B 593 5.09 24.86 22.25
N GLY B 594 6.13 24.46 21.50
CA GLY B 594 7.17 25.39 21.05
C GLY B 594 8.51 25.15 21.71
N TYR B 595 8.54 24.31 22.75
CA TYR B 595 9.74 24.19 23.58
C TYR B 595 11.06 23.96 22.81
N ILE B 596 11.01 23.13 21.77
CA ILE B 596 12.16 22.92 20.87
C ILE B 596 11.79 23.25 19.42
N THR B 597 12.77 23.54 18.57
CA THR B 597 12.52 23.74 17.13
C THR B 597 12.96 22.53 16.34
N SER B 598 12.79 22.56 15.02
CA SER B 598 13.17 21.40 14.25
C SER B 598 14.63 21.07 14.39
N LYS B 599 15.48 22.05 14.08
CA LYS B 599 16.91 21.83 14.17
C LYS B 599 17.20 21.11 15.48
N GLN B 600 16.62 21.61 16.57
CA GLN B 600 16.88 21.06 17.90
C GLN B 600 16.46 19.59 18.05
N GLY B 601 15.27 19.26 17.50
CA GLY B 601 14.76 17.88 17.41
C GLY B 601 15.74 17.03 16.63
N SER B 602 16.14 17.48 15.45
CA SER B 602 17.22 16.81 14.73
C SER B 602 18.50 16.65 15.51
N LEU B 603 18.92 17.66 16.27
CA LEU B 603 20.14 17.50 17.05
C LEU B 603 20.00 16.37 18.09
N ALA B 604 18.79 16.15 18.58
CA ALA B 604 18.58 15.10 19.54
C ALA B 604 18.62 13.78 18.81
N ASN B 605 18.09 13.77 17.59
CA ASN B 605 18.13 12.59 16.78
C ASN B 605 19.58 12.16 16.50
N ASP B 606 20.42 13.13 16.09
CA ASP B 606 21.84 12.89 15.86
C ASP B 606 22.61 12.45 17.13
N GLN B 607 22.21 12.94 18.28
CA GLN B 607 22.91 12.54 19.49
C GLN B 607 22.53 11.09 19.91
N LEU B 608 21.24 10.72 19.86
CA LEU B 608 20.84 9.32 19.98
C LEU B 608 21.62 8.40 18.99
N ARG B 609 21.91 8.88 17.79
CA ARG B 609 22.60 8.03 16.86
C ARG B 609 24.02 7.82 17.37
N ALA B 610 24.70 8.91 17.73
CA ALA B 610 26.01 8.88 18.40
C ALA B 610 26.00 7.92 19.59
N LEU B 611 24.95 7.99 20.41
CA LEU B 611 24.90 7.19 21.62
C LEU B 611 24.84 5.69 21.32
N TYR B 612 24.02 5.32 20.33
CA TYR B 612 23.99 3.95 19.86
C TYR B 612 25.42 3.48 19.51
N SER B 613 26.15 4.27 18.75
CA SER B 613 27.52 3.88 18.33
C SER B 613 28.46 3.64 19.50
N GLN B 614 28.30 4.42 20.58
CA GLN B 614 29.14 4.19 21.75
C GLN B 614 28.61 3.02 22.58
N LEU B 615 27.30 2.90 22.76
CA LEU B 615 26.80 1.75 23.47
C LEU B 615 27.33 0.49 22.82
N ARG B 616 27.12 0.33 21.50
CA ARG B 616 27.59 -0.83 20.71
C ARG B 616 28.70 -1.71 21.32
N PRO B 617 29.87 -1.16 21.56
CA PRO B 617 30.86 -2.08 22.08
C PRO B 617 30.48 -2.70 23.39
N ASN B 618 29.56 -2.12 24.13
CA ASN B 618 29.31 -2.58 25.50
C ASN B 618 28.06 -3.40 25.75
N ALA B 619 27.14 -3.39 24.79
CA ALA B 619 25.84 -4.08 24.95
C ALA B 619 25.91 -5.47 25.58
N VAL B 620 26.82 -6.31 25.12
CA VAL B 620 26.91 -7.66 25.65
C VAL B 620 27.44 -7.69 27.10
N SER B 621 28.33 -6.76 27.42
CA SER B 621 28.85 -6.72 28.75
C SER B 621 27.79 -6.21 29.66
N LEU B 622 27.02 -5.19 29.22
CA LEU B 622 25.94 -4.65 30.07
C LEU B 622 24.81 -5.57 30.36
N VAL B 623 24.61 -6.60 29.57
CA VAL B 623 23.54 -7.57 29.88
C VAL B 623 24.15 -8.78 30.63
N ASP B 624 25.45 -9.00 30.42
CA ASP B 624 26.20 -9.84 31.30
C ASP B 624 26.07 -9.33 32.74
N ALA B 625 25.73 -8.05 32.95
CA ALA B 625 25.74 -7.46 34.34
C ALA B 625 24.53 -7.89 35.19
N PHE B 626 23.50 -8.35 34.52
CA PHE B 626 22.28 -8.86 35.18
C PHE B 626 22.56 -10.18 35.93
N ASN B 627 23.68 -10.81 35.57
CA ASN B 627 24.13 -12.02 36.25
C ASN B 627 23.21 -13.31 36.21
N TYR B 628 22.44 -13.48 35.13
CA TYR B 628 21.51 -14.60 35.00
C TYR B 628 22.15 -15.86 34.57
N THR B 629 21.69 -16.95 35.15
CA THR B 629 22.17 -18.23 34.73
C THR B 629 21.39 -18.66 33.49
N ASP B 630 21.95 -19.61 32.76
CA ASP B 630 21.24 -20.26 31.68
C ASP B 630 19.94 -20.95 32.17
N HIS B 631 19.96 -21.54 33.36
CA HIS B 631 18.80 -22.16 33.86
C HIS B 631 17.69 -21.09 33.95
N TYR B 632 18.03 -19.89 34.41
CA TYR B 632 17.02 -18.93 34.70
C TYR B 632 16.56 -18.35 33.44
N LEU B 633 17.49 -18.09 32.54
CA LEU B 633 17.15 -17.53 31.26
C LEU B 633 16.36 -18.46 30.28
N GLY B 634 16.61 -19.79 30.34
CA GLY B 634 16.05 -20.86 29.46
C GLY B 634 15.84 -20.47 27.99
N SER B 635 16.88 -19.93 27.38
CA SER B 635 16.88 -19.44 26.01
C SER B 635 18.04 -20.10 25.28
N ILE B 636 17.74 -20.80 24.22
CA ILE B 636 18.84 -21.27 23.47
C ILE B 636 19.45 -20.05 22.80
N LEU B 637 18.64 -19.06 22.44
CA LEU B 637 19.23 -17.92 21.73
C LEU B 637 20.10 -17.05 22.62
N GLY B 638 19.94 -17.14 23.93
CA GLY B 638 20.64 -16.23 24.79
C GLY B 638 21.59 -16.98 25.67
N ARG B 639 21.95 -18.19 25.29
CA ARG B 639 23.00 -18.89 26.05
C ARG B 639 24.21 -17.97 26.21
N TYR B 640 24.71 -17.88 27.44
CA TYR B 640 25.95 -17.21 27.75
C TYR B 640 27.09 -17.47 26.73
N ASP B 641 27.36 -18.74 26.41
CA ASP B 641 28.47 -19.05 25.50
C ASP B 641 28.16 -18.84 24.03
N GLY B 642 27.06 -18.20 23.69
CA GLY B 642 26.68 -18.05 22.29
C GLY B 642 26.64 -19.27 21.38
N ASN B 643 26.60 -20.48 21.92
CA ASN B 643 26.55 -21.65 21.07
C ASN B 643 25.14 -21.99 20.65
N VAL B 644 24.59 -21.20 19.74
CA VAL B 644 23.17 -21.16 19.53
C VAL B 644 22.70 -22.28 18.61
N TYR B 645 23.24 -22.33 17.39
CA TYR B 645 22.64 -23.18 16.38
C TYR B 645 22.77 -24.65 16.75
N PRO B 646 23.96 -25.09 17.21
CA PRO B 646 23.98 -26.53 17.44
C PRO B 646 23.00 -26.86 18.51
N LYS B 647 22.73 -25.90 19.39
CA LYS B 647 21.82 -26.20 20.49
C LYS B 647 20.40 -26.31 20.02
N LEU B 648 19.99 -25.38 19.17
CA LEU B 648 18.69 -25.45 18.46
C LEU B 648 18.51 -26.76 17.68
N TYR B 649 19.53 -27.22 16.98
CA TYR B 649 19.46 -28.50 16.28
C TYR B 649 19.26 -29.67 17.25
N GLU B 650 20.16 -29.84 18.19
CA GLU B 650 20.01 -30.84 19.22
C GLU B 650 18.58 -30.69 19.87
N ALA B 651 18.13 -29.45 20.13
CA ALA B 651 16.79 -29.29 20.72
C ALA B 651 15.61 -29.81 19.85
N ALA B 652 15.64 -29.61 18.55
CA ALA B 652 14.53 -30.11 17.77
C ALA B 652 14.35 -31.59 17.86
N TRP B 653 15.45 -32.33 18.07
CA TRP B 653 15.38 -33.81 18.04
C TRP B 653 14.72 -34.42 19.26
N LYS B 654 14.03 -33.60 20.04
CA LYS B 654 13.38 -34.01 21.28
C LYS B 654 11.88 -33.70 21.32
N ASP B 655 11.37 -32.86 20.43
CA ASP B 655 9.92 -32.74 20.26
C ASP B 655 9.24 -34.13 20.04
N PRO B 656 8.06 -34.33 20.65
CA PRO B 656 7.22 -35.54 20.49
C PRO B 656 7.12 -36.07 19.03
N LEU B 657 6.93 -35.16 18.09
CA LEU B 657 6.84 -35.58 16.70
C LEU B 657 8.08 -36.29 16.19
N ASN B 658 9.24 -36.01 16.77
CA ASN B 658 10.47 -36.63 16.32
C ASN B 658 10.73 -38.05 16.83
N LYS B 659 9.84 -38.57 17.67
CA LYS B 659 9.98 -39.96 18.17
C LYS B 659 10.06 -41.04 17.07
N SER B 660 9.42 -40.84 15.92
CA SER B 660 9.74 -41.63 14.75
C SER B 660 9.68 -40.80 13.46
N ASP B 661 10.15 -41.40 12.36
CA ASP B 661 10.15 -40.73 11.06
C ASP B 661 8.78 -40.72 10.40
N ILE B 662 7.73 -41.22 11.09
CA ILE B 662 6.36 -41.32 10.53
C ILE B 662 5.34 -40.89 11.60
N ALA B 663 4.52 -39.88 11.31
CA ALA B 663 3.67 -39.28 12.33
C ALA B 663 2.45 -40.11 12.49
N ASP B 664 1.94 -40.23 13.72
CA ASP B 664 0.62 -40.88 13.93
C ASP B 664 -0.43 -40.06 13.22
N GLY B 665 -1.27 -40.76 12.47
CA GLY B 665 -2.12 -40.11 11.50
C GLY B 665 -1.71 -40.40 10.08
N PHE B 666 -0.43 -40.33 9.77
CA PHE B 666 -0.04 -40.40 8.38
C PHE B 666 -0.52 -41.63 7.58
N HIS B 667 -0.39 -42.87 8.07
CA HIS B 667 -0.86 -44.03 7.26
C HIS B 667 -2.39 -44.04 7.16
N GLU B 668 -3.05 -43.56 8.21
CA GLU B 668 -4.51 -43.57 8.25
C GLU B 668 -5.10 -42.52 7.31
N TYR B 669 -4.59 -41.28 7.36
CA TYR B 669 -5.19 -40.26 6.53
C TYR B 669 -4.40 -39.94 5.29
N ILE B 670 -3.10 -39.85 5.39
CA ILE B 670 -2.40 -39.27 4.25
C ILE B 670 -2.04 -40.26 3.15
N ARG B 671 -1.58 -41.44 3.57
CA ARG B 671 -1.21 -42.49 2.62
C ARG B 671 -2.36 -42.74 1.63
N PRO B 672 -3.59 -43.03 2.14
CA PRO B 672 -4.66 -43.32 1.17
C PRO B 672 -4.71 -42.28 0.09
N LEU B 673 -4.77 -41.00 0.47
CA LEU B 673 -4.92 -39.91 -0.48
C LEU B 673 -3.74 -39.85 -1.48
N LEU B 674 -2.53 -40.13 -1.01
CA LEU B 674 -1.34 -40.10 -1.90
C LEU B 674 -1.58 -40.96 -3.11
N LYS B 675 -1.97 -42.21 -2.84
CA LYS B 675 -2.37 -43.22 -3.84
C LYS B 675 -3.87 -43.13 -4.35
N GLN B 676 -4.71 -42.37 -3.62
CA GLN B 676 -6.20 -42.17 -3.83
C GLN B 676 -7.15 -43.35 -3.51
N GLN B 677 -8.04 -43.12 -2.54
CA GLN B 677 -8.89 -44.16 -1.93
C GLN B 677 -10.09 -43.52 -1.20
N VAL C 23 -9.16 -13.43 -63.96
CA VAL C 23 -9.64 -12.05 -64.28
C VAL C 23 -9.27 -11.05 -63.14
N ASP C 24 -8.16 -11.36 -62.46
CA ASP C 24 -7.54 -10.49 -61.45
C ASP C 24 -6.04 -10.36 -61.81
N TYR C 25 -5.74 -9.44 -62.72
CA TYR C 25 -4.39 -9.31 -63.30
C TYR C 25 -3.24 -8.96 -62.30
N LEU C 26 -3.51 -8.98 -61.00
CA LEU C 26 -2.47 -8.75 -59.98
C LEU C 26 -2.45 -9.86 -58.93
N ALA C 27 -2.98 -11.04 -59.32
CA ALA C 27 -3.05 -12.20 -58.42
C ALA C 27 -1.62 -12.77 -58.18
N ASP C 28 -0.86 -12.81 -59.27
CA ASP C 28 0.60 -12.99 -59.32
C ASP C 28 1.36 -12.04 -58.38
N GLU C 29 1.03 -10.75 -58.51
CA GLU C 29 1.52 -9.69 -57.62
C GLU C 29 1.11 -9.97 -56.19
N ARG C 30 -0.19 -10.21 -55.97
CA ARG C 30 -0.67 -10.64 -54.65
C ARG C 30 0.11 -11.86 -54.07
N LYS C 31 0.43 -12.83 -54.93
CA LYS C 31 1.10 -14.06 -54.46
C LYS C 31 2.59 -13.91 -54.05
N LYS C 32 3.23 -12.82 -54.49
CA LYS C 32 4.69 -12.57 -54.20
C LYS C 32 5.00 -12.18 -52.75
N ALA C 33 3.95 -11.96 -51.95
CA ALA C 33 4.06 -11.29 -50.63
C ALA C 33 4.68 -12.08 -49.49
N GLY C 34 5.73 -11.49 -48.90
CA GLY C 34 6.42 -12.07 -47.73
C GLY C 34 5.79 -11.83 -46.38
N PHE C 35 4.47 -11.60 -46.38
CA PHE C 35 3.71 -11.31 -45.14
C PHE C 35 2.20 -11.55 -45.31
N ASP C 36 1.55 -11.86 -44.19
CA ASP C 36 0.09 -12.06 -44.15
C ASP C 36 -0.64 -10.71 -44.24
N VAL C 37 -1.06 -10.39 -45.46
CA VAL C 37 -1.89 -9.22 -45.77
C VAL C 37 -3.06 -8.94 -44.79
N ASP C 38 -3.68 -10.00 -44.24
CA ASP C 38 -4.78 -9.83 -43.28
C ASP C 38 -4.39 -9.10 -41.98
N GLU C 39 -3.30 -9.52 -41.33
CA GLU C 39 -2.81 -8.88 -40.11
C GLU C 39 -2.44 -7.41 -40.31
N MET C 40 -2.09 -7.05 -41.54
CA MET C 40 -1.75 -5.68 -41.90
C MET C 40 -3.01 -4.81 -41.92
N LYS C 41 -4.06 -5.31 -42.58
CA LYS C 41 -5.41 -4.72 -42.53
C LYS C 41 -5.80 -4.23 -41.14
N ILE C 42 -5.49 -5.03 -40.11
CA ILE C 42 -5.64 -4.61 -38.73
C ILE C 42 -4.74 -3.38 -38.51
N VAL C 43 -3.50 -3.60 -38.08
CA VAL C 43 -2.50 -2.54 -37.87
C VAL C 43 -2.83 -1.22 -38.61
N TRP C 44 -3.06 -1.28 -39.92
CA TRP C 44 -3.39 -0.06 -40.64
C TRP C 44 -4.67 0.57 -40.08
N ALA C 45 -5.79 -0.12 -40.24
CA ALA C 45 -7.09 0.34 -39.70
C ALA C 45 -7.05 0.82 -38.22
N GLY C 46 -6.32 0.12 -37.35
CA GLY C 46 -6.13 0.58 -35.96
C GLY C 46 -6.17 -0.49 -34.86
N SER C 47 -7.03 -1.47 -35.05
CA SER C 47 -7.30 -2.51 -34.04
C SER C 47 -8.42 -3.40 -34.59
N ARG C 48 -8.55 -4.63 -34.07
CA ARG C 48 -9.64 -5.49 -34.50
C ARG C 48 -10.98 -4.76 -34.36
N HIS C 49 -11.18 -4.14 -33.20
CA HIS C 49 -12.35 -3.29 -32.97
C HIS C 49 -12.50 -2.22 -34.07
N ASP C 50 -11.38 -1.61 -34.45
CA ASP C 50 -11.39 -0.58 -35.50
C ASP C 50 -11.59 -1.17 -36.88
N PHE C 51 -11.04 -2.36 -37.11
CA PHE C 51 -11.08 -2.98 -38.42
C PHE C 51 -12.51 -3.35 -38.82
N GLU C 52 -13.19 -4.09 -37.93
CA GLU C 52 -14.55 -4.54 -38.19
C GLU C 52 -15.49 -3.35 -38.37
N LEU C 53 -15.25 -2.30 -37.58
CA LEU C 53 -16.04 -1.06 -37.66
C LEU C 53 -15.95 -0.44 -39.06
N THR C 54 -14.71 -0.14 -39.50
CA THR C 54 -14.41 0.44 -40.83
C THR C 54 -14.90 -0.44 -42.00
N ASP C 55 -14.70 -1.75 -41.86
CA ASP C 55 -15.17 -2.75 -42.83
C ASP C 55 -16.68 -2.69 -42.99
N ARG C 56 -17.39 -2.83 -41.86
CA ARG C 56 -18.86 -2.83 -41.79
C ARG C 56 -19.47 -1.58 -42.40
N ILE C 57 -18.91 -0.42 -42.05
CA ILE C 57 -19.32 0.84 -42.65
C ILE C 57 -19.07 0.83 -44.17
N SER C 58 -17.79 0.73 -44.56
CA SER C 58 -17.39 0.75 -45.97
C SER C 58 -18.26 -0.14 -46.88
N LYS C 59 -18.71 -1.27 -46.36
CA LYS C 59 -19.65 -2.17 -47.07
C LYS C 59 -21.03 -1.56 -47.36
N LEU C 60 -21.77 -1.15 -46.32
CA LEU C 60 -23.16 -0.66 -46.52
C LEU C 60 -23.25 0.47 -47.53
N VAL C 61 -22.19 1.26 -47.62
CA VAL C 61 -22.12 2.42 -48.50
C VAL C 61 -21.83 2.02 -49.95
N ALA C 62 -20.90 1.08 -50.12
CA ALA C 62 -20.50 0.60 -51.46
C ALA C 62 -21.66 -0.12 -52.15
N SER C 63 -22.24 -1.09 -51.45
CA SER C 63 -23.36 -1.91 -51.95
C SER C 63 -24.69 -1.16 -51.97
N ASP C 64 -24.61 0.17 -51.82
CA ASP C 64 -25.78 1.03 -51.74
C ASP C 64 -25.84 1.93 -52.96
N PRO C 65 -26.93 1.84 -53.74
CA PRO C 65 -27.14 2.71 -54.91
C PRO C 65 -27.32 4.18 -54.52
N GLY C 66 -27.65 4.41 -53.26
CA GLY C 66 -27.80 5.75 -52.71
C GLY C 66 -26.50 6.47 -52.36
N PHE C 67 -25.38 5.90 -52.79
CA PHE C 67 -24.08 6.55 -52.62
C PHE C 67 -23.28 6.62 -53.92
N SER C 68 -23.88 6.10 -55.00
CA SER C 68 -23.31 6.10 -56.36
C SER C 68 -22.64 7.42 -56.75
N LYS C 69 -21.34 7.36 -57.03
CA LYS C 69 -20.57 8.50 -57.51
C LYS C 69 -21.06 8.92 -58.90
N GLU C 70 -21.25 7.92 -59.77
CA GLU C 70 -21.57 8.06 -61.20
C GLU C 70 -22.23 9.38 -61.59
N GLY C 71 -21.42 10.33 -62.07
CA GLY C 71 -21.90 11.66 -62.45
C GLY C 71 -21.52 12.86 -61.58
N ARG C 72 -20.95 12.61 -60.38
CA ARG C 72 -20.40 13.69 -59.51
C ARG C 72 -19.10 14.24 -60.12
N THR C 73 -19.13 14.37 -61.45
CA THR C 73 -17.99 14.69 -62.28
C THR C 73 -18.50 15.43 -63.53
N MET C 74 -19.65 15.00 -64.04
CA MET C 74 -20.28 15.59 -65.23
C MET C 74 -21.25 16.73 -64.88
N LEU C 75 -22.00 16.55 -63.79
CA LEU C 75 -23.05 17.50 -63.37
C LEU C 75 -22.60 18.95 -63.26
N PRO C 76 -23.44 19.89 -63.75
CA PRO C 76 -23.28 21.31 -63.43
C PRO C 76 -23.50 21.55 -61.93
N ARG C 77 -22.76 22.50 -61.36
CA ARG C 77 -22.77 22.76 -59.90
C ARG C 77 -24.17 23.06 -59.36
N LYS C 78 -25.07 23.46 -60.26
CA LYS C 78 -26.48 23.61 -59.96
C LYS C 78 -27.03 22.37 -59.24
N GLU C 79 -26.88 21.20 -59.87
CA GLU C 79 -27.47 19.96 -59.37
C GLU C 79 -26.51 19.02 -58.66
N LEU C 80 -25.21 19.20 -58.88
CA LEU C 80 -24.19 18.52 -58.06
C LEU C 80 -24.37 18.93 -56.61
N PHE C 81 -25.04 20.07 -56.44
CA PHE C 81 -25.54 20.55 -55.15
C PHE C 81 -26.89 19.90 -54.80
N LYS C 82 -27.77 19.76 -55.80
CA LYS C 82 -29.07 19.10 -55.63
C LYS C 82 -28.96 17.65 -55.14
N ASN C 83 -28.00 16.91 -55.69
CA ASN C 83 -27.78 15.50 -55.31
C ASN C 83 -26.91 15.35 -54.07
N THR C 84 -26.03 16.33 -53.83
CA THR C 84 -25.21 16.40 -52.61
C THR C 84 -26.09 16.62 -51.39
N LEU C 85 -27.17 17.36 -51.59
CA LEU C 85 -28.15 17.57 -50.55
C LEU C 85 -29.02 16.32 -50.34
N ARG C 86 -29.60 15.79 -51.44
CA ARG C 86 -30.38 14.54 -51.40
C ARG C 86 -29.57 13.40 -50.80
N LYS C 87 -28.29 13.32 -51.16
CA LYS C 87 -27.38 12.30 -50.65
C LYS C 87 -27.10 12.47 -49.15
N ALA C 88 -26.90 13.73 -48.74
CA ALA C 88 -26.69 14.05 -47.32
C ALA C 88 -27.95 13.76 -46.51
N ALA C 89 -29.11 13.88 -47.16
CA ALA C 89 -30.37 13.48 -46.56
C ALA C 89 -30.30 12.00 -46.24
N TYR C 90 -30.31 11.16 -47.28
CA TYR C 90 -30.21 9.70 -47.13
C TYR C 90 -29.05 9.24 -46.21
N ALA C 91 -28.08 10.14 -45.98
CA ALA C 91 -27.01 9.89 -45.02
C ALA C 91 -27.50 9.86 -43.55
N TRP C 92 -27.87 11.04 -43.00
CA TRP C 92 -28.47 11.11 -41.66
C TRP C 92 -29.67 10.16 -41.51
N LYS C 93 -30.45 10.03 -42.60
CA LYS C 93 -31.58 9.09 -42.67
C LYS C 93 -31.14 7.65 -42.42
N ARG C 94 -30.07 7.22 -43.08
CA ARG C 94 -29.55 5.87 -42.88
C ARG C 94 -28.76 5.75 -41.56
N ILE C 95 -28.17 6.85 -41.11
CA ILE C 95 -27.54 6.90 -39.79
C ILE C 95 -28.58 6.64 -38.69
N ILE C 96 -29.76 7.24 -38.87
CA ILE C 96 -30.91 7.01 -37.99
C ILE C 96 -31.40 5.56 -38.10
N GLU C 97 -31.62 5.08 -39.32
CA GLU C 97 -32.18 3.75 -39.58
C GLU C 97 -31.35 2.59 -39.00
N LEU C 98 -30.08 2.53 -39.37
CA LEU C 98 -29.11 1.69 -38.66
C LEU C 98 -28.58 2.50 -37.49
N ARG C 99 -29.40 2.55 -36.42
CA ARG C 99 -29.12 3.31 -35.21
C ARG C 99 -27.86 2.81 -34.49
N LEU C 100 -26.76 3.54 -34.65
CA LEU C 100 -25.44 3.11 -34.17
C LEU C 100 -24.93 3.93 -32.97
N SER C 101 -23.94 4.77 -33.21
CA SER C 101 -23.33 5.67 -32.22
C SER C 101 -22.35 6.60 -32.94
N GLN C 102 -22.12 7.77 -32.34
CA GLN C 102 -21.30 8.85 -32.93
C GLN C 102 -20.06 8.40 -33.75
N GLU C 103 -19.31 7.43 -33.20
CA GLU C 103 -18.15 6.82 -33.88
C GLU C 103 -18.49 6.39 -35.32
N GLU C 104 -19.59 5.63 -35.46
CA GLU C 104 -20.05 5.15 -36.76
C GLU C 104 -20.46 6.30 -37.70
N ALA C 105 -21.19 7.27 -37.15
CA ALA C 105 -21.69 8.42 -37.92
C ALA C 105 -20.57 9.27 -38.54
N THR C 106 -19.42 9.25 -37.89
CA THR C 106 -18.23 9.92 -38.40
C THR C 106 -17.83 9.31 -39.74
N MET C 107 -17.73 7.98 -39.76
CA MET C 107 -17.20 7.26 -40.93
C MET C 107 -18.16 7.12 -42.13
N LEU C 108 -19.46 6.97 -41.87
CA LEU C 108 -20.44 6.85 -42.95
C LEU C 108 -20.50 8.08 -43.87
N ARG C 109 -20.19 9.24 -43.29
CA ARG C 109 -20.10 10.51 -44.04
C ARG C 109 -18.83 10.58 -44.89
N ARG C 110 -17.68 10.31 -44.25
CA ARG C 110 -16.35 10.26 -44.89
C ARG C 110 -16.22 9.16 -45.94
N TYR C 111 -17.03 8.10 -45.80
CA TYR C 111 -17.13 7.03 -46.81
C TYR C 111 -18.13 7.31 -47.93
N VAL C 112 -18.92 8.37 -47.75
CA VAL C 112 -19.66 8.99 -48.86
C VAL C 112 -18.71 9.86 -49.71
N ASP C 113 -17.45 9.98 -49.28
CA ASP C 113 -16.40 10.74 -49.98
C ASP C 113 -16.86 12.15 -50.38
N GLU C 114 -17.94 12.58 -49.76
CA GLU C 114 -18.55 13.88 -50.06
C GLU C 114 -18.16 14.94 -49.05
N PRO C 115 -17.50 16.01 -49.50
CA PRO C 115 -17.24 17.11 -48.60
C PRO C 115 -18.50 17.97 -48.56
N ALA C 116 -19.20 17.93 -47.43
CA ALA C 116 -20.56 18.46 -47.32
C ALA C 116 -20.83 19.26 -46.03
N PHE C 117 -21.89 20.09 -46.05
CA PHE C 117 -22.23 20.94 -44.92
C PHE C 117 -22.16 20.21 -43.57
N THR C 118 -22.47 18.92 -43.60
CA THR C 118 -22.44 18.02 -42.44
C THR C 118 -21.04 17.94 -41.78
N ASP C 119 -19.99 18.08 -42.59
CA ASP C 119 -18.60 18.05 -42.09
C ASP C 119 -18.38 19.16 -41.07
N LEU C 120 -18.56 20.40 -41.51
CA LEU C 120 -18.36 21.58 -40.66
C LEU C 120 -19.46 21.81 -39.64
N HIS C 121 -20.63 21.22 -39.86
CA HIS C 121 -21.70 21.16 -38.85
C HIS C 121 -21.22 20.32 -37.67
N TRP C 122 -20.51 19.23 -37.98
CA TRP C 122 -20.14 18.23 -36.97
C TRP C 122 -18.72 18.34 -36.41
N GLY C 123 -17.79 18.86 -37.22
CA GLY C 123 -16.40 19.05 -36.77
C GLY C 123 -16.11 20.46 -36.28
N MET C 124 -16.76 21.43 -36.91
CA MET C 124 -16.57 22.84 -36.60
C MET C 124 -17.71 23.43 -35.78
N PHE C 125 -18.95 23.25 -36.22
CA PHE C 125 -20.10 23.87 -35.56
C PHE C 125 -20.42 23.27 -34.19
N ILE C 126 -20.65 21.97 -34.14
CA ILE C 126 -21.03 21.31 -32.89
C ILE C 126 -19.95 21.44 -31.79
N PRO C 127 -18.67 21.12 -32.10
CA PRO C 127 -17.64 21.16 -31.06
C PRO C 127 -17.28 22.56 -30.58
N ALA C 128 -17.54 23.58 -31.39
CA ALA C 128 -17.37 24.98 -30.97
C ALA C 128 -18.35 25.37 -29.87
N ILE C 129 -19.59 24.89 -29.98
CA ILE C 129 -20.62 25.11 -28.95
C ILE C 129 -20.24 24.50 -27.60
N LYS C 130 -19.30 23.55 -27.62
CA LYS C 130 -18.78 22.94 -26.39
C LYS C 130 -17.48 23.64 -26.00
N GLY C 131 -17.17 23.67 -24.71
CA GLY C 131 -15.89 24.18 -24.22
C GLY C 131 -15.72 25.70 -24.28
N GLN C 132 -16.51 26.33 -25.13
CA GLN C 132 -16.56 27.80 -25.25
C GLN C 132 -17.88 28.35 -24.70
N GLY C 133 -18.97 27.61 -24.92
CA GLY C 133 -20.26 27.89 -24.32
C GLY C 133 -20.47 27.05 -23.06
N THR C 134 -21.33 27.52 -22.19
CA THR C 134 -21.56 26.90 -20.88
C THR C 134 -22.25 25.53 -20.92
N ASP C 135 -22.57 25.02 -19.72
CA ASP C 135 -23.38 23.83 -19.53
C ASP C 135 -24.85 24.11 -19.83
N LYS C 136 -25.30 25.32 -19.49
CA LYS C 136 -26.66 25.77 -19.78
C LYS C 136 -26.88 26.02 -21.29
N GLN C 137 -25.89 26.66 -21.92
CA GLN C 137 -25.96 26.92 -23.36
C GLN C 137 -25.91 25.65 -24.19
N GLN C 138 -25.25 24.61 -23.66
CA GLN C 138 -25.14 23.31 -24.33
C GLN C 138 -26.46 22.51 -24.30
N GLU C 139 -27.15 22.52 -23.17
CA GLU C 139 -28.45 21.86 -23.04
C GLU C 139 -29.51 22.49 -23.97
N LYS C 140 -29.39 23.80 -24.20
CA LYS C 140 -30.32 24.53 -25.03
C LYS C 140 -30.03 24.30 -26.52
N TRP C 141 -28.77 24.42 -26.91
CA TRP C 141 -28.39 24.35 -28.34
C TRP C 141 -27.94 22.99 -28.90
N LEU C 142 -27.30 22.15 -28.08
CA LEU C 142 -26.75 20.88 -28.55
C LEU C 142 -27.78 19.76 -28.86
N PRO C 143 -28.84 19.62 -28.02
CA PRO C 143 -29.98 18.79 -28.44
C PRO C 143 -30.64 19.24 -29.75
N LEU C 144 -30.75 20.56 -29.93
CA LEU C 144 -31.33 21.18 -31.15
C LEU C 144 -30.53 20.90 -32.45
N ALA C 145 -29.50 20.08 -32.35
CA ALA C 145 -28.54 19.88 -33.44
C ALA C 145 -28.17 18.40 -33.66
N TYR C 146 -28.19 17.60 -32.58
CA TYR C 146 -28.09 16.14 -32.68
C TYR C 146 -29.21 15.60 -33.60
N LYS C 147 -30.34 16.29 -33.58
CA LYS C 147 -31.49 15.96 -34.42
C LYS C 147 -31.57 16.89 -35.65
N MET C 148 -30.66 17.87 -35.68
CA MET C 148 -30.52 18.85 -36.78
C MET C 148 -31.79 19.64 -37.15
N GLN C 149 -32.42 20.25 -36.15
CA GLN C 149 -33.48 21.24 -36.37
C GLN C 149 -32.80 22.41 -37.05
N ILE C 150 -32.04 23.18 -36.27
CA ILE C 150 -31.08 24.14 -36.80
C ILE C 150 -29.87 23.35 -37.35
N ILE C 151 -29.26 23.89 -38.41
CA ILE C 151 -28.14 23.26 -39.11
C ILE C 151 -27.10 24.34 -39.40
N GLY C 152 -25.91 24.19 -38.85
CA GLY C 152 -25.02 25.32 -38.72
C GLY C 152 -23.63 25.23 -39.30
N CYS C 153 -22.87 26.31 -39.10
CA CYS C 153 -21.50 26.43 -39.58
C CYS C 153 -20.62 27.35 -38.72
N TYR C 154 -19.33 27.02 -38.65
CA TYR C 154 -18.28 27.79 -37.98
C TYR C 154 -17.94 29.04 -38.81
N ALA C 155 -18.18 30.24 -38.28
CA ALA C 155 -18.04 31.47 -39.05
C ALA C 155 -16.99 32.44 -38.49
N GLN C 156 -15.80 32.39 -39.07
CA GLN C 156 -14.61 33.02 -38.50
C GLN C 156 -13.84 33.85 -39.52
N THR C 157 -13.28 33.16 -40.51
CA THR C 157 -12.46 33.78 -41.56
C THR C 157 -13.20 34.88 -42.33
N GLU C 158 -12.64 36.07 -42.28
CA GLU C 158 -13.16 37.20 -43.01
C GLU C 158 -12.44 37.26 -44.34
N LEU C 159 -12.89 38.16 -45.21
CA LEU C 159 -12.24 38.40 -46.49
C LEU C 159 -10.82 38.89 -46.32
N GLY C 160 -10.61 39.65 -45.23
CA GLY C 160 -9.33 40.30 -44.95
C GLY C 160 -8.43 39.59 -43.94
N HIS C 161 -9.05 38.78 -43.08
CA HIS C 161 -8.32 38.11 -42.01
C HIS C 161 -8.76 36.65 -41.86
N GLY C 162 -7.79 35.75 -41.90
CA GLY C 162 -8.00 34.32 -41.65
C GLY C 162 -6.90 33.83 -40.73
N SER C 163 -5.66 33.95 -41.21
CA SER C 163 -4.47 33.69 -40.41
C SER C 163 -4.39 34.50 -39.11
N ASN C 164 -4.52 35.83 -39.17
CA ASN C 164 -4.50 36.66 -37.96
C ASN C 164 -5.90 36.79 -37.34
N VAL C 165 -6.16 35.99 -36.31
CA VAL C 165 -7.49 35.91 -35.68
C VAL C 165 -7.76 37.09 -34.74
N GLN C 166 -6.68 37.68 -34.22
CA GLN C 166 -6.78 38.89 -33.39
C GLN C 166 -7.02 40.20 -34.18
N GLY C 167 -7.00 40.09 -35.51
CA GLY C 167 -7.32 41.19 -36.43
C GLY C 167 -8.64 41.08 -37.20
N LEU C 168 -9.50 40.13 -36.85
CA LEU C 168 -10.86 40.12 -37.38
C LEU C 168 -11.49 41.45 -37.05
N GLU C 169 -12.35 41.88 -37.95
CA GLU C 169 -12.90 43.22 -37.89
C GLU C 169 -14.33 43.27 -37.39
N THR C 170 -15.10 42.20 -37.67
CA THR C 170 -16.54 42.16 -37.31
C THR C 170 -16.76 42.36 -35.81
N THR C 171 -17.38 43.50 -35.48
CA THR C 171 -17.52 43.91 -34.09
C THR C 171 -18.82 43.41 -33.46
N ALA C 172 -18.80 43.21 -32.15
CA ALA C 172 -20.00 42.94 -31.38
C ALA C 172 -20.08 43.94 -30.23
N THR C 173 -20.78 45.04 -30.46
CA THR C 173 -21.00 46.00 -29.41
C THR C 173 -22.19 45.50 -28.58
N PHE C 174 -21.96 45.24 -27.30
CA PHE C 174 -23.08 44.97 -26.43
C PHE C 174 -23.97 46.25 -26.31
N ASP C 175 -25.29 46.08 -26.35
CA ASP C 175 -26.20 47.21 -26.16
C ASP C 175 -26.68 47.22 -24.73
N PRO C 176 -26.42 48.34 -24.03
CA PRO C 176 -26.85 48.63 -22.66
C PRO C 176 -28.38 48.73 -22.48
N GLN C 177 -29.02 49.69 -23.16
CA GLN C 177 -30.44 50.03 -22.91
C GLN C 177 -31.46 48.94 -23.32
N THR C 178 -30.96 47.74 -23.67
CA THR C 178 -31.81 46.53 -23.86
C THR C 178 -31.06 45.20 -24.20
N ASP C 179 -29.98 44.92 -23.48
CA ASP C 179 -29.40 43.56 -23.31
C ASP C 179 -29.10 42.68 -24.56
N GLU C 180 -28.38 43.23 -25.53
CA GLU C 180 -28.12 42.51 -26.79
C GLU C 180 -26.76 42.85 -27.42
N PHE C 181 -26.35 42.13 -28.46
CA PHE C 181 -25.12 42.47 -29.17
C PHE C 181 -25.41 43.00 -30.54
N VAL C 182 -24.70 44.05 -30.92
CA VAL C 182 -24.83 44.53 -32.28
C VAL C 182 -23.58 44.12 -33.14
N ILE C 183 -23.69 42.92 -33.72
CA ILE C 183 -22.68 42.35 -34.63
C ILE C 183 -22.76 43.01 -36.01
N HIS C 184 -21.98 44.09 -36.17
CA HIS C 184 -21.87 44.80 -37.46
C HIS C 184 -20.63 44.44 -38.29
N SER C 185 -20.79 44.41 -39.62
CA SER C 185 -19.67 44.29 -40.57
C SER C 185 -19.33 45.66 -41.20
N PRO C 186 -18.33 46.36 -40.61
CA PRO C 186 -18.03 47.77 -40.88
C PRO C 186 -17.55 48.10 -42.30
N THR C 187 -16.91 47.14 -42.96
CA THR C 187 -16.46 47.32 -44.35
C THR C 187 -16.65 46.04 -45.15
N LEU C 188 -16.34 46.12 -46.45
CA LEU C 188 -16.44 44.98 -47.35
C LEU C 188 -15.44 43.87 -46.98
N THR C 189 -14.25 44.27 -46.53
CA THR C 189 -13.19 43.32 -46.15
C THR C 189 -13.52 42.50 -44.89
N SER C 190 -14.36 43.07 -44.00
CA SER C 190 -14.81 42.37 -42.78
C SER C 190 -15.94 41.35 -43.00
N SER C 191 -16.38 41.24 -44.26
CA SER C 191 -17.37 40.26 -44.65
C SER C 191 -16.76 38.85 -44.51
N LYS C 192 -17.50 37.94 -43.86
CA LYS C 192 -17.05 36.58 -43.64
C LYS C 192 -16.73 35.96 -44.97
N TRP C 193 -15.83 34.98 -44.96
CA TRP C 193 -15.37 34.40 -46.19
C TRP C 193 -14.78 33.01 -45.92
N TRP C 194 -15.35 32.02 -46.62
CA TRP C 194 -14.94 30.59 -46.57
C TRP C 194 -15.84 29.58 -45.80
N PRO C 195 -16.39 29.98 -44.62
CA PRO C 195 -17.12 29.03 -43.78
C PRO C 195 -17.95 27.97 -44.52
N GLY C 196 -17.42 26.74 -44.51
CA GLY C 196 -18.09 25.59 -45.08
C GLY C 196 -19.46 25.43 -44.44
N GLY C 197 -20.50 25.35 -45.28
CA GLY C 197 -21.88 25.29 -44.84
C GLY C 197 -22.59 26.64 -44.90
N LEU C 198 -21.82 27.73 -44.92
CA LEU C 198 -22.39 29.10 -44.84
C LEU C 198 -23.27 29.49 -46.03
N GLY C 199 -22.93 29.00 -47.23
CA GLY C 199 -23.59 29.39 -48.47
C GLY C 199 -25.11 29.49 -48.43
N LYS C 200 -25.76 28.32 -48.40
CA LYS C 200 -27.21 28.22 -48.53
C LYS C 200 -27.83 27.34 -47.46
N VAL C 201 -27.00 26.59 -46.74
CA VAL C 201 -27.49 25.49 -45.91
C VAL C 201 -27.45 25.71 -44.38
N SER C 202 -26.84 26.81 -43.94
CA SER C 202 -26.79 27.13 -42.52
C SER C 202 -27.97 27.99 -42.07
N THR C 203 -28.73 27.52 -41.08
CA THR C 203 -29.73 28.38 -40.43
C THR C 203 -29.04 29.21 -39.36
N HIS C 204 -27.88 28.72 -38.91
CA HIS C 204 -27.12 29.32 -37.83
C HIS C 204 -25.62 29.27 -38.08
N ALA C 205 -24.88 30.08 -37.33
CA ALA C 205 -23.44 30.15 -37.42
C ALA C 205 -22.83 30.60 -36.11
N VAL C 206 -21.84 29.84 -35.63
CA VAL C 206 -21.02 30.28 -34.51
C VAL C 206 -20.06 31.36 -35.03
N VAL C 207 -20.56 32.60 -35.01
CA VAL C 207 -19.93 33.76 -35.63
C VAL C 207 -18.86 34.43 -34.74
N TYR C 208 -17.72 34.79 -35.32
CA TYR C 208 -16.58 35.31 -34.55
C TYR C 208 -16.34 36.83 -34.64
N ALA C 209 -16.28 37.47 -33.47
CA ALA C 209 -16.47 38.92 -33.40
C ALA C 209 -15.69 39.67 -32.29
N ARG C 210 -14.97 40.72 -32.70
CA ARG C 210 -14.38 41.67 -31.76
C ARG C 210 -15.45 42.08 -30.79
N LEU C 211 -15.08 42.12 -29.51
CA LEU C 211 -16.01 42.36 -28.44
C LEU C 211 -15.81 43.78 -27.88
N ILE C 212 -16.82 44.61 -28.09
CA ILE C 212 -16.84 45.96 -27.53
C ILE C 212 -17.94 46.04 -26.47
N THR C 213 -17.50 46.24 -25.23
CA THR C 213 -18.38 46.61 -24.13
C THR C 213 -17.66 47.66 -23.27
N ASP C 214 -18.42 48.67 -22.82
CA ASP C 214 -17.92 49.82 -22.05
C ASP C 214 -16.78 50.62 -22.76
N GLY C 215 -16.84 50.76 -24.07
CA GLY C 215 -15.78 51.47 -24.82
C GLY C 215 -14.41 50.80 -24.89
N LYS C 216 -14.30 49.56 -24.41
CA LYS C 216 -13.02 48.82 -24.46
C LYS C 216 -13.14 47.52 -25.29
N ASP C 217 -12.10 47.21 -26.05
CA ASP C 217 -12.08 45.97 -26.82
C ASP C 217 -11.53 44.80 -26.01
N TYR C 218 -12.44 43.99 -25.46
CA TYR C 218 -12.05 42.81 -24.68
C TYR C 218 -11.73 41.53 -25.49
N GLY C 219 -11.60 41.65 -26.82
CA GLY C 219 -11.07 40.55 -27.64
C GLY C 219 -12.03 39.55 -28.26
N VAL C 220 -11.53 38.81 -29.26
CA VAL C 220 -12.33 38.01 -30.21
C VAL C 220 -13.12 36.81 -29.63
N ASN C 221 -14.46 36.89 -29.71
CA ASN C 221 -15.32 35.81 -29.21
C ASN C 221 -16.30 35.19 -30.20
N GLY C 222 -17.05 34.20 -29.72
CA GLY C 222 -18.04 33.48 -30.51
C GLY C 222 -19.47 33.71 -30.04
N PHE C 223 -20.39 33.74 -31.00
CA PHE C 223 -21.80 33.96 -30.70
C PHE C 223 -22.65 33.06 -31.60
N ILE C 224 -23.60 32.32 -31.02
CA ILE C 224 -24.57 31.54 -31.79
C ILE C 224 -25.54 32.50 -32.45
N VAL C 225 -25.64 32.45 -33.78
CA VAL C 225 -26.42 33.47 -34.52
C VAL C 225 -27.32 32.87 -35.65
N GLN C 226 -28.64 33.01 -35.49
CA GLN C 226 -29.63 32.74 -36.56
C GLN C 226 -29.22 33.52 -37.80
N LEU C 227 -29.22 32.87 -38.96
CA LEU C 227 -28.83 33.55 -40.19
C LEU C 227 -30.02 33.61 -41.14
N ARG C 228 -30.76 32.51 -41.18
CA ARG C 228 -31.95 32.33 -42.01
C ARG C 228 -33.14 32.00 -41.11
N SER C 229 -34.34 31.97 -41.69
CA SER C 229 -35.56 31.62 -40.96
C SER C 229 -35.82 30.09 -40.90
N LEU C 230 -36.43 29.67 -39.79
CA LEU C 230 -36.69 28.25 -39.48
C LEU C 230 -37.93 27.67 -40.16
N GLU C 231 -38.33 28.29 -41.28
CA GLU C 231 -39.49 27.84 -42.06
C GLU C 231 -39.40 28.22 -43.54
N ASP C 232 -39.08 29.49 -43.81
CA ASP C 232 -39.01 30.00 -45.20
C ASP C 232 -37.57 30.19 -45.70
N HIS C 233 -36.60 29.82 -44.85
CA HIS C 233 -35.17 29.80 -45.18
C HIS C 233 -34.58 31.08 -45.83
N LYS C 234 -35.43 32.10 -45.99
CA LYS C 234 -34.99 33.45 -46.40
C LYS C 234 -34.17 34.09 -45.26
N PRO C 235 -33.19 34.96 -45.61
CA PRO C 235 -32.34 35.64 -44.60
C PRO C 235 -33.06 36.66 -43.70
N LEU C 236 -32.62 36.75 -42.44
CA LEU C 236 -33.11 37.75 -41.47
C LEU C 236 -32.63 39.18 -41.83
N PRO C 237 -33.39 40.22 -41.40
CA PRO C 237 -32.94 41.62 -41.56
C PRO C 237 -31.45 41.83 -41.22
N GLY C 238 -30.73 42.48 -42.14
CA GLY C 238 -29.30 42.76 -41.99
C GLY C 238 -28.34 41.65 -42.44
N VAL C 239 -28.86 40.42 -42.57
CA VAL C 239 -28.04 39.25 -42.91
C VAL C 239 -27.93 39.06 -44.43
N THR C 240 -26.82 39.50 -45.01
CA THR C 240 -26.55 39.22 -46.41
C THR C 240 -25.72 37.92 -46.54
N VAL C 241 -26.26 36.94 -47.28
CA VAL C 241 -25.64 35.59 -47.43
C VAL C 241 -25.45 35.15 -48.87
N GLY C 242 -24.49 34.24 -49.06
CA GLY C 242 -24.27 33.60 -50.36
C GLY C 242 -23.10 32.64 -50.38
N ASP C 243 -22.84 32.05 -51.55
CA ASP C 243 -21.62 31.26 -51.77
C ASP C 243 -20.56 32.07 -52.52
N ILE C 244 -19.30 31.75 -52.25
CA ILE C 244 -18.15 32.56 -52.69
C ILE C 244 -17.69 32.41 -54.15
N GLY C 245 -18.13 31.34 -54.81
CA GLY C 245 -17.70 31.03 -56.18
C GLY C 245 -17.19 29.60 -56.31
N MET C 246 -16.69 29.26 -57.49
CA MET C 246 -16.15 27.92 -57.69
C MET C 246 -14.72 27.78 -57.16
N LYS C 247 -14.30 26.52 -56.94
CA LYS C 247 -12.96 26.22 -56.44
C LYS C 247 -12.29 25.06 -57.22
N PHE C 248 -10.95 25.00 -57.20
CA PHE C 248 -10.18 24.08 -58.06
C PHE C 248 -10.81 22.71 -58.27
N GLY C 249 -10.92 22.33 -59.55
CA GLY C 249 -11.28 20.97 -59.97
C GLY C 249 -12.76 20.66 -60.15
N ASN C 250 -13.08 19.96 -61.24
CA ASN C 250 -14.44 19.44 -61.46
C ASN C 250 -14.82 18.55 -60.28
N GLY C 251 -15.84 18.96 -59.53
CA GLY C 251 -16.24 18.24 -58.33
C GLY C 251 -15.57 18.81 -57.08
N ALA C 252 -15.17 17.91 -56.19
CA ALA C 252 -14.51 18.23 -54.91
C ALA C 252 -15.34 19.13 -53.94
N TYR C 253 -14.75 20.26 -53.54
CA TYR C 253 -15.37 21.24 -52.64
C TYR C 253 -16.40 22.14 -53.32
N ASN C 254 -16.65 21.93 -54.61
CA ASN C 254 -17.79 22.59 -55.27
C ASN C 254 -19.11 22.01 -54.78
N SER C 255 -19.06 20.76 -54.31
CA SER C 255 -20.16 20.12 -53.57
C SER C 255 -20.50 20.89 -52.28
N MET C 256 -19.55 21.69 -51.85
CA MET C 256 -19.56 22.40 -50.59
C MET C 256 -19.95 23.86 -50.80
N ASP C 257 -20.84 24.34 -49.93
CA ASP C 257 -21.30 25.71 -49.97
C ASP C 257 -20.45 26.58 -49.05
N ASN C 258 -19.19 26.78 -49.45
CA ASN C 258 -18.32 27.75 -48.77
C ASN C 258 -18.97 29.15 -48.81
N GLY C 259 -18.94 29.87 -47.70
CA GLY C 259 -19.76 31.06 -47.59
C GLY C 259 -19.15 32.45 -47.67
N VAL C 260 -20.02 33.41 -48.01
CA VAL C 260 -19.74 34.85 -47.88
C VAL C 260 -20.88 35.47 -47.09
N LEU C 261 -20.53 36.33 -46.14
CA LEU C 261 -21.50 36.88 -45.21
C LEU C 261 -21.13 38.28 -44.70
N SER C 262 -21.97 39.28 -45.04
CA SER C 262 -21.81 40.66 -44.55
C SER C 262 -22.94 41.06 -43.60
N PHE C 263 -22.57 41.62 -42.45
CA PHE C 263 -23.55 42.05 -41.44
C PHE C 263 -23.85 43.54 -41.42
N ASP C 264 -25.03 43.84 -40.88
CA ASP C 264 -25.63 45.17 -40.90
C ASP C 264 -26.36 45.48 -39.59
N HIS C 265 -25.59 45.65 -38.52
CA HIS C 265 -26.12 45.95 -37.20
C HIS C 265 -27.14 44.90 -36.69
N VAL C 266 -26.78 43.62 -36.85
CA VAL C 266 -27.66 42.50 -36.48
C VAL C 266 -27.70 42.27 -34.98
N ARG C 267 -28.86 42.60 -34.38
CA ARG C 267 -29.10 42.41 -32.96
C ARG C 267 -29.49 40.95 -32.60
N ILE C 268 -28.66 40.35 -31.75
CA ILE C 268 -28.86 39.00 -31.19
C ILE C 268 -28.86 39.11 -29.64
N PRO C 269 -29.53 38.18 -28.93
CA PRO C 269 -29.62 38.20 -27.45
C PRO C 269 -28.28 38.16 -26.67
N ARG C 270 -28.35 38.08 -25.34
CA ARG C 270 -27.15 38.05 -24.47
C ARG C 270 -26.72 36.63 -24.11
N ASP C 271 -27.71 35.76 -23.92
CA ASP C 271 -27.50 34.33 -23.65
C ASP C 271 -26.87 33.58 -24.85
N GLN C 272 -26.43 34.36 -25.84
CA GLN C 272 -26.09 33.81 -27.15
C GLN C 272 -24.65 34.14 -27.50
N MET C 273 -23.94 34.71 -26.54
CA MET C 273 -22.49 34.76 -26.60
C MET C 273 -21.95 33.49 -25.95
N LEU C 274 -21.01 32.82 -26.62
CA LEU C 274 -20.28 31.69 -26.05
C LEU C 274 -19.38 32.18 -24.90
N MET C 275 -19.62 31.69 -23.68
CA MET C 275 -19.17 32.38 -22.44
C MET C 275 -18.18 31.70 -21.47
N ARG C 276 -17.81 30.43 -21.70
CA ARG C 276 -17.01 29.64 -20.72
C ARG C 276 -15.73 30.34 -20.24
N VAL C 277 -15.20 31.25 -21.06
CA VAL C 277 -14.14 32.16 -20.64
C VAL C 277 -14.73 33.57 -20.37
N SER C 278 -15.04 34.33 -21.42
CA SER C 278 -15.50 35.71 -21.24
C SER C 278 -17.01 35.77 -20.97
N GLN C 279 -17.42 36.25 -19.80
CA GLN C 279 -18.85 36.34 -19.51
C GLN C 279 -19.39 37.76 -19.20
N VAL C 280 -20.46 38.15 -19.89
CA VAL C 280 -21.00 39.51 -19.77
C VAL C 280 -22.36 39.53 -19.04
N THR C 281 -22.45 40.31 -17.96
CA THR C 281 -23.74 40.53 -17.26
C THR C 281 -24.65 41.52 -18.02
N LYS C 282 -25.92 41.60 -17.60
CA LYS C 282 -26.93 42.55 -18.16
C LYS C 282 -26.54 44.03 -18.20
N GLU C 283 -25.74 44.45 -17.21
CA GLU C 283 -25.21 45.80 -17.10
C GLU C 283 -23.92 46.00 -17.95
N GLY C 284 -23.51 44.96 -18.68
CA GLY C 284 -22.23 44.93 -19.40
C GLY C 284 -21.12 44.29 -18.57
N LYS C 285 -20.00 45.00 -18.41
CA LYS C 285 -18.86 44.58 -17.59
C LYS C 285 -18.46 43.11 -17.78
N TYR C 286 -17.33 42.88 -18.46
CA TYR C 286 -16.80 41.53 -18.75
C TYR C 286 -16.32 40.80 -17.50
N VAL C 287 -17.09 39.83 -17.04
CA VAL C 287 -16.71 38.97 -15.91
C VAL C 287 -15.92 37.75 -16.44
N GLN C 288 -15.13 37.11 -15.58
CA GLN C 288 -14.30 35.97 -15.99
C GLN C 288 -14.62 34.72 -15.15
N SER C 289 -15.23 33.73 -15.80
CA SER C 289 -15.62 32.45 -15.16
C SER C 289 -14.54 31.85 -14.26
N ASP C 290 -14.96 31.38 -13.09
CA ASP C 290 -14.06 30.79 -12.09
C ASP C 290 -12.97 29.87 -12.67
N ILE C 291 -13.37 28.73 -13.25
CA ILE C 291 -12.42 27.68 -13.71
C ILE C 291 -11.51 28.07 -14.90
N PRO C 292 -10.20 27.72 -14.81
CA PRO C 292 -9.05 28.01 -15.72
C PRO C 292 -9.29 28.53 -17.16
N ARG C 293 -8.61 29.64 -17.47
CA ARG C 293 -8.76 30.37 -18.75
C ARG C 293 -8.14 29.67 -19.95
N GLN C 294 -6.99 29.03 -19.74
CA GLN C 294 -6.32 28.26 -20.79
C GLN C 294 -6.84 26.81 -20.80
N LEU C 295 -7.99 26.60 -21.42
CA LEU C 295 -8.69 25.30 -21.37
C LEU C 295 -9.54 25.02 -22.62
N LEU C 296 -8.90 24.49 -23.68
CA LEU C 296 -9.59 24.13 -24.92
C LEU C 296 -8.70 23.42 -25.94
N TYR C 297 -8.70 22.08 -25.91
CA TYR C 297 -8.07 21.24 -26.94
C TYR C 297 -9.16 20.70 -27.89
N GLY C 298 -10.42 20.99 -27.52
CA GLY C 298 -11.59 20.81 -28.37
C GLY C 298 -11.53 21.76 -29.57
N THR C 299 -11.19 23.02 -29.30
CA THR C 299 -10.89 24.00 -30.36
C THR C 299 -9.67 23.59 -31.21
N MET C 300 -8.62 23.09 -30.57
CA MET C 300 -7.38 22.73 -31.25
C MET C 300 -7.15 21.22 -31.20
N VAL C 301 -6.10 20.80 -30.48
CA VAL C 301 -5.55 19.40 -30.45
C VAL C 301 -6.36 18.25 -31.06
N TYR C 302 -7.67 18.19 -30.77
CA TYR C 302 -8.52 17.15 -31.36
C TYR C 302 -8.79 17.37 -32.87
N VAL C 303 -9.00 18.64 -33.24
CA VAL C 303 -9.14 19.02 -34.64
C VAL C 303 -7.87 18.65 -35.40
N ARG C 304 -6.77 19.34 -35.08
CA ARG C 304 -5.44 19.09 -35.68
C ARG C 304 -5.11 17.58 -35.74
N GLN C 305 -5.47 16.84 -34.69
CA GLN C 305 -5.35 15.38 -34.67
C GLN C 305 -6.07 14.76 -35.86
N SER C 306 -7.39 14.98 -35.93
CA SER C 306 -8.22 14.42 -36.99
C SER C 306 -7.74 14.84 -38.38
N ILE C 307 -7.09 15.99 -38.46
CA ILE C 307 -6.52 16.49 -39.72
C ILE C 307 -5.18 15.80 -40.06
N VAL C 308 -4.52 15.22 -39.07
CA VAL C 308 -3.34 14.40 -39.34
C VAL C 308 -3.79 13.01 -39.83
N ALA C 309 -4.89 12.51 -39.27
CA ALA C 309 -5.39 11.18 -39.63
C ALA C 309 -5.85 11.16 -41.09
N ASP C 310 -6.43 12.28 -41.54
CA ASP C 310 -6.93 12.41 -42.90
C ASP C 310 -5.83 12.54 -43.97
N ALA C 311 -4.63 12.90 -43.51
CA ALA C 311 -3.45 13.04 -44.35
C ALA C 311 -2.97 11.68 -44.78
N SER C 312 -2.91 10.75 -43.84
CA SER C 312 -2.60 9.35 -44.12
C SER C 312 -3.69 8.69 -44.99
N LEU C 313 -4.96 9.00 -44.71
CA LEU C 313 -6.08 8.54 -45.53
C LEU C 313 -5.94 8.88 -47.01
N ALA C 314 -5.81 10.18 -47.32
CA ALA C 314 -5.68 10.66 -48.71
C ALA C 314 -4.41 10.16 -49.41
N MET C 315 -3.29 10.28 -48.71
CA MET C 315 -1.99 9.79 -49.17
C MET C 315 -2.12 8.35 -49.63
N SER C 316 -2.69 7.51 -48.78
CA SER C 316 -2.81 6.09 -49.09
C SER C 316 -3.83 5.85 -50.20
N ARG C 317 -4.81 6.75 -50.34
CA ARG C 317 -5.70 6.73 -51.52
C ARG C 317 -4.95 6.92 -52.85
N ALA C 318 -4.04 7.88 -52.91
CA ALA C 318 -3.22 8.12 -54.10
C ALA C 318 -2.20 7.00 -54.34
N VAL C 319 -1.47 6.63 -53.28
CA VAL C 319 -0.44 5.59 -53.38
C VAL C 319 -1.08 4.27 -53.85
N CYS C 320 -2.25 3.95 -53.30
CA CYS C 320 -2.98 2.76 -53.72
C CYS C 320 -3.33 2.82 -55.20
N ILE C 321 -3.70 4.01 -55.70
CA ILE C 321 -3.97 4.15 -57.13
C ILE C 321 -2.68 3.92 -57.95
N ALA C 322 -1.60 4.59 -57.54
CA ALA C 322 -0.35 4.55 -58.26
C ALA C 322 0.34 3.19 -58.16
N THR C 323 0.29 2.56 -57.00
CA THR C 323 1.04 1.31 -56.80
C THR C 323 0.49 0.28 -57.76
N ARG C 324 -0.81 0.07 -57.61
CA ARG C 324 -1.63 -0.74 -58.48
C ARG C 324 -1.35 -0.42 -59.94
N TYR C 325 -1.38 0.86 -60.32
CA TYR C 325 -1.12 1.21 -61.72
C TYR C 325 0.33 0.95 -62.17
N SER C 326 1.29 1.22 -61.30
CA SER C 326 2.73 0.92 -61.59
C SER C 326 3.00 -0.56 -61.80
N ALA C 327 2.03 -1.37 -61.36
CA ALA C 327 2.09 -2.79 -61.53
C ALA C 327 1.46 -3.22 -62.85
N VAL C 328 0.42 -2.49 -63.29
CA VAL C 328 -0.27 -2.78 -64.58
C VAL C 328 0.43 -2.09 -65.76
N ARG C 329 0.98 -0.90 -65.52
CA ARG C 329 1.73 -0.19 -66.55
C ARG C 329 3.12 -0.81 -66.85
N ARG C 330 3.30 -1.12 -68.12
CA ARG C 330 4.53 -1.68 -68.65
C ARG C 330 4.96 -0.74 -69.79
N GLN C 331 6.27 -0.60 -69.97
CA GLN C 331 6.83 0.41 -70.88
C GLN C 331 8.33 0.17 -70.94
N PHE C 332 8.83 -0.15 -72.13
CA PHE C 332 10.26 -0.48 -72.34
C PHE C 332 10.62 -1.81 -71.70
N GLY C 333 11.86 -2.25 -71.94
CA GLY C 333 12.44 -3.37 -71.21
C GLY C 333 12.19 -4.71 -71.89
N SER C 334 11.19 -4.75 -72.76
CA SER C 334 10.99 -5.90 -73.66
C SER C 334 12.30 -6.36 -74.32
N GLN C 335 12.46 -7.66 -74.48
CA GLN C 335 13.57 -8.22 -75.28
C GLN C 335 13.09 -9.47 -75.96
N ASN C 336 13.61 -9.74 -77.16
CA ASN C 336 13.07 -10.78 -78.04
C ASN C 336 11.53 -10.80 -77.95
N GLY C 337 10.94 -11.99 -78.07
CA GLY C 337 9.48 -12.17 -77.87
C GLY C 337 8.85 -11.45 -76.66
N GLY C 338 9.67 -11.09 -75.66
CA GLY C 338 9.20 -10.79 -74.31
C GLY C 338 8.43 -9.49 -74.16
N GLN C 339 7.40 -9.52 -73.31
CA GLN C 339 6.65 -8.31 -72.90
C GLN C 339 7.53 -7.26 -72.19
N GLU C 340 7.05 -6.02 -72.17
CA GLU C 340 7.75 -4.89 -71.52
C GLU C 340 7.74 -4.98 -69.97
N THR C 341 8.60 -4.20 -69.31
CA THR C 341 8.76 -4.31 -67.85
C THR C 341 7.73 -3.48 -67.10
N GLN C 342 7.11 -4.03 -66.05
CA GLN C 342 6.26 -3.19 -65.18
C GLN C 342 7.05 -1.97 -64.73
N VAL C 343 6.38 -0.83 -64.68
CA VAL C 343 7.09 0.42 -64.38
C VAL C 343 7.67 0.41 -62.96
N ILE C 344 7.09 -0.44 -62.13
CA ILE C 344 7.49 -0.65 -60.75
C ILE C 344 8.85 -1.35 -60.59
N ASP C 345 9.36 -1.99 -61.62
CA ASP C 345 10.75 -2.55 -61.51
C ASP C 345 11.79 -1.46 -61.71
N TYR C 346 11.33 -0.24 -61.93
CA TYR C 346 12.21 0.89 -62.26
C TYR C 346 12.62 1.73 -61.04
N LYS C 347 13.91 1.71 -60.74
CA LYS C 347 14.46 2.46 -59.61
C LYS C 347 13.86 3.86 -59.35
N THR C 348 13.65 4.66 -60.41
CA THR C 348 12.99 5.97 -60.27
C THR C 348 11.50 5.84 -59.95
N GLN C 349 10.84 4.88 -60.56
CA GLN C 349 9.45 4.67 -60.27
C GLN C 349 9.27 4.34 -58.79
N GLN C 350 10.24 3.63 -58.22
CA GLN C 350 10.23 3.29 -56.80
C GLN C 350 10.64 4.49 -55.93
N ASN C 351 11.59 5.25 -56.44
CA ASN C 351 12.15 6.39 -55.73
C ASN C 351 11.14 7.53 -55.59
N ARG C 352 10.07 7.46 -56.36
CA ARG C 352 9.09 8.48 -56.25
C ARG C 352 7.80 7.93 -55.67
N LEU C 353 7.68 6.60 -55.64
CA LEU C 353 6.50 5.94 -55.11
C LEU C 353 6.67 5.44 -53.69
N PHE C 354 7.76 4.75 -53.43
CA PHE C 354 7.95 4.09 -52.13
C PHE C 354 8.16 5.02 -50.96
N PRO C 355 8.77 6.22 -51.18
CA PRO C 355 8.78 7.14 -50.04
C PRO C 355 7.36 7.42 -49.61
N LEU C 356 6.49 7.72 -50.59
CA LEU C 356 5.10 8.05 -50.31
C LEU C 356 4.39 6.90 -49.55
N LEU C 357 4.63 5.66 -49.96
CA LEU C 357 4.08 4.50 -49.26
C LEU C 357 4.65 4.39 -47.84
N ALA C 358 5.93 4.64 -47.70
CA ALA C 358 6.52 4.72 -46.37
C ALA C 358 5.87 5.83 -45.51
N SER C 359 5.45 6.90 -46.19
CA SER C 359 4.74 8.03 -45.56
C SER C 359 3.28 7.76 -45.22
N ALA C 360 2.53 7.05 -46.08
CA ALA C 360 1.18 6.65 -45.73
C ALA C 360 1.20 6.01 -44.34
N TYR C 361 2.07 5.00 -44.17
CA TYR C 361 2.23 4.34 -42.87
C TYR C 361 2.96 5.20 -41.84
N ALA C 362 3.79 6.13 -42.27
CA ALA C 362 4.47 7.00 -41.31
C ALA C 362 3.42 7.84 -40.63
N PHE C 363 2.64 8.51 -41.46
CA PHE C 363 1.61 9.45 -41.01
C PHE C 363 0.52 8.77 -40.19
N ARG C 364 0.20 7.51 -40.49
CA ARG C 364 -0.80 6.79 -39.70
C ARG C 364 -0.31 6.54 -38.29
N PHE C 365 0.93 6.09 -38.14
CA PHE C 365 1.44 5.76 -36.80
C PHE C 365 1.60 7.00 -35.93
N VAL C 366 2.06 8.09 -36.53
CA VAL C 366 1.96 9.41 -35.92
C VAL C 366 0.51 9.70 -35.50
N GLY C 367 -0.45 9.38 -36.36
CA GLY C 367 -1.88 9.50 -36.04
C GLY C 367 -2.28 8.84 -34.73
N GLU C 368 -2.01 7.54 -34.61
CA GLU C 368 -2.35 6.75 -33.41
C GLU C 368 -1.73 7.29 -32.12
N TRP C 369 -0.54 7.92 -32.22
CA TRP C 369 0.15 8.53 -31.07
C TRP C 369 -0.46 9.87 -30.67
N LEU C 370 -0.82 10.66 -31.67
CA LEU C 370 -1.65 11.83 -31.45
C LEU C 370 -2.91 11.48 -30.65
N LYS C 371 -3.61 10.43 -31.07
CA LYS C 371 -4.80 9.96 -30.35
C LYS C 371 -4.47 9.75 -28.89
N TRP C 372 -3.27 9.24 -28.63
CA TRP C 372 -2.84 8.96 -27.28
C TRP C 372 -2.42 10.25 -26.55
N LEU C 373 -1.76 11.15 -27.29
CA LEU C 373 -1.33 12.44 -26.74
C LEU C 373 -2.52 13.30 -26.38
N TYR C 374 -3.55 13.20 -27.21
CA TYR C 374 -4.81 13.90 -26.96
C TYR C 374 -5.43 13.45 -25.64
N THR C 375 -5.48 12.14 -25.39
CA THR C 375 -6.04 11.59 -24.15
C THR C 375 -5.12 11.86 -22.95
N ASP C 376 -3.81 11.80 -23.18
CA ASP C 376 -2.84 12.12 -22.13
C ASP C 376 -3.10 13.51 -21.55
N VAL C 377 -3.13 14.50 -22.45
CA VAL C 377 -3.34 15.89 -22.10
C VAL C 377 -4.72 16.13 -21.47
N THR C 378 -5.80 15.70 -22.11
CA THR C 378 -7.15 15.86 -21.50
C THR C 378 -7.28 15.17 -20.15
N GLN C 379 -6.37 14.23 -19.88
CA GLN C 379 -6.27 13.57 -18.57
C GLN C 379 -5.24 14.26 -17.68
N ARG C 380 -5.13 15.57 -17.86
CA ARG C 380 -4.43 16.45 -16.95
C ARG C 380 -4.97 17.87 -17.13
N LEU C 381 -5.45 18.18 -18.33
CA LEU C 381 -6.23 19.38 -18.59
C LEU C 381 -7.62 19.22 -17.98
N ALA C 382 -7.96 17.99 -17.59
CA ALA C 382 -9.12 17.75 -16.72
C ALA C 382 -8.68 17.65 -15.25
N ALA C 383 -7.43 17.22 -15.02
CA ALA C 383 -6.84 17.20 -13.69
C ALA C 383 -6.38 18.62 -13.34
N ASN C 384 -5.08 18.81 -13.09
CA ASN C 384 -4.58 20.14 -12.78
C ASN C 384 -3.14 20.36 -13.22
N ASP C 385 -2.93 20.43 -14.54
CA ASP C 385 -1.59 20.42 -15.17
C ASP C 385 -1.54 21.06 -16.58
N PHE C 386 -0.95 22.25 -16.68
CA PHE C 386 -0.84 23.02 -17.93
C PHE C 386 0.58 23.11 -18.54
N SER C 387 1.55 22.46 -17.90
CA SER C 387 2.99 22.54 -18.25
C SER C 387 3.32 21.74 -19.49
N THR C 388 2.40 20.85 -19.85
CA THR C 388 2.50 20.07 -21.06
C THR C 388 1.96 20.86 -22.26
N LEU C 389 0.94 21.70 -22.03
CA LEU C 389 0.20 22.47 -23.08
C LEU C 389 1.03 23.06 -24.24
N PRO C 390 1.99 23.97 -23.96
CA PRO C 390 2.74 24.56 -25.08
C PRO C 390 3.44 23.56 -26.02
N GLU C 391 3.81 22.38 -25.51
CA GLU C 391 4.43 21.33 -26.35
C GLU C 391 3.42 20.56 -27.15
N ALA C 392 2.18 20.48 -26.66
CA ALA C 392 1.10 19.81 -27.40
C ALA C 392 0.70 20.66 -28.60
N HIS C 393 0.52 21.96 -28.37
CA HIS C 393 0.16 22.92 -29.43
C HIS C 393 1.14 22.87 -30.59
N ALA C 394 2.41 23.16 -30.30
CA ALA C 394 3.48 23.18 -31.29
C ALA C 394 3.50 21.84 -31.98
N CYS C 395 3.27 20.80 -31.19
CA CYS C 395 3.34 19.44 -31.63
C CYS C 395 2.34 19.14 -32.73
N THR C 396 1.06 19.41 -32.43
CA THR C 396 -0.01 19.22 -33.39
C THR C 396 0.16 20.16 -34.58
N ALA C 397 0.60 21.38 -34.29
CA ALA C 397 0.84 22.41 -35.31
C ALA C 397 1.89 21.99 -36.36
N GLY C 398 3.04 21.49 -35.88
CA GLY C 398 4.11 21.02 -36.74
C GLY C 398 3.67 19.87 -37.63
N LEU C 399 3.09 18.84 -37.02
CA LEU C 399 2.64 17.68 -37.77
C LEU C 399 1.61 18.05 -38.84
N LYS C 400 0.57 18.80 -38.46
CA LYS C 400 -0.49 19.16 -39.41
C LYS C 400 0.09 19.86 -40.60
N SER C 401 1.12 20.67 -40.35
CA SER C 401 1.79 21.37 -41.41
C SER C 401 2.55 20.37 -42.29
N LEU C 402 3.66 19.85 -41.77
CA LEU C 402 4.48 18.82 -42.43
C LEU C 402 3.76 17.65 -43.13
N THR C 403 2.66 17.18 -42.54
CA THR C 403 1.97 16.04 -43.11
C THR C 403 1.00 16.42 -44.21
N THR C 404 0.44 17.62 -44.16
CA THR C 404 -0.47 18.03 -45.23
C THR C 404 0.35 18.46 -46.44
N SER C 405 1.42 19.19 -46.16
CA SER C 405 2.45 19.59 -47.13
C SER C 405 3.03 18.45 -47.96
N ALA C 406 3.46 17.37 -47.29
CA ALA C 406 4.00 16.20 -47.95
C ALA C 406 2.92 15.44 -48.72
N THR C 407 1.70 15.48 -48.20
CA THR C 407 0.59 14.74 -48.78
C THR C 407 0.15 15.40 -50.08
N ALA C 408 -0.03 16.73 -50.04
CA ALA C 408 -0.47 17.46 -51.22
C ALA C 408 0.56 17.33 -52.35
N ASP C 409 1.84 17.48 -52.02
CA ASP C 409 2.89 17.38 -53.03
C ASP C 409 3.00 15.97 -53.62
N GLY C 410 2.86 14.98 -52.74
CA GLY C 410 2.95 13.57 -53.09
C GLY C 410 1.70 13.02 -53.78
N ILE C 411 0.59 13.74 -53.70
CA ILE C 411 -0.57 13.33 -54.50
C ILE C 411 -0.31 13.72 -55.95
N GLU C 412 0.02 14.99 -56.15
CA GLU C 412 0.54 15.45 -57.44
C GLU C 412 1.64 14.53 -58.00
N GLU C 413 2.30 13.80 -57.12
CA GLU C 413 3.37 12.90 -57.51
C GLU C 413 2.81 11.60 -58.05
N CYS C 414 1.74 11.11 -57.41
CA CYS C 414 1.02 9.93 -57.89
C CYS C 414 0.30 10.17 -59.22
N ARG C 415 -0.27 11.38 -59.36
CA ARG C 415 -0.92 11.80 -60.61
C ARG C 415 0.12 11.82 -61.75
N LYS C 416 1.26 12.43 -61.44
CA LYS C 416 2.40 12.41 -62.34
C LYS C 416 2.90 10.97 -62.63
N LEU C 417 3.01 10.12 -61.59
CA LEU C 417 3.54 8.75 -61.73
C LEU C 417 2.69 7.91 -62.68
N CYS C 418 1.38 8.11 -62.65
CA CYS C 418 0.52 7.31 -63.47
C CYS C 418 0.57 7.62 -64.99
N GLY C 419 1.47 8.52 -65.38
CA GLY C 419 1.60 8.93 -66.78
C GLY C 419 0.49 9.84 -67.27
N GLY C 420 0.36 9.94 -68.60
CA GLY C 420 -0.69 10.75 -69.25
C GLY C 420 -2.09 10.42 -68.75
N HIS C 421 -2.25 9.16 -68.35
CA HIS C 421 -3.47 8.64 -67.76
C HIS C 421 -3.73 9.17 -66.37
N GLY C 422 -2.73 9.81 -65.77
CA GLY C 422 -2.97 10.58 -64.57
C GLY C 422 -3.93 11.73 -64.86
N TYR C 423 -3.78 12.34 -66.04
CA TYR C 423 -4.46 13.59 -66.38
C TYR C 423 -5.96 13.45 -66.57
N LEU C 424 -6.40 12.29 -67.06
CA LEU C 424 -7.83 12.00 -67.18
C LEU C 424 -8.47 12.12 -65.80
N CYS C 425 -9.70 12.65 -65.75
CA CYS C 425 -10.48 12.78 -64.51
C CYS C 425 -10.87 11.46 -63.83
N SER C 426 -11.37 10.49 -64.60
CA SER C 426 -11.69 9.15 -64.06
C SER C 426 -10.48 8.22 -63.82
N SER C 427 -9.28 8.77 -63.94
CA SER C 427 -8.11 8.20 -63.27
C SER C 427 -8.25 8.36 -61.74
N GLY C 428 -8.98 9.40 -61.32
CA GLY C 428 -9.36 9.63 -59.92
C GLY C 428 -8.53 10.64 -59.14
N LEU C 429 -7.36 10.98 -59.68
CA LEU C 429 -6.36 11.81 -58.99
C LEU C 429 -6.57 13.36 -59.10
N PRO C 430 -6.89 13.89 -60.30
CA PRO C 430 -7.49 15.23 -60.44
C PRO C 430 -8.45 15.61 -59.30
N GLU C 431 -9.55 14.87 -59.09
CA GLU C 431 -10.47 15.18 -57.98
C GLU C 431 -9.80 15.03 -56.62
N LEU C 432 -8.96 14.02 -56.48
CA LEU C 432 -8.29 13.75 -55.21
C LEU C 432 -7.47 14.94 -54.72
N PHE C 433 -6.51 15.39 -55.54
CA PHE C 433 -5.67 16.55 -55.24
C PHE C 433 -6.55 17.78 -55.04
N ALA C 434 -7.51 17.98 -55.95
CA ALA C 434 -8.49 19.04 -55.82
C ALA C 434 -9.03 19.09 -54.39
N VAL C 435 -9.65 17.99 -53.95
CA VAL C 435 -10.35 17.95 -52.64
C VAL C 435 -9.44 18.10 -51.42
N TYR C 436 -8.21 17.62 -51.54
CA TYR C 436 -7.33 17.58 -50.38
C TYR C 436 -6.48 18.82 -50.17
N VAL C 437 -6.08 19.47 -51.26
CA VAL C 437 -5.14 20.60 -51.17
C VAL C 437 -5.53 21.80 -50.27
N PRO C 438 -6.86 22.06 -50.04
CA PRO C 438 -7.20 23.14 -49.09
C PRO C 438 -6.67 22.92 -47.65
N ALA C 439 -6.14 21.71 -47.41
CA ALA C 439 -5.65 21.31 -46.09
C ALA C 439 -4.39 22.05 -45.66
N CYS C 440 -3.51 22.34 -46.63
CA CYS C 440 -2.31 23.18 -46.41
C CYS C 440 -2.66 24.61 -45.90
N THR C 441 -3.89 25.06 -46.15
CA THR C 441 -4.35 26.40 -45.77
C THR C 441 -5.46 26.43 -44.69
N TYR C 442 -6.24 25.33 -44.61
CA TYR C 442 -7.35 25.22 -43.65
C TYR C 442 -6.82 24.97 -42.24
N GLU C 443 -7.60 25.42 -41.24
CA GLU C 443 -7.20 25.38 -39.83
C GLU C 443 -5.70 25.59 -39.69
N GLY C 444 -5.29 26.86 -39.75
CA GLY C 444 -3.88 27.26 -39.69
C GLY C 444 -3.05 26.97 -40.94
N ASP C 445 -2.60 28.03 -41.61
CA ASP C 445 -1.78 27.94 -42.83
C ASP C 445 -0.36 27.40 -42.57
N ASN C 446 0.03 26.43 -43.39
CA ASN C 446 1.18 25.59 -43.17
C ASN C 446 2.48 26.30 -42.75
N VAL C 447 2.88 27.32 -43.50
CA VAL C 447 4.09 28.07 -43.17
C VAL C 447 3.98 28.78 -41.82
N VAL C 448 2.84 29.45 -41.60
CA VAL C 448 2.63 30.24 -40.38
C VAL C 448 2.55 29.33 -39.14
N LEU C 449 1.99 28.14 -39.33
CA LEU C 449 1.98 27.12 -38.28
C LEU C 449 3.39 26.64 -37.95
N GLN C 450 4.19 26.35 -38.97
CA GLN C 450 5.55 25.90 -38.75
C GLN C 450 6.40 27.02 -38.11
N LEU C 451 6.24 28.25 -38.57
CA LEU C 451 6.76 29.40 -37.81
C LEU C 451 6.40 29.41 -36.31
N GLN C 452 5.21 28.98 -35.92
CA GLN C 452 4.88 28.90 -34.51
C GLN C 452 5.78 27.96 -33.77
N VAL C 453 6.02 26.81 -34.39
CA VAL C 453 6.78 25.72 -33.79
C VAL C 453 8.24 26.14 -33.57
N ALA C 454 8.77 26.85 -34.55
CA ALA C 454 10.09 27.47 -34.42
C ALA C 454 10.14 28.40 -33.17
N ARG C 455 9.13 29.26 -33.01
CA ARG C 455 8.99 30.02 -31.76
C ARG C 455 9.02 29.11 -30.56
N PHE C 456 8.38 27.94 -30.66
CA PHE C 456 8.32 27.09 -29.49
C PHE C 456 9.72 26.58 -29.18
N LEU C 457 10.36 25.99 -30.19
CA LEU C 457 11.76 25.57 -30.09
C LEU C 457 12.65 26.72 -29.60
N MET C 458 12.45 27.92 -30.17
CA MET C 458 13.26 29.06 -29.75
C MET C 458 13.07 29.33 -28.29
N LYS C 459 11.81 29.40 -27.84
CA LYS C 459 11.56 29.57 -26.41
C LYS C 459 12.19 28.37 -25.64
N THR C 460 12.03 27.14 -26.15
CA THR C 460 12.58 25.95 -25.47
C THR C 460 14.09 26.06 -25.21
N ILE C 461 14.85 26.52 -26.20
CA ILE C 461 16.27 26.67 -25.94
C ILE C 461 16.53 27.72 -24.85
N SER C 462 15.88 28.88 -24.98
CA SER C 462 15.96 29.93 -23.98
C SER C 462 15.88 29.39 -22.56
N GLN C 463 14.89 28.54 -22.24
CA GLN C 463 14.59 28.18 -20.86
C GLN C 463 15.60 27.21 -20.26
N LEU C 464 16.52 26.68 -21.08
CA LEU C 464 17.54 25.77 -20.56
C LEU C 464 18.38 26.44 -19.47
N GLY C 465 18.70 27.72 -19.66
CA GLY C 465 19.53 28.44 -18.70
C GLY C 465 18.86 28.59 -17.36
N THR C 466 17.52 28.57 -17.37
CA THR C 466 16.70 28.62 -16.16
C THR C 466 16.68 27.28 -15.35
N GLY C 467 17.31 26.23 -15.87
CA GLY C 467 17.30 24.90 -15.24
C GLY C 467 16.02 24.15 -15.54
N LYS C 468 15.10 24.81 -16.24
CA LYS C 468 13.87 24.21 -16.74
C LYS C 468 14.19 23.11 -17.78
N LYS C 469 13.92 21.85 -17.43
CA LYS C 469 14.26 20.67 -18.27
C LYS C 469 13.13 20.35 -19.25
N PRO C 470 13.48 20.09 -20.52
CA PRO C 470 12.44 19.78 -21.52
C PRO C 470 12.01 18.32 -21.55
N VAL C 471 10.73 18.13 -21.85
CA VAL C 471 10.06 16.83 -21.81
C VAL C 471 9.45 16.53 -23.17
N GLY C 472 9.20 15.24 -23.40
CA GLY C 472 8.50 14.78 -24.60
C GLY C 472 9.28 14.87 -25.91
N THR C 473 8.70 15.58 -26.88
CA THR C 473 9.24 15.67 -28.21
C THR C 473 10.35 16.69 -28.23
N VAL C 474 10.45 17.51 -27.19
CA VAL C 474 11.64 18.35 -27.04
C VAL C 474 12.62 17.78 -26.02
N SER C 475 12.29 16.61 -25.50
CA SER C 475 13.11 15.98 -24.50
C SER C 475 14.58 15.95 -24.95
N TYR C 476 14.78 15.79 -26.26
CA TYR C 476 16.12 15.67 -26.81
C TYR C 476 16.94 16.94 -26.57
N MET C 477 16.27 18.08 -26.52
CA MET C 477 16.96 19.33 -26.25
C MET C 477 17.65 19.50 -24.87
N GLY C 478 17.48 18.53 -23.98
CA GLY C 478 18.37 18.43 -22.80
C GLY C 478 19.77 17.92 -23.12
N ARG C 479 20.01 17.50 -24.37
CA ARG C 479 21.28 16.86 -24.72
C ARG C 479 22.22 17.61 -25.66
N ILE C 480 21.85 18.83 -26.02
CA ILE C 480 22.62 19.65 -26.95
C ILE C 480 24.15 19.57 -26.79
N GLU C 481 24.64 19.54 -25.55
CA GLU C 481 26.07 19.39 -25.29
C GLU C 481 26.69 18.20 -26.07
N HIS C 482 26.22 16.97 -25.79
CA HIS C 482 26.63 15.76 -26.52
C HIS C 482 26.12 15.83 -27.95
N LEU C 483 24.90 16.30 -28.09
CA LEU C 483 24.22 16.22 -29.34
C LEU C 483 24.79 17.21 -30.36
N MET C 484 25.79 17.99 -29.97
CA MET C 484 26.42 18.93 -30.91
C MET C 484 27.84 18.59 -31.34
N GLN C 485 28.43 17.58 -30.71
CA GLN C 485 29.81 17.24 -31.08
C GLN C 485 30.02 15.75 -31.36
N CYS C 486 28.96 15.02 -31.68
CA CYS C 486 28.98 13.55 -31.54
C CYS C 486 29.47 12.67 -32.71
N ARG C 487 29.13 12.98 -33.96
CA ARG C 487 29.47 12.08 -35.08
C ARG C 487 28.86 10.67 -35.05
N SER C 488 28.28 10.32 -36.19
CA SER C 488 27.72 9.01 -36.52
C SER C 488 28.78 7.91 -36.54
N ASP C 489 28.37 6.72 -36.12
CA ASP C 489 29.24 5.54 -36.00
C ASP C 489 29.24 4.64 -37.25
N VAL C 490 28.51 5.04 -38.28
CA VAL C 490 28.14 4.18 -39.43
C VAL C 490 29.30 3.76 -40.39
N LYS C 491 29.69 2.48 -40.33
CA LYS C 491 30.81 1.97 -41.13
C LYS C 491 30.35 1.30 -42.44
N GLN C 492 29.22 0.60 -42.38
CA GLN C 492 28.66 -0.20 -43.48
C GLN C 492 27.24 0.26 -43.79
N ALA C 493 26.66 -0.23 -44.89
CA ALA C 493 25.32 0.21 -45.31
C ALA C 493 24.20 -0.21 -44.34
N GLU C 494 24.23 -1.48 -43.92
CA GLU C 494 23.17 -2.05 -43.05
C GLU C 494 22.93 -1.26 -41.76
N ASP C 495 23.94 -0.47 -41.37
CA ASP C 495 23.91 0.26 -40.11
C ASP C 495 22.85 1.36 -40.06
N TRP C 496 22.39 1.82 -41.23
CA TRP C 496 21.34 2.83 -41.28
C TRP C 496 19.94 2.28 -40.97
N LEU C 497 19.92 1.00 -40.56
CA LEU C 497 18.69 0.35 -40.12
C LEU C 497 18.59 0.23 -38.59
N LYS C 498 19.73 0.26 -37.90
CA LYS C 498 19.77 0.41 -36.43
C LYS C 498 18.88 1.60 -36.07
N PRO C 499 17.75 1.37 -35.37
CA PRO C 499 16.90 2.54 -35.02
C PRO C 499 17.71 3.70 -34.39
N SER C 500 18.51 3.37 -33.38
CA SER C 500 19.30 4.32 -32.63
C SER C 500 20.36 5.10 -33.43
N ALA C 501 20.84 4.54 -34.55
CA ALA C 501 21.75 5.31 -35.41
C ALA C 501 21.00 6.26 -36.35
N VAL C 502 19.71 5.98 -36.57
CA VAL C 502 18.82 6.87 -37.31
C VAL C 502 18.17 7.88 -36.38
N LEU C 503 17.74 7.41 -35.21
CA LEU C 503 17.18 8.31 -34.23
C LEU C 503 18.17 9.45 -34.02
N GLU C 504 19.38 9.11 -33.57
CA GLU C 504 20.43 10.08 -33.29
C GLU C 504 20.72 10.98 -34.47
N ALA C 505 20.70 10.45 -35.68
CA ALA C 505 20.93 11.31 -36.85
C ALA C 505 19.94 12.46 -36.89
N PHE C 506 18.65 12.14 -36.90
CA PHE C 506 17.58 13.15 -36.87
C PHE C 506 17.60 14.07 -35.62
N GLU C 507 17.98 13.50 -34.47
CA GLU C 507 18.11 14.26 -33.27
C GLU C 507 19.26 15.24 -33.37
N ALA C 508 20.44 14.77 -33.78
CA ALA C 508 21.58 15.70 -33.97
C ALA C 508 21.32 16.79 -35.01
N ARG C 509 20.52 16.46 -36.03
CA ARG C 509 20.21 17.39 -37.10
C ARG C 509 19.37 18.53 -36.56
N SER C 510 18.22 18.18 -35.97
CA SER C 510 17.25 19.15 -35.49
C SER C 510 17.88 20.12 -34.48
N ALA C 511 18.53 19.55 -33.47
CA ALA C 511 19.28 20.26 -32.44
C ALA C 511 20.40 21.18 -32.97
N ARG C 512 21.11 20.71 -34.01
CA ARG C 512 22.16 21.52 -34.64
C ARG C 512 21.58 22.71 -35.43
N MET C 513 20.56 22.45 -36.24
CA MET C 513 19.91 23.49 -37.03
C MET C 513 19.26 24.56 -36.12
N SER C 514 18.67 24.07 -35.04
CA SER C 514 18.02 24.93 -34.08
C SER C 514 18.99 25.77 -33.27
N VAL C 515 20.19 25.28 -33.04
CA VAL C 515 21.10 26.09 -32.24
C VAL C 515 21.66 27.23 -33.09
N ALA C 516 21.83 26.98 -34.39
CA ALA C 516 22.30 28.00 -35.34
C ALA C 516 21.33 29.18 -35.46
N CYS C 517 20.05 28.91 -35.29
CA CYS C 517 19.05 29.94 -35.30
C CYS C 517 19.11 30.73 -34.03
N ALA C 518 19.03 29.97 -32.93
CA ALA C 518 19.07 30.56 -31.61
C ALA C 518 20.32 31.39 -31.54
N LYS C 519 21.45 30.86 -32.05
CA LYS C 519 22.69 31.62 -32.05
C LYS C 519 22.47 32.93 -32.82
N ASN C 520 21.91 32.83 -34.03
CA ASN C 520 21.71 34.01 -34.89
C ASN C 520 20.62 34.96 -34.45
N LEU C 521 19.61 34.39 -33.81
CA LEU C 521 18.49 35.18 -33.31
C LEU C 521 18.86 36.09 -32.14
N SER C 522 19.76 35.62 -31.27
CA SER C 522 20.24 36.48 -30.17
C SER C 522 21.05 37.71 -30.63
N LYS C 523 21.57 37.68 -31.87
CA LYS C 523 22.24 38.86 -32.43
C LYS C 523 21.34 40.13 -32.36
N PHE C 524 20.04 39.96 -32.65
CA PHE C 524 19.02 41.01 -32.71
C PHE C 524 18.57 41.50 -31.32
N GLU C 525 18.69 42.80 -31.06
CA GLU C 525 18.13 43.42 -29.86
C GLU C 525 16.61 43.19 -29.74
N ASN C 526 15.88 43.46 -30.82
CA ASN C 526 14.46 43.17 -30.88
C ASN C 526 14.24 41.77 -31.40
N GLN C 527 13.42 40.98 -30.70
CA GLN C 527 13.25 39.62 -31.16
C GLN C 527 12.27 39.45 -32.33
N GLU C 528 11.33 40.36 -32.50
CA GLU C 528 10.46 40.28 -33.68
C GLU C 528 11.19 40.49 -35.03
N GLU C 529 12.09 41.47 -35.06
CA GLU C 529 12.85 41.76 -36.29
C GLU C 529 13.85 40.63 -36.58
N GLY C 530 13.99 39.73 -35.61
CA GLY C 530 14.78 38.52 -35.78
C GLY C 530 13.94 37.36 -36.27
N PHE C 531 12.74 37.20 -35.70
CA PHE C 531 11.76 36.20 -36.16
C PHE C 531 11.27 36.51 -37.56
N ALA C 532 11.13 37.80 -37.85
CA ALA C 532 10.84 38.28 -39.18
C ALA C 532 11.98 37.89 -40.12
N GLU C 533 13.22 38.14 -39.69
CA GLU C 533 14.40 38.08 -40.58
C GLU C 533 14.96 36.67 -40.80
N LEU C 534 15.01 35.88 -39.73
CA LEU C 534 15.54 34.55 -39.84
C LEU C 534 14.48 33.53 -40.29
N ALA C 535 13.34 34.05 -40.75
CA ALA C 535 12.13 33.23 -40.88
C ALA C 535 12.31 31.91 -41.67
N ALA C 536 12.90 32.01 -42.86
CA ALA C 536 13.07 30.85 -43.71
C ALA C 536 13.83 29.71 -42.97
N ASP C 537 14.85 30.08 -42.22
CA ASP C 537 15.66 29.11 -41.50
C ASP C 537 14.89 28.43 -40.39
N LEU C 538 14.00 29.20 -39.77
CA LEU C 538 13.12 28.68 -38.72
C LEU C 538 12.05 27.72 -39.27
N VAL C 539 11.38 28.08 -40.36
CA VAL C 539 10.48 27.10 -40.99
C VAL C 539 11.26 25.79 -41.26
N GLU C 540 12.47 25.95 -41.79
CA GLU C 540 13.40 24.86 -42.09
C GLU C 540 13.90 24.07 -40.87
N ALA C 541 14.18 24.77 -39.77
CA ALA C 541 14.54 24.11 -38.50
C ALA C 541 13.30 23.43 -37.93
N ALA C 542 12.18 24.16 -37.99
CA ALA C 542 10.91 23.62 -37.53
C ALA C 542 10.59 22.28 -38.22
N VAL C 543 10.80 22.26 -39.54
CA VAL C 543 10.51 21.10 -40.37
C VAL C 543 11.41 19.94 -39.92
N ALA C 544 12.71 20.18 -39.75
CA ALA C 544 13.58 19.12 -39.27
C ALA C 544 13.10 18.52 -37.93
N HIS C 545 12.54 19.36 -37.08
CA HIS C 545 11.97 18.88 -35.83
C HIS C 545 10.73 17.97 -35.96
N CYS C 546 9.85 18.23 -36.93
CA CYS C 546 8.66 17.37 -37.13
C CYS C 546 9.09 16.05 -37.75
N GLN C 547 9.89 16.15 -38.81
CA GLN C 547 10.44 14.98 -39.41
C GLN C 547 11.06 14.08 -38.33
N LEU C 548 11.77 14.68 -37.36
CA LEU C 548 12.31 13.93 -36.24
C LEU C 548 11.24 13.21 -35.46
N ILE C 549 10.14 13.90 -35.17
CA ILE C 549 9.07 13.34 -34.35
C ILE C 549 8.53 12.10 -35.03
N VAL C 550 8.14 12.28 -36.28
CA VAL C 550 7.63 11.20 -37.12
C VAL C 550 8.52 9.94 -37.07
N VAL C 551 9.79 10.12 -37.42
CA VAL C 551 10.76 9.04 -37.43
C VAL C 551 10.77 8.34 -36.07
N SER C 552 10.98 9.12 -35.01
CA SER C 552 11.18 8.56 -33.69
C SER C 552 9.94 7.86 -33.19
N LYS C 553 8.79 8.46 -33.46
CA LYS C 553 7.51 7.89 -33.08
C LYS C 553 7.29 6.61 -33.87
N TYR C 554 7.81 6.57 -35.09
CA TYR C 554 7.75 5.36 -35.87
C TYR C 554 8.60 4.29 -35.23
N ILE C 555 9.83 4.65 -34.90
CA ILE C 555 10.75 3.74 -34.21
C ILE C 555 10.02 3.15 -33.00
N GLU C 556 9.44 4.03 -32.17
CA GLU C 556 8.72 3.64 -30.95
C GLU C 556 7.56 2.64 -31.19
N LYS C 557 6.78 2.89 -32.25
CA LYS C 557 5.73 1.98 -32.72
C LYS C 557 6.31 0.57 -32.94
N LEU C 558 7.53 0.52 -33.47
CA LEU C 558 8.23 -0.74 -33.73
C LEU C 558 8.81 -1.46 -32.49
N GLN C 559 8.65 -0.88 -31.29
CA GLN C 559 8.98 -1.61 -30.07
C GLN C 559 7.78 -2.35 -29.53
N GLN C 560 6.60 -1.98 -30.00
CA GLN C 560 5.36 -2.61 -29.57
C GLN C 560 5.31 -4.10 -29.94
N ASN C 561 4.23 -4.74 -29.51
CA ASN C 561 4.02 -6.16 -29.77
C ASN C 561 3.88 -6.52 -31.25
N ILE C 562 2.79 -6.06 -31.89
CA ILE C 562 2.54 -6.27 -33.34
C ILE C 562 2.70 -7.73 -33.86
N PRO C 563 1.67 -8.57 -33.66
CA PRO C 563 1.69 -9.96 -34.12
C PRO C 563 1.47 -10.13 -35.64
N GLY C 564 1.66 -11.37 -36.14
CA GLY C 564 1.39 -11.71 -37.54
C GLY C 564 2.57 -11.85 -38.51
N LYS C 565 2.65 -13.02 -39.15
CA LYS C 565 3.73 -13.42 -40.08
C LYS C 565 4.98 -12.52 -40.18
N GLY C 566 5.19 -11.85 -41.31
CA GLY C 566 6.36 -10.97 -41.48
C GLY C 566 5.94 -9.52 -41.28
N VAL C 567 4.87 -9.33 -40.51
CA VAL C 567 4.17 -8.06 -40.46
C VAL C 567 5.01 -6.90 -39.91
N LYS C 568 5.73 -7.15 -38.83
CA LYS C 568 6.61 -6.16 -38.25
C LYS C 568 7.81 -5.89 -39.16
N GLN C 569 8.37 -6.97 -39.71
CA GLN C 569 9.48 -6.93 -40.66
C GLN C 569 9.20 -6.01 -41.82
N GLN C 570 7.97 -6.08 -42.33
CA GLN C 570 7.51 -5.23 -43.42
C GLN C 570 7.43 -3.77 -42.99
N LEU C 571 7.10 -3.53 -41.74
CA LEU C 571 7.04 -2.16 -41.25
C LEU C 571 8.43 -1.54 -41.13
N GLU C 572 9.43 -2.39 -40.83
CA GLU C 572 10.81 -1.95 -40.65
C GLU C 572 11.39 -1.43 -41.94
N VAL C 573 11.20 -2.21 -42.99
CA VAL C 573 11.52 -1.81 -44.35
C VAL C 573 10.94 -0.43 -44.64
N LEU C 574 9.65 -0.24 -44.36
CA LEU C 574 8.99 1.04 -44.62
C LEU C 574 9.55 2.16 -43.77
N CYS C 575 9.91 1.83 -42.53
CA CYS C 575 10.46 2.85 -41.63
C CYS C 575 11.84 3.31 -42.09
N GLY C 576 12.72 2.34 -42.41
CA GLY C 576 14.03 2.56 -43.05
C GLY C 576 13.86 3.54 -44.20
N ILE C 577 12.88 3.27 -45.06
CA ILE C 577 12.56 4.13 -46.21
C ILE C 577 12.21 5.58 -45.85
N TYR C 578 11.19 5.79 -45.00
CA TYR C 578 10.81 7.15 -44.66
C TYR C 578 12.04 7.99 -44.20
N SER C 579 12.79 7.45 -43.25
CA SER C 579 13.94 8.15 -42.71
C SER C 579 15.05 8.31 -43.76
N LEU C 580 15.44 7.23 -44.42
CA LEU C 580 16.59 7.38 -45.30
C LEU C 580 16.25 8.26 -46.47
N PHE C 581 15.05 8.13 -47.03
CA PHE C 581 14.63 9.01 -48.13
C PHE C 581 14.76 10.51 -47.78
N ILE C 582 14.26 10.88 -46.60
CA ILE C 582 14.36 12.21 -46.03
C ILE C 582 15.81 12.56 -45.66
N LEU C 583 16.59 11.55 -45.25
CA LEU C 583 18.01 11.79 -45.01
C LEU C 583 18.68 12.17 -46.32
N HIS C 584 18.39 11.41 -47.37
CA HIS C 584 18.91 11.79 -48.66
C HIS C 584 18.48 13.19 -49.14
N LYS C 585 17.19 13.49 -49.00
CA LYS C 585 16.58 14.72 -49.55
C LYS C 585 17.09 16.04 -48.93
N HIS C 586 17.28 16.05 -47.61
CA HIS C 586 17.83 17.18 -46.90
C HIS C 586 19.27 16.86 -46.47
N GLN C 587 20.00 16.10 -47.30
CA GLN C 587 21.34 15.63 -46.95
C GLN C 587 22.28 16.73 -46.40
N GLY C 588 22.16 17.94 -46.95
CA GLY C 588 22.95 19.08 -46.47
C GLY C 588 22.81 19.25 -44.98
N ASP C 589 21.58 19.18 -44.50
CA ASP C 589 21.30 19.33 -43.08
C ASP C 589 22.09 18.34 -42.23
N PHE C 590 22.39 17.16 -42.78
CA PHE C 590 23.16 16.17 -42.07
C PHE C 590 24.64 16.33 -42.32
N LEU C 591 25.03 16.52 -43.59
CA LEU C 591 26.45 16.44 -43.93
C LEU C 591 27.24 17.73 -43.71
N GLY C 592 26.54 18.79 -43.33
CA GLY C 592 27.15 20.11 -43.19
C GLY C 592 27.14 20.60 -41.75
N THR C 593 26.51 19.83 -40.87
CA THR C 593 26.61 20.09 -39.42
C THR C 593 27.84 19.35 -38.90
N GLY C 594 28.27 18.33 -39.64
CA GLY C 594 29.45 17.56 -39.27
C GLY C 594 29.03 16.16 -38.92
N TYR C 595 27.74 16.00 -38.66
CA TYR C 595 27.17 14.72 -38.28
C TYR C 595 27.41 13.58 -39.30
N ILE C 596 27.17 13.87 -40.58
CA ILE C 596 27.40 12.91 -41.67
C ILE C 596 28.71 13.21 -42.43
N THR C 597 29.45 12.15 -42.72
CA THR C 597 30.55 12.26 -43.65
C THR C 597 29.94 11.90 -45.02
N SER C 598 30.60 12.33 -46.10
CA SER C 598 30.08 12.04 -47.43
C SER C 598 29.80 10.53 -47.66
N LYS C 599 30.78 9.68 -47.34
CA LYS C 599 30.63 8.22 -47.56
C LYS C 599 29.43 7.64 -46.80
N GLN C 600 29.15 8.17 -45.60
CA GLN C 600 28.00 7.77 -44.81
C GLN C 600 26.68 8.10 -45.48
N GLY C 601 26.50 9.35 -45.90
CA GLY C 601 25.30 9.73 -46.64
C GLY C 601 25.23 8.98 -47.97
N SER C 602 26.40 8.60 -48.49
CA SER C 602 26.45 7.78 -49.67
C SER C 602 26.10 6.31 -49.32
N LEU C 603 26.52 5.86 -48.14
CA LEU C 603 26.15 4.51 -47.71
C LEU C 603 24.69 4.47 -47.41
N ALA C 604 24.14 5.62 -47.01
CA ALA C 604 22.73 5.80 -46.75
C ALA C 604 21.92 5.73 -48.04
N ASN C 605 22.52 6.20 -49.13
CA ASN C 605 21.91 6.11 -50.47
C ASN C 605 21.81 4.65 -50.96
N ASP C 606 22.88 3.89 -50.72
CA ASP C 606 22.98 2.46 -51.06
C ASP C 606 21.93 1.64 -50.35
N GLN C 607 21.72 1.92 -49.08
CA GLN C 607 20.75 1.17 -48.32
C GLN C 607 19.35 1.48 -48.82
N LEU C 608 19.08 2.76 -49.03
CA LEU C 608 17.80 3.17 -49.62
C LEU C 608 17.55 2.36 -50.92
N ARG C 609 18.60 2.10 -51.70
CA ARG C 609 18.42 1.38 -52.94
C ARG C 609 18.00 -0.05 -52.61
N ALA C 610 18.87 -0.75 -51.90
CA ALA C 610 18.55 -2.02 -51.31
C ALA C 610 17.11 -2.05 -50.79
N LEU C 611 16.72 -1.00 -50.06
CA LEU C 611 15.43 -1.04 -49.36
C LEU C 611 14.19 -1.07 -50.29
N TYR C 612 14.26 -0.37 -51.42
CA TYR C 612 13.23 -0.41 -52.44
C TYR C 612 13.07 -1.82 -53.06
N SER C 613 14.20 -2.52 -53.24
CA SER C 613 14.21 -3.81 -53.92
C SER C 613 13.56 -4.84 -53.05
N GLN C 614 13.71 -4.68 -51.74
CA GLN C 614 13.09 -5.59 -50.81
C GLN C 614 11.56 -5.39 -50.75
N LEU C 615 11.11 -4.14 -50.61
CA LEU C 615 9.67 -3.84 -50.59
C LEU C 615 9.01 -4.23 -51.91
N ARG C 616 9.73 -4.01 -53.01
CA ARG C 616 9.25 -4.24 -54.37
C ARG C 616 8.19 -5.34 -54.61
N PRO C 617 8.44 -6.58 -54.14
CA PRO C 617 7.36 -7.60 -54.22
C PRO C 617 6.11 -7.38 -53.33
N ASN C 618 6.27 -6.68 -52.21
CA ASN C 618 5.17 -6.52 -51.25
C ASN C 618 4.40 -5.23 -51.48
N ALA C 619 4.84 -4.48 -52.49
CA ALA C 619 4.22 -3.23 -52.91
C ALA C 619 2.70 -3.33 -53.06
N VAL C 620 2.25 -4.20 -53.96
CA VAL C 620 0.83 -4.33 -54.29
C VAL C 620 0.00 -4.87 -53.11
N SER C 621 0.66 -5.68 -52.27
CA SER C 621 0.00 -6.30 -51.13
C SER C 621 0.14 -5.47 -49.85
N LEU C 622 0.66 -4.25 -49.99
CA LEU C 622 0.74 -3.30 -48.87
C LEU C 622 -0.28 -2.20 -49.08
N VAL C 623 -0.65 -2.01 -50.34
CA VAL C 623 -1.77 -1.13 -50.66
C VAL C 623 -3.13 -1.81 -50.35
N ASP C 624 -3.17 -3.13 -50.50
CA ASP C 624 -4.34 -3.89 -50.10
C ASP C 624 -4.52 -3.88 -48.57
N ALA C 625 -3.42 -3.66 -47.87
CA ALA C 625 -3.40 -3.56 -46.40
C ALA C 625 -4.37 -2.54 -45.82
N PHE C 626 -4.81 -1.58 -46.64
CA PHE C 626 -5.70 -0.52 -46.17
C PHE C 626 -7.09 -1.07 -46.05
N ASN C 627 -7.46 -1.86 -47.06
CA ASN C 627 -8.78 -2.45 -47.19
C ASN C 627 -9.74 -1.41 -47.81
N TYR C 628 -9.28 -0.72 -48.84
CA TYR C 628 -10.16 0.19 -49.57
C TYR C 628 -10.92 -0.54 -50.67
N THR C 629 -12.14 -0.09 -50.89
CA THR C 629 -13.01 -0.57 -51.96
C THR C 629 -12.83 0.31 -53.22
N ASP C 630 -13.29 -0.21 -54.36
CA ASP C 630 -13.23 0.48 -55.66
C ASP C 630 -14.20 1.66 -55.77
N HIS C 631 -15.29 1.58 -55.03
CA HIS C 631 -16.28 2.65 -54.88
C HIS C 631 -15.65 3.90 -54.21
N TYR C 632 -14.94 3.67 -53.11
CA TYR C 632 -14.22 4.73 -52.40
C TYR C 632 -13.05 5.33 -53.18
N LEU C 633 -12.10 4.48 -53.60
CA LEU C 633 -10.94 4.88 -54.41
C LEU C 633 -11.32 5.55 -55.75
N GLY C 634 -12.53 5.28 -56.27
CA GLY C 634 -13.06 5.88 -57.50
C GLY C 634 -12.10 6.07 -58.65
N SER C 635 -11.35 5.00 -59.00
CA SER C 635 -10.22 5.06 -59.94
C SER C 635 -10.20 3.91 -60.95
N ILE C 636 -10.47 4.22 -62.21
CA ILE C 636 -10.42 3.22 -63.30
C ILE C 636 -8.96 2.79 -63.64
N LEU C 637 -7.97 3.47 -63.07
CA LEU C 637 -6.52 3.14 -63.18
C LEU C 637 -5.98 2.35 -61.99
N GLY C 638 -6.85 2.15 -60.98
CA GLY C 638 -6.44 1.51 -59.72
C GLY C 638 -7.47 0.57 -59.11
N ARG C 639 -8.15 -0.22 -59.95
CA ARG C 639 -9.07 -1.27 -59.48
C ARG C 639 -8.35 -2.39 -58.76
N TYR C 640 -9.05 -3.09 -57.88
CA TYR C 640 -8.53 -4.27 -57.19
C TYR C 640 -8.08 -5.36 -58.18
N ASP C 641 -8.94 -5.63 -59.17
CA ASP C 641 -8.69 -6.66 -60.20
C ASP C 641 -7.61 -6.30 -61.23
N GLY C 642 -7.38 -5.00 -61.45
CA GLY C 642 -6.34 -4.52 -62.39
C GLY C 642 -6.70 -4.55 -63.86
N ASN C 643 -8.00 -4.55 -64.18
CA ASN C 643 -8.53 -4.47 -65.54
C ASN C 643 -8.61 -3.02 -66.07
N VAL C 644 -7.49 -2.32 -66.02
CA VAL C 644 -7.41 -0.88 -66.24
C VAL C 644 -7.83 -0.40 -67.64
N TYR C 645 -7.31 -1.04 -68.67
CA TYR C 645 -7.45 -0.55 -70.03
C TYR C 645 -8.84 -0.68 -70.67
N PRO C 646 -9.43 -1.89 -70.71
CA PRO C 646 -10.80 -1.92 -71.24
C PRO C 646 -11.74 -0.98 -70.46
N LYS C 647 -11.58 -0.92 -69.14
CA LYS C 647 -12.40 -0.04 -68.31
C LYS C 647 -12.25 1.42 -68.72
N LEU C 648 -11.01 1.84 -69.01
CA LEU C 648 -10.75 3.18 -69.57
C LEU C 648 -11.38 3.41 -70.96
N TYR C 649 -11.16 2.48 -71.89
CA TYR C 649 -11.62 2.63 -73.29
C TYR C 649 -13.08 3.04 -73.38
N GLU C 650 -13.95 2.18 -72.84
CA GLU C 650 -15.39 2.35 -72.96
C GLU C 650 -15.96 3.36 -71.93
N ALA C 651 -15.21 3.62 -70.87
CA ALA C 651 -15.60 4.65 -69.91
C ALA C 651 -15.42 6.04 -70.50
N ALA C 652 -14.52 6.16 -71.47
CA ALA C 652 -14.43 7.35 -72.32
C ALA C 652 -15.74 7.55 -73.08
N TRP C 653 -16.38 6.45 -73.48
CA TRP C 653 -17.67 6.47 -74.19
C TRP C 653 -18.87 6.94 -73.34
N LYS C 654 -18.63 7.12 -72.04
CA LYS C 654 -19.61 7.71 -71.13
C LYS C 654 -19.58 9.24 -71.18
N ASP C 655 -18.48 9.81 -71.67
CA ASP C 655 -18.33 11.24 -71.90
C ASP C 655 -19.41 11.78 -72.85
N PRO C 656 -20.04 12.92 -72.49
CA PRO C 656 -21.17 13.45 -73.24
C PRO C 656 -20.80 13.97 -74.64
N LEU C 657 -19.52 13.96 -75.00
CA LEU C 657 -19.11 14.24 -76.38
C LEU C 657 -19.34 13.03 -77.29
N ASN C 658 -19.46 11.85 -76.68
CA ASN C 658 -19.64 10.60 -77.41
C ASN C 658 -21.08 10.03 -77.35
N LYS C 659 -21.97 10.71 -76.63
CA LYS C 659 -23.40 10.43 -76.72
C LYS C 659 -23.88 10.97 -78.05
N SER C 660 -23.39 12.17 -78.39
CA SER C 660 -23.81 12.88 -79.59
C SER C 660 -23.29 12.29 -80.92
N ASP C 661 -24.21 12.26 -81.88
CA ASP C 661 -23.90 12.05 -83.29
C ASP C 661 -23.21 13.32 -83.78
N ILE C 662 -23.98 14.41 -83.85
CA ILE C 662 -23.48 15.76 -84.22
C ILE C 662 -22.29 16.19 -83.34
N ALA C 663 -21.40 17.02 -83.91
CA ALA C 663 -20.25 17.52 -83.16
C ALA C 663 -20.57 18.70 -82.23
N ASP C 664 -21.75 19.30 -82.40
CA ASP C 664 -22.24 20.46 -81.61
C ASP C 664 -21.35 21.72 -81.69
N GLY C 665 -21.35 22.33 -82.87
CA GLY C 665 -20.53 23.50 -83.17
C GLY C 665 -19.91 23.46 -84.56
N PHE C 666 -19.70 22.24 -85.09
CA PHE C 666 -19.05 22.04 -86.39
C PHE C 666 -19.96 22.37 -87.56
N HIS C 667 -21.26 22.25 -87.34
CA HIS C 667 -22.27 22.46 -88.37
C HIS C 667 -22.00 23.69 -89.24
N GLU C 668 -21.82 24.86 -88.62
CA GLU C 668 -21.69 26.10 -89.37
C GLU C 668 -20.55 27.03 -88.86
N TYR C 669 -19.60 26.46 -88.13
CA TYR C 669 -18.41 27.22 -87.69
C TYR C 669 -17.15 26.81 -88.46
N ILE C 670 -16.72 25.56 -88.26
CA ILE C 670 -15.51 25.05 -88.92
C ILE C 670 -15.77 24.68 -90.38
N ARG C 671 -17.02 24.26 -90.65
CA ARG C 671 -17.48 23.78 -91.99
C ARG C 671 -17.44 24.81 -93.14
N PRO C 672 -17.92 26.07 -92.91
CA PRO C 672 -17.60 27.15 -93.87
C PRO C 672 -16.09 27.44 -93.99
N LEU C 673 -15.35 27.38 -92.87
CA LEU C 673 -13.88 27.42 -92.89
C LEU C 673 -13.27 26.22 -93.65
N LEU C 674 -13.99 25.08 -93.62
CA LEU C 674 -13.58 23.83 -94.28
C LEU C 674 -13.82 23.79 -95.82
N LYS C 675 -15.02 24.21 -96.24
CA LYS C 675 -15.46 24.13 -97.64
C LYS C 675 -15.71 25.51 -98.24
PA FAD D . 17.00 -12.38 10.12
O1A FAD D . 17.14 -11.76 8.75
O2A FAD D . 18.17 -13.26 10.58
O5B FAD D . 16.77 -11.14 11.05
C5B FAD D . 17.07 -11.23 12.42
C4B FAD D . 17.07 -9.77 12.82
O4B FAD D . 18.10 -9.11 12.09
C3B FAD D . 15.77 -9.03 12.47
O3B FAD D . 15.59 -8.12 13.49
C2B FAD D . 16.12 -8.23 11.27
O2B FAD D . 15.36 -7.06 11.21
C1B FAD D . 17.59 -7.95 11.51
N9A FAD D . 18.22 -7.76 10.21
C8A FAD D . 18.60 -8.75 9.35
N7A FAD D . 19.11 -8.12 8.25
C5A FAD D . 19.07 -6.78 8.42
C6A FAD D . 19.48 -5.70 7.64
N6A FAD D . 20.01 -5.92 6.45
N1A FAD D . 19.30 -4.41 8.10
C2A FAD D . 18.73 -4.17 9.33
N3A FAD D . 18.35 -5.23 10.10
C4A FAD D . 18.50 -6.52 9.66
N1 FAD D . 11.00 -20.40 4.97
C2 FAD D . 10.84 -21.24 3.87
O2 FAD D . 11.69 -21.31 2.95
N3 FAD D . 9.65 -21.94 3.77
C4 FAD D . 8.69 -21.85 4.73
O4 FAD D . 7.68 -22.53 4.61
C4X FAD D . 8.87 -21.04 5.84
N5 FAD D . 7.92 -20.97 6.85
C5X FAD D . 8.09 -20.24 7.98
C6 FAD D . 7.10 -20.27 8.91
C7 FAD D . 7.22 -19.52 10.06
C7M FAD D . 6.08 -19.59 11.04
C8 FAD D . 8.39 -18.71 10.24
C8M FAD D . 8.60 -17.88 11.48
C9 FAD D . 9.39 -18.70 9.29
C9A FAD D . 9.26 -19.49 8.13
N10 FAD D . 10.25 -19.54 7.10
C10 FAD D . 10.04 -20.31 5.96
C1' FAD D . 11.52 -18.72 7.14
C2' FAD D . 10.95 -17.31 6.99
O2' FAD D . 10.29 -17.14 5.80
C3' FAD D . 11.88 -16.14 6.92
O3' FAD D . 12.61 -16.13 5.71
C4' FAD D . 12.81 -16.01 8.09
O4' FAD D . 12.07 -16.17 9.30
C5' FAD D . 13.43 -14.61 7.93
O5' FAD D . 13.78 -14.17 9.20
P FAD D . 15.20 -14.54 9.83
O1P FAD D . 14.97 -15.68 10.80
O2P FAD D . 16.13 -14.80 8.64
O3P FAD D . 15.61 -13.11 10.46
PA FAD E . -11.71 -4.10 33.07
O1A FAD E . -11.67 -3.08 34.14
O2A FAD E . -13.03 -4.80 32.94
O5B FAD E . -11.25 -3.37 31.75
C5B FAD E . -11.77 -3.81 30.52
C4B FAD E . -11.42 -2.75 29.47
O4B FAD E . -12.17 -1.60 29.75
C3B FAD E . -9.96 -2.32 29.56
O3B FAD E . -9.61 -1.97 28.29
C2B FAD E . -9.97 -1.11 30.46
O2B FAD E . -9.00 -0.16 30.19
C1B FAD E . -11.31 -0.53 30.05
N9A FAD E . -11.88 0.23 31.14
C8A FAD E . -12.37 -0.25 32.32
N7A FAD E . -12.74 0.81 33.05
C5A FAD E . -12.50 1.94 32.36
C6A FAD E . -12.74 3.29 32.62
N6A FAD E . -13.29 3.68 33.78
N1A FAD E . -12.38 4.22 31.67
C2A FAD E . -11.78 3.83 30.50
N3A FAD E . -11.58 2.50 30.25
C4A FAD E . -11.93 1.58 31.15
N1 FAD E . -7.64 -11.06 40.92
C2 FAD E . -7.63 -11.39 42.27
O2 FAD E . -8.48 -10.88 43.00
N3 FAD E . -6.68 -12.27 42.79
C4 FAD E . -5.74 -12.83 41.94
O4 FAD E . -4.92 -13.63 42.37
C4X FAD E . -5.74 -12.50 40.57
N5 FAD E . -4.81 -13.07 39.69
C5X FAD E . -4.87 -12.72 38.36
C6 FAD E . -3.97 -13.31 37.51
C7 FAD E . -4.05 -13.03 36.18
C7M FAD E . -3.01 -13.71 35.35
C8 FAD E . -5.00 -12.12 35.66
C8M FAD E . -5.10 -11.73 34.21
C9 FAD E . -5.89 -11.53 36.53
C9A FAD E . -5.82 -11.84 37.88
N10 FAD E . -6.72 -11.28 38.79
C10 FAD E . -6.69 -11.61 40.09
C1' FAD E . -7.77 -10.29 38.37
C2' FAD E . -6.91 -9.06 38.05
O2' FAD E . -6.24 -8.66 39.19
C3' FAD E . -7.61 -7.79 37.59
O3' FAD E . -8.39 -7.21 38.61
C4' FAD E . -8.39 -7.96 36.32
O4' FAD E . -7.49 -8.36 35.27
C5' FAD E . -8.97 -6.60 36.10
O5' FAD E . -9.24 -6.69 34.72
P FAD E . -10.68 -6.51 34.10
O1P FAD E . -11.02 -7.69 33.28
O2P FAD E . -11.73 -6.09 35.11
O3P FAD E . -10.48 -5.15 33.27
PA FAD F . -2.81 34.33 -45.35
O1A FAD F . -2.43 34.78 -43.96
O2A FAD F . -3.53 35.38 -46.16
O5B FAD F . -1.52 33.82 -46.17
C5B FAD F . -1.12 34.39 -47.39
C4B FAD F . 0.39 34.28 -47.41
O4B FAD F . 0.95 35.10 -46.37
C3B FAD F . 0.81 32.82 -47.17
O3B FAD F . 1.62 32.34 -48.25
C2B FAD F . 1.52 32.83 -45.81
O2B FAD F . 2.67 32.00 -45.70
C1B FAD F . 1.83 34.32 -45.55
N9A FAD F . 1.73 34.69 -44.11
C8A FAD F . 0.58 34.81 -43.37
N7A FAD F . 0.91 35.16 -42.10
C5A FAD F . 2.27 35.25 -42.01
C6A FAD F . 3.13 35.58 -40.95
N6A FAD F . 2.63 35.86 -39.73
N1A FAD F . 4.51 35.59 -41.14
C2A FAD F . 5.02 35.28 -42.41
N3A FAD F . 4.16 34.96 -43.48
C4A FAD F . 2.80 34.95 -43.28
N1 FAD F . -12.58 29.21 -42.59
C2 FAD F . -13.59 29.05 -41.64
O2 FAD F . -13.64 29.83 -40.69
N3 FAD F . -14.51 28.03 -41.78
C4 FAD F . -14.45 27.17 -42.87
O4 FAD F . -15.27 26.26 -43.02
C4X FAD F . -13.45 27.32 -43.82
N5 FAD F . -13.37 26.45 -44.91
C5X FAD F . -12.37 26.63 -45.85
C6 FAD F . -12.30 25.76 -46.94
C7 FAD F . -11.30 25.93 -47.90
C7M FAD F . -11.26 24.98 -49.06
C8 FAD F . -10.36 26.97 -47.75
C8M FAD F . -9.24 27.18 -48.73
C9 FAD F . -10.43 27.82 -46.66
C9A FAD F . -11.43 27.66 -45.69
N10 FAD F . -11.51 28.52 -44.61
C10 FAD F . -12.51 28.35 -43.67
C1' FAD F . -10.51 29.62 -44.39
C2' FAD F . -9.43 28.88 -43.57
O2' FAD F . -9.99 28.32 -42.40
C3' FAD F . -8.25 29.75 -43.16
O3' FAD F . -8.61 30.47 -42.00
C4' FAD F . -7.78 30.68 -44.28
O4' FAD F . -7.47 29.94 -45.45
C5' FAD F . -6.58 31.49 -43.86
O5' FAD F . -5.85 31.69 -45.05
P FAD F . -5.29 33.13 -45.47
O1P FAD F . -5.48 33.48 -46.93
O2P FAD F . -5.86 34.13 -44.49
O3P FAD F . -3.73 33.01 -45.18
#